data_3RJN
# 
_entry.id   3RJN 
# 
_audit_conform.dict_name       mmcif_pdbx.dic 
_audit_conform.dict_version    5.387 
_audit_conform.dict_location   http://mmcif.pdb.org/dictionaries/ascii/mmcif_pdbx.dic 
# 
loop_
_database_2.database_id 
_database_2.database_code 
_database_2.pdbx_database_accession 
_database_2.pdbx_DOI 
PDB   3RJN         pdb_00003rjn 10.2210/pdb3rjn/pdb 
RCSB  RCSB065013   ?            ?                   
WWPDB D_1000065013 ?            ?                   
# 
loop_
_pdbx_audit_revision_history.ordinal 
_pdbx_audit_revision_history.data_content_type 
_pdbx_audit_revision_history.major_revision 
_pdbx_audit_revision_history.minor_revision 
_pdbx_audit_revision_history.revision_date 
1 'Structure model' 1 0 2012-05-09 
2 'Structure model' 1 1 2024-02-28 
# 
_pdbx_audit_revision_details.ordinal             1 
_pdbx_audit_revision_details.revision_ordinal    1 
_pdbx_audit_revision_details.data_content_type   'Structure model' 
_pdbx_audit_revision_details.provider            repository 
_pdbx_audit_revision_details.type                'Initial release' 
_pdbx_audit_revision_details.description         ? 
_pdbx_audit_revision_details.details             ? 
# 
loop_
_pdbx_audit_revision_group.ordinal 
_pdbx_audit_revision_group.revision_ordinal 
_pdbx_audit_revision_group.data_content_type 
_pdbx_audit_revision_group.group 
1 2 'Structure model' 'Data collection'      
2 2 'Structure model' 'Database references'  
3 2 'Structure model' 'Derived calculations' 
# 
loop_
_pdbx_audit_revision_category.ordinal 
_pdbx_audit_revision_category.revision_ordinal 
_pdbx_audit_revision_category.data_content_type 
_pdbx_audit_revision_category.category 
1 2 'Structure model' chem_comp_atom     
2 2 'Structure model' chem_comp_bond     
3 2 'Structure model' database_2         
4 2 'Structure model' struct_ref_seq_dif 
5 2 'Structure model' struct_site        
# 
loop_
_pdbx_audit_revision_item.ordinal 
_pdbx_audit_revision_item.revision_ordinal 
_pdbx_audit_revision_item.data_content_type 
_pdbx_audit_revision_item.item 
1 2 'Structure model' '_database_2.pdbx_DOI'                
2 2 'Structure model' '_database_2.pdbx_database_accession' 
3 2 'Structure model' '_struct_ref_seq_dif.details'         
4 2 'Structure model' '_struct_site.pdbx_auth_asym_id'      
5 2 'Structure model' '_struct_site.pdbx_auth_comp_id'      
6 2 'Structure model' '_struct_site.pdbx_auth_seq_id'       
# 
_pdbx_database_status.status_code                     REL 
_pdbx_database_status.entry_id                        3RJN 
_pdbx_database_status.recvd_initial_deposition_date   2011-04-15 
_pdbx_database_status.deposit_site                    RCSB 
_pdbx_database_status.process_site                    RCSB 
_pdbx_database_status.status_code_sf                  REL 
_pdbx_database_status.status_code_mr                  ? 
_pdbx_database_status.SG_entry                        ? 
_pdbx_database_status.status_code_cs                  ? 
_pdbx_database_status.methods_development_category    ? 
_pdbx_database_status.pdb_format_compatible           Y 
_pdbx_database_status.status_code_nmr_data            ? 
# 
loop_
_pdbx_database_related.db_name 
_pdbx_database_related.db_id 
_pdbx_database_related.details 
_pdbx_database_related.content_type 
PDB 2IN4 . unspecified 
PDB 1A6N . unspecified 
PDB 1YMB . unspecified 
PDB 3RJ6 . unspecified 
# 
loop_
_audit_author.name 
_audit_author.pdbx_ordinal 
'Smith, S.M.'      1 
'Rosenzweig, A.C.' 2 
# 
_citation.id                        primary 
_citation.title                     'Horse heart myoglobin: D44K/D60K mutant with zinc (II) -deuteroporphyrin dimethyl ester' 
_citation.journal_abbrev            'To be Published' 
_citation.journal_volume            ? 
_citation.page_first                ? 
_citation.page_last                 ? 
_citation.year                      ? 
_citation.journal_id_ASTM           ? 
_citation.country                   ? 
_citation.journal_id_ISSN           ? 
_citation.journal_id_CSD            0353 
_citation.book_publisher            ? 
_citation.pdbx_database_id_PubMed   ? 
_citation.pdbx_database_id_DOI      ? 
# 
loop_
_citation_author.citation_id 
_citation_author.name 
_citation_author.ordinal 
_citation_author.identifier_ORCID 
primary 'Knutson, A.K.'    1 ? 
primary 'Smith, S.M.'      2 ? 
primary 'Rosenzweig, A.C.' 3 ? 
primary 'Hoffman, B.M.'    4 ? 
# 
loop_
_entity.id 
_entity.type 
_entity.src_method 
_entity.pdbx_description 
_entity.formula_weight 
_entity.pdbx_number_of_molecules 
_entity.pdbx_ec 
_entity.pdbx_mutation 
_entity.pdbx_fragment 
_entity.details 
1 polymer     man Myoglobin                                 17011.699 1  ? 'D44K, D60K' ? ? 
2 non-polymer syn 'SULFATE ION'                             96.063    2  ? ?            ? ? 
3 non-polymer syn 'ZINC(II)-DEUTEROPORPHYRIN DIMETHYLESTER' 604.046   1  ? ?            ? ? 
4 water       nat water                                     18.015    62 ? ?            ? ? 
# 
_entity_poly.entity_id                      1 
_entity_poly.type                           'polypeptide(L)' 
_entity_poly.nstd_linkage                   no 
_entity_poly.nstd_monomer                   no 
_entity_poly.pdbx_seq_one_letter_code       
;GLSDGEWQQVLNVWGKVEADIAGHGQEVLIRLFTGHPETLEKFKKFKHLKTEAEMKASEKLKKHGTVVLTALGGILKKKG
HHEAELKPLAQSHATKHKIPIKYLEFISDAIIHVLHSKHPGDFGADAQGAMTKALELFRNDIAAKYKELGFQG
;
_entity_poly.pdbx_seq_one_letter_code_can   
;GLSDGEWQQVLNVWGKVEADIAGHGQEVLIRLFTGHPETLEKFKKFKHLKTEAEMKASEKLKKHGTVVLTALGGILKKKG
HHEAELKPLAQSHATKHKIPIKYLEFISDAIIHVLHSKHPGDFGADAQGAMTKALELFRNDIAAKYKELGFQG
;
_entity_poly.pdbx_strand_id                 B 
_entity_poly.pdbx_target_identifier         ? 
# 
loop_
_pdbx_entity_nonpoly.entity_id 
_pdbx_entity_nonpoly.name 
_pdbx_entity_nonpoly.comp_id 
2 'SULFATE ION'                             SO4 
3 'ZINC(II)-DEUTEROPORPHYRIN DIMETHYLESTER' HE5 
4 water                                     HOH 
# 
loop_
_entity_poly_seq.entity_id 
_entity_poly_seq.num 
_entity_poly_seq.mon_id 
_entity_poly_seq.hetero 
1 1   GLY n 
1 2   LEU n 
1 3   SER n 
1 4   ASP n 
1 5   GLY n 
1 6   GLU n 
1 7   TRP n 
1 8   GLN n 
1 9   GLN n 
1 10  VAL n 
1 11  LEU n 
1 12  ASN n 
1 13  VAL n 
1 14  TRP n 
1 15  GLY n 
1 16  LYS n 
1 17  VAL n 
1 18  GLU n 
1 19  ALA n 
1 20  ASP n 
1 21  ILE n 
1 22  ALA n 
1 23  GLY n 
1 24  HIS n 
1 25  GLY n 
1 26  GLN n 
1 27  GLU n 
1 28  VAL n 
1 29  LEU n 
1 30  ILE n 
1 31  ARG n 
1 32  LEU n 
1 33  PHE n 
1 34  THR n 
1 35  GLY n 
1 36  HIS n 
1 37  PRO n 
1 38  GLU n 
1 39  THR n 
1 40  LEU n 
1 41  GLU n 
1 42  LYS n 
1 43  PHE n 
1 44  LYS n 
1 45  LYS n 
1 46  PHE n 
1 47  LYS n 
1 48  HIS n 
1 49  LEU n 
1 50  LYS n 
1 51  THR n 
1 52  GLU n 
1 53  ALA n 
1 54  GLU n 
1 55  MET n 
1 56  LYS n 
1 57  ALA n 
1 58  SER n 
1 59  GLU n 
1 60  LYS n 
1 61  LEU n 
1 62  LYS n 
1 63  LYS n 
1 64  HIS n 
1 65  GLY n 
1 66  THR n 
1 67  VAL n 
1 68  VAL n 
1 69  LEU n 
1 70  THR n 
1 71  ALA n 
1 72  LEU n 
1 73  GLY n 
1 74  GLY n 
1 75  ILE n 
1 76  LEU n 
1 77  LYS n 
1 78  LYS n 
1 79  LYS n 
1 80  GLY n 
1 81  HIS n 
1 82  HIS n 
1 83  GLU n 
1 84  ALA n 
1 85  GLU n 
1 86  LEU n 
1 87  LYS n 
1 88  PRO n 
1 89  LEU n 
1 90  ALA n 
1 91  GLN n 
1 92  SER n 
1 93  HIS n 
1 94  ALA n 
1 95  THR n 
1 96  LYS n 
1 97  HIS n 
1 98  LYS n 
1 99  ILE n 
1 100 PRO n 
1 101 ILE n 
1 102 LYS n 
1 103 TYR n 
1 104 LEU n 
1 105 GLU n 
1 106 PHE n 
1 107 ILE n 
1 108 SER n 
1 109 ASP n 
1 110 ALA n 
1 111 ILE n 
1 112 ILE n 
1 113 HIS n 
1 114 VAL n 
1 115 LEU n 
1 116 HIS n 
1 117 SER n 
1 118 LYS n 
1 119 HIS n 
1 120 PRO n 
1 121 GLY n 
1 122 ASP n 
1 123 PHE n 
1 124 GLY n 
1 125 ALA n 
1 126 ASP n 
1 127 ALA n 
1 128 GLN n 
1 129 GLY n 
1 130 ALA n 
1 131 MET n 
1 132 THR n 
1 133 LYS n 
1 134 ALA n 
1 135 LEU n 
1 136 GLU n 
1 137 LEU n 
1 138 PHE n 
1 139 ARG n 
1 140 ASN n 
1 141 ASP n 
1 142 ILE n 
1 143 ALA n 
1 144 ALA n 
1 145 LYS n 
1 146 TYR n 
1 147 LYS n 
1 148 GLU n 
1 149 LEU n 
1 150 GLY n 
1 151 PHE n 
1 152 GLN n 
1 153 GLY n 
# 
_entity_src_gen.entity_id                          1 
_entity_src_gen.pdbx_src_id                        1 
_entity_src_gen.pdbx_alt_source_flag               sample 
_entity_src_gen.pdbx_seq_type                      ? 
_entity_src_gen.pdbx_beg_seq_num                   ? 
_entity_src_gen.pdbx_end_seq_num                   ? 
_entity_src_gen.gene_src_common_name               'domestic horse' 
_entity_src_gen.gene_src_genus                     ? 
_entity_src_gen.pdbx_gene_src_gene                 MB 
_entity_src_gen.gene_src_species                   ? 
_entity_src_gen.gene_src_strain                    ? 
_entity_src_gen.gene_src_tissue                    ? 
_entity_src_gen.gene_src_tissue_fraction           ? 
_entity_src_gen.gene_src_details                   ? 
_entity_src_gen.pdbx_gene_src_fragment             ? 
_entity_src_gen.pdbx_gene_src_scientific_name      'Equus caballus' 
_entity_src_gen.pdbx_gene_src_ncbi_taxonomy_id     9796 
_entity_src_gen.pdbx_gene_src_variant              ? 
_entity_src_gen.pdbx_gene_src_cell_line            ? 
_entity_src_gen.pdbx_gene_src_atcc                 ? 
_entity_src_gen.pdbx_gene_src_organ                ? 
_entity_src_gen.pdbx_gene_src_organelle            ? 
_entity_src_gen.pdbx_gene_src_cell                 ? 
_entity_src_gen.pdbx_gene_src_cellular_location    ? 
_entity_src_gen.host_org_common_name               ? 
_entity_src_gen.pdbx_host_org_scientific_name      'Escherichia coli' 
_entity_src_gen.pdbx_host_org_ncbi_taxonomy_id     562 
_entity_src_gen.host_org_genus                     ? 
_entity_src_gen.pdbx_host_org_gene                 ? 
_entity_src_gen.pdbx_host_org_organ                ? 
_entity_src_gen.host_org_species                   ? 
_entity_src_gen.pdbx_host_org_tissue               ? 
_entity_src_gen.pdbx_host_org_tissue_fraction      ? 
_entity_src_gen.pdbx_host_org_strain               ? 
_entity_src_gen.pdbx_host_org_variant              ? 
_entity_src_gen.pdbx_host_org_cell_line            ? 
_entity_src_gen.pdbx_host_org_atcc                 ? 
_entity_src_gen.pdbx_host_org_culture_collection   ? 
_entity_src_gen.pdbx_host_org_cell                 ? 
_entity_src_gen.pdbx_host_org_organelle            ? 
_entity_src_gen.pdbx_host_org_cellular_location    ? 
_entity_src_gen.pdbx_host_org_vector_type          ? 
_entity_src_gen.pdbx_host_org_vector               ? 
_entity_src_gen.host_org_details                   ? 
_entity_src_gen.expression_system_id               ? 
_entity_src_gen.plasmid_name                       ? 
_entity_src_gen.plasmid_details                    ? 
_entity_src_gen.pdbx_description                   ? 
# 
loop_
_chem_comp.id 
_chem_comp.type 
_chem_comp.mon_nstd_flag 
_chem_comp.name 
_chem_comp.pdbx_synonyms 
_chem_comp.formula 
_chem_comp.formula_weight 
ALA 'L-peptide linking' y ALANINE                                   ?       'C3 H7 N O2'       89.093  
ARG 'L-peptide linking' y ARGININE                                  ?       'C6 H15 N4 O2 1'   175.209 
ASN 'L-peptide linking' y ASPARAGINE                                ?       'C4 H8 N2 O3'      132.118 
ASP 'L-peptide linking' y 'ASPARTIC ACID'                           ?       'C4 H7 N O4'       133.103 
GLN 'L-peptide linking' y GLUTAMINE                                 ?       'C5 H10 N2 O3'     146.144 
GLU 'L-peptide linking' y 'GLUTAMIC ACID'                           ?       'C5 H9 N O4'       147.129 
GLY 'peptide linking'   y GLYCINE                                   ?       'C2 H5 N O2'       75.067  
HE5 non-polymer         . 'ZINC(II)-DEUTEROPORPHYRIN DIMETHYLESTER' ZND-DME 'C32 H34 N4 O4 Zn' 604.046 
HIS 'L-peptide linking' y HISTIDINE                                 ?       'C6 H10 N3 O2 1'   156.162 
HOH non-polymer         . WATER                                     ?       'H2 O'             18.015  
ILE 'L-peptide linking' y ISOLEUCINE                                ?       'C6 H13 N O2'      131.173 
LEU 'L-peptide linking' y LEUCINE                                   ?       'C6 H13 N O2'      131.173 
LYS 'L-peptide linking' y LYSINE                                    ?       'C6 H15 N2 O2 1'   147.195 
MET 'L-peptide linking' y METHIONINE                                ?       'C5 H11 N O2 S'    149.211 
PHE 'L-peptide linking' y PHENYLALANINE                             ?       'C9 H11 N O2'      165.189 
PRO 'L-peptide linking' y PROLINE                                   ?       'C5 H9 N O2'       115.130 
SER 'L-peptide linking' y SERINE                                    ?       'C3 H7 N O3'       105.093 
SO4 non-polymer         . 'SULFATE ION'                             ?       'O4 S -2'          96.063  
THR 'L-peptide linking' y THREONINE                                 ?       'C4 H9 N O3'       119.119 
TRP 'L-peptide linking' y TRYPTOPHAN                                ?       'C11 H12 N2 O2'    204.225 
TYR 'L-peptide linking' y TYROSINE                                  ?       'C9 H11 N O3'      181.189 
VAL 'L-peptide linking' y VALINE                                    ?       'C5 H11 N O2'      117.146 
# 
loop_
_pdbx_poly_seq_scheme.asym_id 
_pdbx_poly_seq_scheme.entity_id 
_pdbx_poly_seq_scheme.seq_id 
_pdbx_poly_seq_scheme.mon_id 
_pdbx_poly_seq_scheme.ndb_seq_num 
_pdbx_poly_seq_scheme.pdb_seq_num 
_pdbx_poly_seq_scheme.auth_seq_num 
_pdbx_poly_seq_scheme.pdb_mon_id 
_pdbx_poly_seq_scheme.auth_mon_id 
_pdbx_poly_seq_scheme.pdb_strand_id 
_pdbx_poly_seq_scheme.pdb_ins_code 
_pdbx_poly_seq_scheme.hetero 
A 1 1   GLY 1   1   1   GLY GLY B . n 
A 1 2   LEU 2   2   2   LEU LEU B . n 
A 1 3   SER 3   3   3   SER SER B . n 
A 1 4   ASP 4   4   4   ASP ASP B . n 
A 1 5   GLY 5   5   5   GLY GLY B . n 
A 1 6   GLU 6   6   6   GLU GLU B . n 
A 1 7   TRP 7   7   7   TRP TRP B . n 
A 1 8   GLN 8   8   8   GLN GLN B . n 
A 1 9   GLN 9   9   9   GLN GLN B . n 
A 1 10  VAL 10  10  10  VAL VAL B . n 
A 1 11  LEU 11  11  11  LEU LEU B . n 
A 1 12  ASN 12  12  12  ASN ASN B . n 
A 1 13  VAL 13  13  13  VAL VAL B . n 
A 1 14  TRP 14  14  14  TRP TRP B . n 
A 1 15  GLY 15  15  15  GLY GLY B . n 
A 1 16  LYS 16  16  16  LYS LYS B . n 
A 1 17  VAL 17  17  17  VAL VAL B . n 
A 1 18  GLU 18  18  18  GLU GLU B . n 
A 1 19  ALA 19  19  19  ALA ALA B . n 
A 1 20  ASP 20  20  20  ASP ASP B . n 
A 1 21  ILE 21  21  21  ILE ILE B . n 
A 1 22  ALA 22  22  22  ALA ALA B . n 
A 1 23  GLY 23  23  23  GLY GLY B . n 
A 1 24  HIS 24  24  24  HIS HIS B . n 
A 1 25  GLY 25  25  25  GLY GLY B . n 
A 1 26  GLN 26  26  26  GLN GLN B . n 
A 1 27  GLU 27  27  27  GLU GLU B . n 
A 1 28  VAL 28  28  28  VAL VAL B . n 
A 1 29  LEU 29  29  29  LEU LEU B . n 
A 1 30  ILE 30  30  30  ILE ILE B . n 
A 1 31  ARG 31  31  31  ARG ARG B . n 
A 1 32  LEU 32  32  32  LEU LEU B . n 
A 1 33  PHE 33  33  33  PHE PHE B . n 
A 1 34  THR 34  34  34  THR THR B . n 
A 1 35  GLY 35  35  35  GLY GLY B . n 
A 1 36  HIS 36  36  36  HIS HIS B . n 
A 1 37  PRO 37  37  37  PRO PRO B . n 
A 1 38  GLU 38  38  38  GLU GLU B . n 
A 1 39  THR 39  39  39  THR THR B . n 
A 1 40  LEU 40  40  40  LEU LEU B . n 
A 1 41  GLU 41  41  41  GLU GLU B . n 
A 1 42  LYS 42  42  42  LYS LYS B . n 
A 1 43  PHE 43  43  43  PHE PHE B . n 
A 1 44  LYS 44  44  44  LYS LYS B . n 
A 1 45  LYS 45  45  45  LYS LYS B . n 
A 1 46  PHE 46  46  46  PHE PHE B . n 
A 1 47  LYS 47  47  47  LYS LYS B . n 
A 1 48  HIS 48  48  48  HIS HIS B . n 
A 1 49  LEU 49  49  49  LEU LEU B . n 
A 1 50  LYS 50  50  50  LYS LYS B . n 
A 1 51  THR 51  51  51  THR THR B . n 
A 1 52  GLU 52  52  52  GLU GLU B . n 
A 1 53  ALA 53  53  53  ALA ALA B . n 
A 1 54  GLU 54  54  54  GLU GLU B . n 
A 1 55  MET 55  55  55  MET MET B . n 
A 1 56  LYS 56  56  56  LYS LYS B . n 
A 1 57  ALA 57  57  57  ALA ALA B . n 
A 1 58  SER 58  58  58  SER SER B . n 
A 1 59  GLU 59  59  59  GLU GLU B . n 
A 1 60  LYS 60  60  60  LYS LYS B . n 
A 1 61  LEU 61  61  61  LEU LEU B . n 
A 1 62  LYS 62  62  62  LYS LYS B . n 
A 1 63  LYS 63  63  63  LYS LYS B . n 
A 1 64  HIS 64  64  64  HIS HIS B . n 
A 1 65  GLY 65  65  65  GLY GLY B . n 
A 1 66  THR 66  66  66  THR THR B . n 
A 1 67  VAL 67  67  67  VAL VAL B . n 
A 1 68  VAL 68  68  68  VAL VAL B . n 
A 1 69  LEU 69  69  69  LEU LEU B . n 
A 1 70  THR 70  70  70  THR THR B . n 
A 1 71  ALA 71  71  71  ALA ALA B . n 
A 1 72  LEU 72  72  72  LEU LEU B . n 
A 1 73  GLY 73  73  73  GLY GLY B . n 
A 1 74  GLY 74  74  74  GLY GLY B . n 
A 1 75  ILE 75  75  75  ILE ILE B . n 
A 1 76  LEU 76  76  76  LEU LEU B . n 
A 1 77  LYS 77  77  77  LYS LYS B . n 
A 1 78  LYS 78  78  78  LYS LYS B . n 
A 1 79  LYS 79  79  79  LYS LYS B . n 
A 1 80  GLY 80  80  80  GLY GLY B . n 
A 1 81  HIS 81  81  81  HIS HIS B . n 
A 1 82  HIS 82  82  82  HIS HIS B . n 
A 1 83  GLU 83  83  83  GLU GLU B . n 
A 1 84  ALA 84  84  84  ALA ALA B . n 
A 1 85  GLU 85  85  85  GLU GLU B . n 
A 1 86  LEU 86  86  86  LEU LEU B . n 
A 1 87  LYS 87  87  87  LYS LYS B . n 
A 1 88  PRO 88  88  88  PRO PRO B . n 
A 1 89  LEU 89  89  89  LEU LEU B . n 
A 1 90  ALA 90  90  90  ALA ALA B . n 
A 1 91  GLN 91  91  91  GLN GLN B . n 
A 1 92  SER 92  92  92  SER SER B . n 
A 1 93  HIS 93  93  93  HIS HIS B . n 
A 1 94  ALA 94  94  94  ALA ALA B . n 
A 1 95  THR 95  95  95  THR THR B . n 
A 1 96  LYS 96  96  96  LYS LYS B . n 
A 1 97  HIS 97  97  97  HIS HIS B . n 
A 1 98  LYS 98  98  98  LYS LYS B . n 
A 1 99  ILE 99  99  99  ILE ILE B . n 
A 1 100 PRO 100 100 100 PRO PRO B . n 
A 1 101 ILE 101 101 101 ILE ILE B . n 
A 1 102 LYS 102 102 102 LYS LYS B . n 
A 1 103 TYR 103 103 103 TYR TYR B . n 
A 1 104 LEU 104 104 104 LEU LEU B . n 
A 1 105 GLU 105 105 105 GLU GLU B . n 
A 1 106 PHE 106 106 106 PHE PHE B . n 
A 1 107 ILE 107 107 107 ILE ILE B . n 
A 1 108 SER 108 108 108 SER SER B . n 
A 1 109 ASP 109 109 109 ASP ASP B . n 
A 1 110 ALA 110 110 110 ALA ALA B . n 
A 1 111 ILE 111 111 111 ILE ILE B . n 
A 1 112 ILE 112 112 112 ILE ILE B . n 
A 1 113 HIS 113 113 113 HIS HIS B . n 
A 1 114 VAL 114 114 114 VAL VAL B . n 
A 1 115 LEU 115 115 115 LEU LEU B . n 
A 1 116 HIS 116 116 116 HIS HIS B . n 
A 1 117 SER 117 117 117 SER SER B . n 
A 1 118 LYS 118 118 118 LYS LYS B . n 
A 1 119 HIS 119 119 119 HIS HIS B . n 
A 1 120 PRO 120 120 120 PRO PRO B . n 
A 1 121 GLY 121 121 121 GLY GLY B . n 
A 1 122 ASP 122 122 122 ASP ASP B . n 
A 1 123 PHE 123 123 123 PHE PHE B . n 
A 1 124 GLY 124 124 124 GLY GLY B . n 
A 1 125 ALA 125 125 125 ALA ALA B . n 
A 1 126 ASP 126 126 126 ASP ASP B . n 
A 1 127 ALA 127 127 127 ALA ALA B . n 
A 1 128 GLN 128 128 128 GLN GLN B . n 
A 1 129 GLY 129 129 129 GLY GLY B . n 
A 1 130 ALA 130 130 130 ALA ALA B . n 
A 1 131 MET 131 131 131 MET MET B . n 
A 1 132 THR 132 132 132 THR THR B . n 
A 1 133 LYS 133 133 133 LYS LYS B . n 
A 1 134 ALA 134 134 134 ALA ALA B . n 
A 1 135 LEU 135 135 135 LEU LEU B . n 
A 1 136 GLU 136 136 136 GLU GLU B . n 
A 1 137 LEU 137 137 137 LEU LEU B . n 
A 1 138 PHE 138 138 138 PHE PHE B . n 
A 1 139 ARG 139 139 139 ARG ARG B . n 
A 1 140 ASN 140 140 140 ASN ASN B . n 
A 1 141 ASP 141 141 141 ASP ASP B . n 
A 1 142 ILE 142 142 142 ILE ILE B . n 
A 1 143 ALA 143 143 143 ALA ALA B . n 
A 1 144 ALA 144 144 144 ALA ALA B . n 
A 1 145 LYS 145 145 145 LYS LYS B . n 
A 1 146 TYR 146 146 146 TYR TYR B . n 
A 1 147 LYS 147 147 147 LYS LYS B . n 
A 1 148 GLU 148 148 148 GLU GLU B . n 
A 1 149 LEU 149 149 149 LEU LEU B . n 
A 1 150 GLY 150 150 150 GLY GLY B . n 
A 1 151 PHE 151 151 151 PHE PHE B . n 
A 1 152 GLN 152 152 152 GLN GLN B . n 
A 1 153 GLY 153 153 153 GLY GLY B . n 
# 
loop_
_pdbx_nonpoly_scheme.asym_id 
_pdbx_nonpoly_scheme.entity_id 
_pdbx_nonpoly_scheme.mon_id 
_pdbx_nonpoly_scheme.ndb_seq_num 
_pdbx_nonpoly_scheme.pdb_seq_num 
_pdbx_nonpoly_scheme.auth_seq_num 
_pdbx_nonpoly_scheme.pdb_mon_id 
_pdbx_nonpoly_scheme.auth_mon_id 
_pdbx_nonpoly_scheme.pdb_strand_id 
_pdbx_nonpoly_scheme.pdb_ins_code 
B 2 SO4 1  202 202 SO4 SO4 B . 
C 3 HE5 1  201 201 HE5 HE5 B . 
D 2 SO4 1  154 1   SO4 SO4 B . 
E 4 HOH 1  155 2   HOH HOH B . 
E 4 HOH 2  156 3   HOH HOH B . 
E 4 HOH 3  157 4   HOH HOH B . 
E 4 HOH 4  158 5   HOH HOH B . 
E 4 HOH 5  159 6   HOH HOH B . 
E 4 HOH 6  160 7   HOH HOH B . 
E 4 HOH 7  161 8   HOH HOH B . 
E 4 HOH 8  162 9   HOH HOH B . 
E 4 HOH 9  163 10  HOH HOH B . 
E 4 HOH 10 164 11  HOH HOH B . 
E 4 HOH 11 165 12  HOH HOH B . 
E 4 HOH 12 166 13  HOH HOH B . 
E 4 HOH 13 167 14  HOH HOH B . 
E 4 HOH 14 168 15  HOH HOH B . 
E 4 HOH 15 169 16  HOH HOH B . 
E 4 HOH 16 170 17  HOH HOH B . 
E 4 HOH 17 171 18  HOH HOH B . 
E 4 HOH 18 172 19  HOH HOH B . 
E 4 HOH 19 173 20  HOH HOH B . 
E 4 HOH 20 174 21  HOH HOH B . 
E 4 HOH 21 175 22  HOH HOH B . 
E 4 HOH 22 176 23  HOH HOH B . 
E 4 HOH 23 177 24  HOH HOH B . 
E 4 HOH 24 178 25  HOH HOH B . 
E 4 HOH 25 179 26  HOH HOH B . 
E 4 HOH 26 180 27  HOH HOH B . 
E 4 HOH 27 181 28  HOH HOH B . 
E 4 HOH 28 182 29  HOH HOH B . 
E 4 HOH 29 183 30  HOH HOH B . 
E 4 HOH 30 184 31  HOH HOH B . 
E 4 HOH 31 185 32  HOH HOH B . 
E 4 HOH 32 186 33  HOH HOH B . 
E 4 HOH 33 187 34  HOH HOH B . 
E 4 HOH 34 188 35  HOH HOH B . 
E 4 HOH 35 189 36  HOH HOH B . 
E 4 HOH 36 190 37  HOH HOH B . 
E 4 HOH 37 191 38  HOH HOH B . 
E 4 HOH 38 192 39  HOH HOH B . 
E 4 HOH 39 193 40  HOH HOH B . 
E 4 HOH 40 194 41  HOH HOH B . 
E 4 HOH 41 195 42  HOH HOH B . 
E 4 HOH 42 196 43  HOH HOH B . 
E 4 HOH 43 197 44  HOH HOH B . 
E 4 HOH 44 198 45  HOH HOH B . 
E 4 HOH 45 199 46  HOH HOH B . 
E 4 HOH 46 200 47  HOH HOH B . 
E 4 HOH 47 203 48  HOH HOH B . 
E 4 HOH 48 204 49  HOH HOH B . 
E 4 HOH 49 205 50  HOH HOH B . 
E 4 HOH 50 206 51  HOH HOH B . 
E 4 HOH 51 207 52  HOH HOH B . 
E 4 HOH 52 208 53  HOH HOH B . 
E 4 HOH 53 209 54  HOH HOH B . 
E 4 HOH 54 210 55  HOH HOH B . 
E 4 HOH 55 211 56  HOH HOH B . 
E 4 HOH 56 212 57  HOH HOH B . 
E 4 HOH 57 213 58  HOH HOH B . 
E 4 HOH 58 214 59  HOH HOH B . 
E 4 HOH 59 215 60  HOH HOH B . 
E 4 HOH 60 216 61  HOH HOH B . 
E 4 HOH 61 217 62  HOH HOH B . 
E 4 HOH 62 218 63  HOH HOH B . 
# 
_pdbx_unobs_or_zero_occ_atoms.id               1 
_pdbx_unobs_or_zero_occ_atoms.PDB_model_num    1 
_pdbx_unobs_or_zero_occ_atoms.polymer_flag     Y 
_pdbx_unobs_or_zero_occ_atoms.occupancy_flag   1 
_pdbx_unobs_or_zero_occ_atoms.auth_asym_id     B 
_pdbx_unobs_or_zero_occ_atoms.auth_comp_id     GLY 
_pdbx_unobs_or_zero_occ_atoms.auth_seq_id      153 
_pdbx_unobs_or_zero_occ_atoms.PDB_ins_code     ? 
_pdbx_unobs_or_zero_occ_atoms.auth_atom_id     O 
_pdbx_unobs_or_zero_occ_atoms.label_alt_id     ? 
_pdbx_unobs_or_zero_occ_atoms.label_asym_id    A 
_pdbx_unobs_or_zero_occ_atoms.label_comp_id    GLY 
_pdbx_unobs_or_zero_occ_atoms.label_seq_id     153 
_pdbx_unobs_or_zero_occ_atoms.label_atom_id    O 
# 
loop_
_software.name 
_software.classification 
_software.version 
_software.citation_id 
_software.pdbx_ordinal 
HKL-2000 'data collection' .        ? 1 
PHASER   phasing           .        ? 2 
REFMAC   refinement        5.5.0109 ? 3 
HKL-2000 'data reduction'  .        ? 4 
HKL-2000 'data scaling'    .        ? 5 
# 
_cell.entry_id           3RJN 
_cell.length_a           42.814 
_cell.length_b           30.537 
_cell.length_c           56.674 
_cell.angle_alpha        90.00 
_cell.angle_beta         97.64 
_cell.angle_gamma        90.00 
_cell.Z_PDB              2 
_cell.pdbx_unique_axis   ? 
_cell.length_a_esd       ? 
_cell.length_b_esd       ? 
_cell.length_c_esd       ? 
_cell.angle_alpha_esd    ? 
_cell.angle_beta_esd     ? 
_cell.angle_gamma_esd    ? 
# 
_symmetry.entry_id                         3RJN 
_symmetry.space_group_name_H-M             'P 1 21 1' 
_symmetry.pdbx_full_space_group_name_H-M   ? 
_symmetry.cell_setting                     ? 
_symmetry.Int_Tables_number                4 
_symmetry.space_group_name_Hall            ? 
# 
_exptl.entry_id          3RJN 
_exptl.method            'X-RAY DIFFRACTION' 
_exptl.crystals_number   1 
# 
_exptl_crystal.id                    1 
_exptl_crystal.density_meas          ? 
_exptl_crystal.density_Matthews      2.16 
_exptl_crystal.density_percent_sol   43.01 
_exptl_crystal.description           ? 
_exptl_crystal.F_000                 ? 
_exptl_crystal.preparation           ? 
# 
_exptl_crystal_grow.crystal_id      1 
_exptl_crystal_grow.method          'VAPOR DIFFUSION, HANGING DROP' 
_exptl_crystal_grow.temp            298 
_exptl_crystal_grow.temp_details    ? 
_exptl_crystal_grow.pH              7.0 
_exptl_crystal_grow.pdbx_details    '3.3 M ammonium sulfate, 0.1 M TRIS, pH 7.0, VAPOR DIFFUSION, HANGING DROP, temperature 298K' 
_exptl_crystal_grow.pdbx_pH_range   ? 
# 
_diffrn.id                     1 
_diffrn.ambient_temp           110 
_diffrn.ambient_temp_details   ? 
_diffrn.crystal_id             1 
# 
_diffrn_detector.diffrn_id              1 
_diffrn_detector.detector               'IMAGE PLATE' 
_diffrn_detector.type                   'MAR scanner 300 mm plate' 
_diffrn_detector.pdbx_collection_date   2008-07-13 
_diffrn_detector.details                ? 
# 
_diffrn_radiation.diffrn_id                        1 
_diffrn_radiation.wavelength_id                    1 
_diffrn_radiation.pdbx_monochromatic_or_laue_m_l   M 
_diffrn_radiation.monochromator                    ? 
_diffrn_radiation.pdbx_diffrn_protocol             'SINGLE WAVELENGTH' 
_diffrn_radiation.pdbx_scattering_type             x-ray 
# 
_diffrn_radiation_wavelength.id           1 
_diffrn_radiation_wavelength.wavelength   0.97856 
_diffrn_radiation_wavelength.wt           1.0 
# 
_diffrn_source.diffrn_id                   1 
_diffrn_source.source                      SYNCHROTRON 
_diffrn_source.type                        'APS BEAMLINE 21-ID-G' 
_diffrn_source.pdbx_synchrotron_site       APS 
_diffrn_source.pdbx_synchrotron_beamline   21-ID-G 
_diffrn_source.pdbx_wavelength             ? 
_diffrn_source.pdbx_wavelength_list        0.97856 
# 
_reflns.entry_id                     3RJN 
_reflns.observed_criterion_sigma_I   -3 
_reflns.observed_criterion_sigma_F   0 
_reflns.d_resolution_low             56.17 
_reflns.d_resolution_high            1.90 
_reflns.number_obs                   11154 
_reflns.number_all                   11189 
_reflns.percent_possible_obs         99.69 
_reflns.pdbx_Rmerge_I_obs            ? 
_reflns.pdbx_Rsym_value              ? 
_reflns.pdbx_netI_over_sigmaI        ? 
_reflns.B_iso_Wilson_estimate        ? 
_reflns.pdbx_redundancy              3.6 
_reflns.R_free_details               ? 
_reflns.limit_h_max                  ? 
_reflns.limit_h_min                  ? 
_reflns.limit_k_max                  ? 
_reflns.limit_k_min                  ? 
_reflns.limit_l_max                  ? 
_reflns.limit_l_min                  ? 
_reflns.observed_criterion_F_max     ? 
_reflns.observed_criterion_F_min     ? 
_reflns.pdbx_chi_squared             ? 
_reflns.pdbx_scaling_rejects         ? 
_reflns.pdbx_ordinal                 1 
_reflns.pdbx_diffrn_id               1 
# 
_reflns_shell.d_res_high             1.90 
_reflns_shell.d_res_low              1.948 
_reflns_shell.percent_possible_all   98.84 
_reflns_shell.Rmerge_I_obs           ? 
_reflns_shell.pdbx_Rsym_value        ? 
_reflns_shell.meanI_over_sigI_obs    ? 
_reflns_shell.pdbx_redundancy        ? 
_reflns_shell.percent_possible_obs   ? 
_reflns_shell.number_unique_all      ? 
_reflns_shell.number_measured_all    ? 
_reflns_shell.number_measured_obs    ? 
_reflns_shell.number_unique_obs      ? 
_reflns_shell.pdbx_chi_squared       ? 
_reflns_shell.pdbx_ordinal           1 
_reflns_shell.pdbx_diffrn_id         1 
# 
_refine.entry_id                                 3RJN 
_refine.ls_number_reflns_obs                     11154 
_refine.ls_number_reflns_all                     11189 
_refine.pdbx_ls_sigma_I                          ? 
_refine.pdbx_ls_sigma_F                          0 
_refine.pdbx_data_cutoff_high_absF               ? 
_refine.pdbx_data_cutoff_low_absF                ? 
_refine.pdbx_data_cutoff_high_rms_absF           ? 
_refine.ls_d_res_low                             56.17 
_refine.ls_d_res_high                            1.90 
_refine.ls_percent_reflns_obs                    99.69 
_refine.ls_R_factor_obs                          0.17743 
_refine.ls_R_factor_all                          ? 
_refine.ls_R_factor_R_work                       0.17510 
_refine.ls_R_factor_R_free                       0.22769 
_refine.ls_R_factor_R_free_error                 ? 
_refine.ls_R_factor_R_free_error_details         ? 
_refine.ls_percent_reflns_R_free                 4.7 
_refine.ls_number_reflns_R_free                  556 
_refine.ls_number_parameters                     ? 
_refine.ls_number_restraints                     ? 
_refine.occupancy_min                            ? 
_refine.occupancy_max                            ? 
_refine.correlation_coeff_Fo_to_Fc               0.953 
_refine.correlation_coeff_Fo_to_Fc_free          0.927 
_refine.B_iso_mean                               18.087 
_refine.aniso_B[1][1]                            -0.32 
_refine.aniso_B[2][2]                            0.92 
_refine.aniso_B[3][3]                            -0.58 
_refine.aniso_B[1][2]                            0.00 
_refine.aniso_B[1][3]                            0.08 
_refine.aniso_B[2][3]                            0.00 
_refine.solvent_model_details                    MASK 
_refine.solvent_model_param_ksol                 ? 
_refine.solvent_model_param_bsol                 ? 
_refine.pdbx_solvent_vdw_probe_radii             1.40 
_refine.pdbx_solvent_ion_probe_radii             0.80 
_refine.pdbx_solvent_shrinkage_radii             0.80 
_refine.pdbx_ls_cross_valid_method               THROUGHOUT 
_refine.details                                  'HYDROGENS HAVE BEEN ADDED IN THE RIDING POSITIONS' 
_refine.pdbx_starting_model                      ? 
_refine.pdbx_method_to_determine_struct          'MOLECULAR REPLACEMENT' 
_refine.pdbx_isotropic_thermal_model             ? 
_refine.pdbx_stereochemistry_target_values       'MAXIMUM LIKELIHOOD' 
_refine.pdbx_stereochem_target_val_spec_case     ? 
_refine.pdbx_R_Free_selection_details            RANDOM 
_refine.pdbx_overall_ESU_R_Free                  0.154 
_refine.overall_SU_ML                            0.098 
_refine.overall_SU_B                             3.230 
_refine.overall_SU_R_Cruickshank_DPI             ? 
_refine.ls_redundancy_reflns_obs                 ? 
_refine.B_iso_min                                ? 
_refine.B_iso_max                                ? 
_refine.overall_SU_R_free                        ? 
_refine.ls_wR_factor_R_free                      ? 
_refine.ls_wR_factor_R_work                      ? 
_refine.overall_FOM_free_R_set                   ? 
_refine.overall_FOM_work_R_set                   ? 
_refine.pdbx_overall_phase_error                 ? 
_refine.pdbx_refine_id                           'X-RAY DIFFRACTION' 
_refine.pdbx_overall_ESU_R                       ? 
_refine.pdbx_diffrn_id                           1 
_refine.pdbx_TLS_residual_ADP_flag               ? 
_refine.pdbx_overall_SU_R_free_Cruickshank_DPI   ? 
_refine.pdbx_overall_SU_R_Blow_DPI               ? 
_refine.pdbx_overall_SU_R_free_Blow_DPI          ? 
# 
_refine_hist.pdbx_refine_id                   'X-RAY DIFFRACTION' 
_refine_hist.cycle_id                         LAST 
_refine_hist.pdbx_number_atoms_protein        1199 
_refine_hist.pdbx_number_atoms_nucleic_acid   0 
_refine_hist.pdbx_number_atoms_ligand         51 
_refine_hist.number_atoms_solvent             62 
_refine_hist.number_atoms_total               1312 
_refine_hist.d_res_high                       1.90 
_refine_hist.d_res_low                        56.17 
# 
loop_
_refine_ls_restr.type 
_refine_ls_restr.dev_ideal 
_refine_ls_restr.dev_ideal_target 
_refine_ls_restr.weight 
_refine_ls_restr.number 
_refine_ls_restr.pdbx_restraint_function 
_refine_ls_restr.pdbx_refine_id 
r_bond_refined_d             0.024  0.021  ? 1350 ? 'X-RAY DIFFRACTION' 
r_bond_other_d               ?      ?      ? ?    ? 'X-RAY DIFFRACTION' 
r_angle_refined_deg          3.907  2.045  ? 1842 ? 'X-RAY DIFFRACTION' 
r_angle_other_deg            ?      ?      ? ?    ? 'X-RAY DIFFRACTION' 
r_dihedral_angle_1_deg       5.345  5.000  ? 156  ? 'X-RAY DIFFRACTION' 
r_dihedral_angle_2_deg       42.195 25.094 ? 53   ? 'X-RAY DIFFRACTION' 
r_dihedral_angle_3_deg       17.379 15.000 ? 238  ? 'X-RAY DIFFRACTION' 
r_dihedral_angle_4_deg       12.629 15.000 ? 2    ? 'X-RAY DIFFRACTION' 
r_chiral_restr               0.239  0.200  ? 184  ? 'X-RAY DIFFRACTION' 
r_gen_planes_refined         0.014  0.020  ? 1005 ? 'X-RAY DIFFRACTION' 
r_gen_planes_other           ?      ?      ? ?    ? 'X-RAY DIFFRACTION' 
r_nbd_refined                ?      ?      ? ?    ? 'X-RAY DIFFRACTION' 
r_nbd_other                  ?      ?      ? ?    ? 'X-RAY DIFFRACTION' 
r_nbtor_refined              ?      ?      ? ?    ? 'X-RAY DIFFRACTION' 
r_nbtor_other                ?      ?      ? ?    ? 'X-RAY DIFFRACTION' 
r_xyhbond_nbd_refined        ?      ?      ? ?    ? 'X-RAY DIFFRACTION' 
r_xyhbond_nbd_other          ?      ?      ? ?    ? 'X-RAY DIFFRACTION' 
r_metal_ion_refined          ?      ?      ? ?    ? 'X-RAY DIFFRACTION' 
r_metal_ion_other            ?      ?      ? ?    ? 'X-RAY DIFFRACTION' 
r_symmetry_vdw_refined       ?      ?      ? ?    ? 'X-RAY DIFFRACTION' 
r_symmetry_vdw_other         ?      ?      ? ?    ? 'X-RAY DIFFRACTION' 
r_symmetry_hbond_refined     ?      ?      ? ?    ? 'X-RAY DIFFRACTION' 
r_symmetry_hbond_other       ?      ?      ? ?    ? 'X-RAY DIFFRACTION' 
r_symmetry_metal_ion_refined ?      ?      ? ?    ? 'X-RAY DIFFRACTION' 
r_symmetry_metal_ion_other   ?      ?      ? ?    ? 'X-RAY DIFFRACTION' 
r_mcbond_it                  1.277  1.500  ? 765  ? 'X-RAY DIFFRACTION' 
r_mcbond_other               ?      ?      ? ?    ? 'X-RAY DIFFRACTION' 
r_mcangle_it                 2.214  2.000  ? 1218 ? 'X-RAY DIFFRACTION' 
r_scbond_it                  3.665  3.000  ? 585  ? 'X-RAY DIFFRACTION' 
r_scangle_it                 5.643  4.500  ? 624  ? 'X-RAY DIFFRACTION' 
r_rigid_bond_restr           ?      ?      ? ?    ? 'X-RAY DIFFRACTION' 
r_sphericity_free            ?      ?      ? ?    ? 'X-RAY DIFFRACTION' 
r_sphericity_bonded          ?      ?      ? ?    ? 'X-RAY DIFFRACTION' 
# 
_refine_ls_shell.pdbx_total_number_of_bins_used   20 
_refine_ls_shell.d_res_high                       1.90 
_refine_ls_shell.d_res_low                        1.948 
_refine_ls_shell.number_reflns_R_work             804 
_refine_ls_shell.R_factor_R_work                  0.179 
_refine_ls_shell.percent_reflns_obs               98.84 
_refine_ls_shell.R_factor_R_free                  0.251 
_refine_ls_shell.R_factor_R_free_error            ? 
_refine_ls_shell.percent_reflns_R_free            ? 
_refine_ls_shell.number_reflns_R_free             51 
_refine_ls_shell.number_reflns_all                ? 
_refine_ls_shell.R_factor_all                     ? 
_refine_ls_shell.number_reflns_obs                ? 
_refine_ls_shell.redundancy_reflns_obs            ? 
_refine_ls_shell.pdbx_refine_id                   'X-RAY DIFFRACTION' 
# 
_struct.entry_id                  3RJN 
_struct.title                     'Horse heart myoglobin: D44K/D60K mutant with zinc (II) -deuteroporphyrin dimethyl ester' 
_struct.pdbx_model_details        ? 
_struct.pdbx_CASP_flag            ? 
_struct.pdbx_model_type_details   ? 
# 
_struct_keywords.entry_id        3RJN 
_struct_keywords.pdbx_keywords   'OXYGEN TRANSPORT' 
_struct_keywords.text            'Oxygen transport' 
# 
loop_
_struct_asym.id 
_struct_asym.pdbx_blank_PDB_chainid_flag 
_struct_asym.pdbx_modified 
_struct_asym.entity_id 
_struct_asym.details 
A N N 1 ? 
B N N 2 ? 
C N N 3 ? 
D N N 2 ? 
E N N 4 ? 
# 
_struct_ref.id                         1 
_struct_ref.db_name                    UNP 
_struct_ref.db_code                    MYG_HORSE 
_struct_ref.pdbx_db_accession          P68082 
_struct_ref.entity_id                  1 
_struct_ref.pdbx_seq_one_letter_code   
;GLSDGEWQQVLNVWGKVEADIAGHGQEVLIRLFTGHPETLEKFDKFKHLKTEAEMKASEDLKKHGTVVLTALGGILKKKG
HHEAELKPLAQSHATKHKIPIKYLEFISDAIIHVLHSKHPGDFGADAQGAMTKALELFRNDIAAKYKELGFQG
;
_struct_ref.pdbx_align_begin           2 
_struct_ref.pdbx_db_isoform            ? 
# 
_struct_ref_seq.align_id                      1 
_struct_ref_seq.ref_id                        1 
_struct_ref_seq.pdbx_PDB_id_code              3RJN 
_struct_ref_seq.pdbx_strand_id                B 
_struct_ref_seq.seq_align_beg                 1 
_struct_ref_seq.pdbx_seq_align_beg_ins_code   ? 
_struct_ref_seq.seq_align_end                 153 
_struct_ref_seq.pdbx_seq_align_end_ins_code   ? 
_struct_ref_seq.pdbx_db_accession             P68082 
_struct_ref_seq.db_align_beg                  2 
_struct_ref_seq.pdbx_db_align_beg_ins_code    ? 
_struct_ref_seq.db_align_end                  154 
_struct_ref_seq.pdbx_db_align_end_ins_code    ? 
_struct_ref_seq.pdbx_auth_seq_align_beg       1 
_struct_ref_seq.pdbx_auth_seq_align_end       153 
# 
loop_
_struct_ref_seq_dif.align_id 
_struct_ref_seq_dif.pdbx_pdb_id_code 
_struct_ref_seq_dif.mon_id 
_struct_ref_seq_dif.pdbx_pdb_strand_id 
_struct_ref_seq_dif.seq_num 
_struct_ref_seq_dif.pdbx_pdb_ins_code 
_struct_ref_seq_dif.pdbx_seq_db_name 
_struct_ref_seq_dif.pdbx_seq_db_accession_code 
_struct_ref_seq_dif.db_mon_id 
_struct_ref_seq_dif.pdbx_seq_db_seq_num 
_struct_ref_seq_dif.details 
_struct_ref_seq_dif.pdbx_auth_seq_num 
_struct_ref_seq_dif.pdbx_ordinal 
1 3RJN LYS B 44 ? UNP P68082 ASP 45 'engineered mutation' 44 1 
1 3RJN LYS B 60 ? UNP P68082 ASP 61 'engineered mutation' 60 2 
# 
_pdbx_struct_assembly.id                   1 
_pdbx_struct_assembly.details              author_and_software_defined_assembly 
_pdbx_struct_assembly.method_details       PISA 
_pdbx_struct_assembly.oligomeric_details   monomeric 
_pdbx_struct_assembly.oligomeric_count     1 
# 
_pdbx_struct_assembly_gen.assembly_id       1 
_pdbx_struct_assembly_gen.oper_expression   1 
_pdbx_struct_assembly_gen.asym_id_list      A,B,C,D,E 
# 
_pdbx_struct_oper_list.id                   1 
_pdbx_struct_oper_list.type                 'identity operation' 
_pdbx_struct_oper_list.name                 1_555 
_pdbx_struct_oper_list.symmetry_operation   x,y,z 
_pdbx_struct_oper_list.matrix[1][1]         1.0000000000 
_pdbx_struct_oper_list.matrix[1][2]         0.0000000000 
_pdbx_struct_oper_list.matrix[1][3]         0.0000000000 
_pdbx_struct_oper_list.vector[1]            0.0000000000 
_pdbx_struct_oper_list.matrix[2][1]         0.0000000000 
_pdbx_struct_oper_list.matrix[2][2]         1.0000000000 
_pdbx_struct_oper_list.matrix[2][3]         0.0000000000 
_pdbx_struct_oper_list.vector[2]            0.0000000000 
_pdbx_struct_oper_list.matrix[3][1]         0.0000000000 
_pdbx_struct_oper_list.matrix[3][2]         0.0000000000 
_pdbx_struct_oper_list.matrix[3][3]         1.0000000000 
_pdbx_struct_oper_list.vector[3]            0.0000000000 
# 
_struct_biol.id        1 
_struct_biol.details   ? 
# 
loop_
_struct_conf.conf_type_id 
_struct_conf.id 
_struct_conf.pdbx_PDB_helix_id 
_struct_conf.beg_label_comp_id 
_struct_conf.beg_label_asym_id 
_struct_conf.beg_label_seq_id 
_struct_conf.pdbx_beg_PDB_ins_code 
_struct_conf.end_label_comp_id 
_struct_conf.end_label_asym_id 
_struct_conf.end_label_seq_id 
_struct_conf.pdbx_end_PDB_ins_code 
_struct_conf.beg_auth_comp_id 
_struct_conf.beg_auth_asym_id 
_struct_conf.beg_auth_seq_id 
_struct_conf.end_auth_comp_id 
_struct_conf.end_auth_asym_id 
_struct_conf.end_auth_seq_id 
_struct_conf.pdbx_PDB_helix_class 
_struct_conf.details 
_struct_conf.pdbx_PDB_helix_length 
HELX_P HELX_P1 1 SER A 3   ? ALA A 19  ? SER B 3   ALA B 19  1 ? 17 
HELX_P HELX_P2 2 ASP A 20  ? HIS A 36  ? ASP B 20  HIS B 36  1 ? 17 
HELX_P HELX_P3 3 PRO A 37  ? PHE A 43  ? PRO B 37  PHE B 43  5 ? 7  
HELX_P HELX_P4 4 THR A 51  ? ALA A 57  ? THR B 51  ALA B 57  1 ? 7  
HELX_P HELX_P5 5 SER A 58  ? LYS A 78  ? SER B 58  LYS B 78  1 ? 21 
HELX_P HELX_P6 6 HIS A 82  ? LYS A 96  ? HIS B 82  LYS B 96  1 ? 15 
HELX_P HELX_P7 7 PRO A 100 ? HIS A 119 ? PRO B 100 HIS B 119 1 ? 20 
HELX_P HELX_P8 8 PRO A 120 ? PHE A 123 ? PRO B 120 PHE B 123 5 ? 4  
HELX_P HELX_P9 9 GLY A 124 ? LEU A 149 ? GLY B 124 LEU B 149 1 ? 26 
# 
_struct_conf_type.id          HELX_P 
_struct_conf_type.criteria    ? 
_struct_conf_type.reference   ? 
# 
loop_
_struct_conn.id 
_struct_conn.conn_type_id 
_struct_conn.pdbx_leaving_atom_flag 
_struct_conn.pdbx_PDB_id 
_struct_conn.ptnr1_label_asym_id 
_struct_conn.ptnr1_label_comp_id 
_struct_conn.ptnr1_label_seq_id 
_struct_conn.ptnr1_label_atom_id 
_struct_conn.pdbx_ptnr1_label_alt_id 
_struct_conn.pdbx_ptnr1_PDB_ins_code 
_struct_conn.pdbx_ptnr1_standard_comp_id 
_struct_conn.ptnr1_symmetry 
_struct_conn.ptnr2_label_asym_id 
_struct_conn.ptnr2_label_comp_id 
_struct_conn.ptnr2_label_seq_id 
_struct_conn.ptnr2_label_atom_id 
_struct_conn.pdbx_ptnr2_label_alt_id 
_struct_conn.pdbx_ptnr2_PDB_ins_code 
_struct_conn.ptnr1_auth_asym_id 
_struct_conn.ptnr1_auth_comp_id 
_struct_conn.ptnr1_auth_seq_id 
_struct_conn.ptnr2_auth_asym_id 
_struct_conn.ptnr2_auth_comp_id 
_struct_conn.ptnr2_auth_seq_id 
_struct_conn.ptnr2_symmetry 
_struct_conn.pdbx_ptnr3_label_atom_id 
_struct_conn.pdbx_ptnr3_label_seq_id 
_struct_conn.pdbx_ptnr3_label_comp_id 
_struct_conn.pdbx_ptnr3_label_asym_id 
_struct_conn.pdbx_ptnr3_label_alt_id 
_struct_conn.pdbx_ptnr3_PDB_ins_code 
_struct_conn.details 
_struct_conn.pdbx_dist_value 
_struct_conn.pdbx_value_order 
_struct_conn.pdbx_role 
metalc1 metalc ? ? A HIS 93 NE2 ? ? ? 1_555 C HE5 . ZN A ? B HIS 93 B HE5 201 1_555 ? ? ? ? ? ? ? 2.116 ? ? 
metalc2 metalc ? ? A HIS 93 NE2 ? ? ? 1_555 C HE5 . ZN B ? B HIS 93 B HE5 201 1_555 ? ? ? ? ? ? ? 2.167 ? ? 
# 
_struct_conn_type.id          metalc 
_struct_conn_type.criteria    ? 
_struct_conn_type.reference   ? 
# 
loop_
_pdbx_struct_conn_angle.id 
_pdbx_struct_conn_angle.ptnr1_label_atom_id 
_pdbx_struct_conn_angle.ptnr1_label_alt_id 
_pdbx_struct_conn_angle.ptnr1_label_asym_id 
_pdbx_struct_conn_angle.ptnr1_label_comp_id 
_pdbx_struct_conn_angle.ptnr1_label_seq_id 
_pdbx_struct_conn_angle.ptnr1_auth_atom_id 
_pdbx_struct_conn_angle.ptnr1_auth_asym_id 
_pdbx_struct_conn_angle.ptnr1_auth_comp_id 
_pdbx_struct_conn_angle.ptnr1_auth_seq_id 
_pdbx_struct_conn_angle.ptnr1_PDB_ins_code 
_pdbx_struct_conn_angle.ptnr1_symmetry 
_pdbx_struct_conn_angle.ptnr2_label_atom_id 
_pdbx_struct_conn_angle.ptnr2_label_alt_id 
_pdbx_struct_conn_angle.ptnr2_label_asym_id 
_pdbx_struct_conn_angle.ptnr2_label_comp_id 
_pdbx_struct_conn_angle.ptnr2_label_seq_id 
_pdbx_struct_conn_angle.ptnr2_auth_atom_id 
_pdbx_struct_conn_angle.ptnr2_auth_asym_id 
_pdbx_struct_conn_angle.ptnr2_auth_comp_id 
_pdbx_struct_conn_angle.ptnr2_auth_seq_id 
_pdbx_struct_conn_angle.ptnr2_PDB_ins_code 
_pdbx_struct_conn_angle.ptnr2_symmetry 
_pdbx_struct_conn_angle.ptnr3_label_atom_id 
_pdbx_struct_conn_angle.ptnr3_label_alt_id 
_pdbx_struct_conn_angle.ptnr3_label_asym_id 
_pdbx_struct_conn_angle.ptnr3_label_comp_id 
_pdbx_struct_conn_angle.ptnr3_label_seq_id 
_pdbx_struct_conn_angle.ptnr3_auth_atom_id 
_pdbx_struct_conn_angle.ptnr3_auth_asym_id 
_pdbx_struct_conn_angle.ptnr3_auth_comp_id 
_pdbx_struct_conn_angle.ptnr3_auth_seq_id 
_pdbx_struct_conn_angle.ptnr3_PDB_ins_code 
_pdbx_struct_conn_angle.ptnr3_symmetry 
_pdbx_struct_conn_angle.value 
_pdbx_struct_conn_angle.value_esd 
1  NE2 ? A HIS 93 ? B HIS 93  ? 1_555 ZN A C HE5 . ? B HE5 201 ? 1_555 NA A C HE5 . ? B HE5 201 ? 1_555 111.1 ? 
2  NE2 ? A HIS 93 ? B HIS 93  ? 1_555 ZN A C HE5 . ? B HE5 201 ? 1_555 NB A C HE5 . ? B HE5 201 ? 1_555 104.8 ? 
3  NA  A C HE5 .  ? B HE5 201 ? 1_555 ZN A C HE5 . ? B HE5 201 ? 1_555 NB A C HE5 . ? B HE5 201 ? 1_555 85.9  ? 
4  NE2 ? A HIS 93 ? B HIS 93  ? 1_555 ZN A C HE5 . ? B HE5 201 ? 1_555 ND A C HE5 . ? B HE5 201 ? 1_555 105.5 ? 
5  NA  A C HE5 .  ? B HE5 201 ? 1_555 ZN A C HE5 . ? B HE5 201 ? 1_555 ND A C HE5 . ? B HE5 201 ? 1_555 85.6  ? 
6  NB  A C HE5 .  ? B HE5 201 ? 1_555 ZN A C HE5 . ? B HE5 201 ? 1_555 ND A C HE5 . ? B HE5 201 ? 1_555 149.6 ? 
7  NE2 ? A HIS 93 ? B HIS 93  ? 1_555 ZN A C HE5 . ? B HE5 201 ? 1_555 NC A C HE5 . ? B HE5 201 ? 1_555 101.3 ? 
8  NA  A C HE5 .  ? B HE5 201 ? 1_555 ZN A C HE5 . ? B HE5 201 ? 1_555 NC A C HE5 . ? B HE5 201 ? 1_555 147.6 ? 
9  NB  A C HE5 .  ? B HE5 201 ? 1_555 ZN A C HE5 . ? B HE5 201 ? 1_555 NC A C HE5 . ? B HE5 201 ? 1_555 86.4  ? 
10 ND  A C HE5 .  ? B HE5 201 ? 1_555 ZN A C HE5 . ? B HE5 201 ? 1_555 NC A C HE5 . ? B HE5 201 ? 1_555 85.3  ? 
11 NE2 ? A HIS 93 ? B HIS 93  ? 1_555 ZN B C HE5 . ? B HE5 201 ? 1_555 NA A C HE5 . ? B HE5 201 ? 1_555 99.3  ? 
12 NE2 ? A HIS 93 ? B HIS 93  ? 1_555 ZN B C HE5 . ? B HE5 201 ? 1_555 NB A C HE5 . ? B HE5 201 ? 1_555 90.5  ? 
13 NA  A C HE5 .  ? B HE5 201 ? 1_555 ZN B C HE5 . ? B HE5 201 ? 1_555 NB A C HE5 . ? B HE5 201 ? 1_555 71.5  ? 
14 NE2 ? A HIS 93 ? B HIS 93  ? 1_555 ZN B C HE5 . ? B HE5 201 ? 1_555 ND A C HE5 . ? B HE5 201 ? 1_555 119.4 ? 
15 NA  A C HE5 .  ? B HE5 201 ? 1_555 ZN B C HE5 . ? B HE5 201 ? 1_555 ND A C HE5 . ? B HE5 201 ? 1_555 86.7  ? 
16 NB  A C HE5 .  ? B HE5 201 ? 1_555 ZN B C HE5 . ? B HE5 201 ? 1_555 ND A C HE5 . ? B HE5 201 ? 1_555 145.9 ? 
17 NE2 ? A HIS 93 ? B HIS 93  ? 1_555 ZN B C HE5 . ? B HE5 201 ? 1_555 NC A C HE5 . ? B HE5 201 ? 1_555 107.0 ? 
18 NA  A C HE5 .  ? B HE5 201 ? 1_555 ZN B C HE5 . ? B HE5 201 ? 1_555 NC A C HE5 . ? B HE5 201 ? 1_555 141.1 ? 
19 NB  A C HE5 .  ? B HE5 201 ? 1_555 ZN B C HE5 . ? B HE5 201 ? 1_555 NC A C HE5 . ? B HE5 201 ? 1_555 80.0  ? 
20 ND  A C HE5 .  ? B HE5 201 ? 1_555 ZN B C HE5 . ? B HE5 201 ? 1_555 NC A C HE5 . ? B HE5 201 ? 1_555 104.0 ? 
# 
loop_
_struct_site.id 
_struct_site.pdbx_evidence_code 
_struct_site.pdbx_auth_asym_id 
_struct_site.pdbx_auth_comp_id 
_struct_site.pdbx_auth_seq_id 
_struct_site.pdbx_auth_ins_code 
_struct_site.pdbx_num_residues 
_struct_site.details 
AC1 Software B SO4 202 ? 4  'BINDING SITE FOR RESIDUE SO4 B 202' 
AC2 Software B HE5 201 ? 17 'BINDING SITE FOR RESIDUE HE5 B 201' 
AC3 Software B SO4 154 ? 4  'BINDING SITE FOR RESIDUE SO4 B 154' 
# 
loop_
_struct_site_gen.id 
_struct_site_gen.site_id 
_struct_site_gen.pdbx_num_res 
_struct_site_gen.label_comp_id 
_struct_site_gen.label_asym_id 
_struct_site_gen.label_seq_id 
_struct_site_gen.pdbx_auth_ins_code 
_struct_site_gen.auth_comp_id 
_struct_site_gen.auth_asym_id 
_struct_site_gen.auth_seq_id 
_struct_site_gen.label_atom_id 
_struct_site_gen.label_alt_id 
_struct_site_gen.symmetry 
_struct_site_gen.details 
1  AC1 4  GLY A 1   ? GLY B 1   . ? 1_455 ? 
2  AC1 4  THR A 51  ? THR B 51  . ? 1_555 ? 
3  AC1 4  GLU A 52  ? GLU B 52  . ? 1_555 ? 
4  AC1 4  HOH E .   ? HOH B 165 . ? 1_555 ? 
5  AC2 17 LYS A 42  ? LYS B 42  . ? 1_555 ? 
6  AC2 17 PHE A 43  ? PHE B 43  . ? 1_555 ? 
7  AC2 17 LYS A 45  ? LYS B 45  . ? 1_555 ? 
8  AC2 17 HIS A 64  ? HIS B 64  . ? 1_555 ? 
9  AC2 17 VAL A 67  ? VAL B 67  . ? 1_555 ? 
10 AC2 17 VAL A 68  ? VAL B 68  . ? 1_555 ? 
11 AC2 17 ALA A 71  ? ALA B 71  . ? 1_555 ? 
12 AC2 17 PRO A 88  ? PRO B 88  . ? 1_555 ? 
13 AC2 17 LEU A 89  ? LEU B 89  . ? 1_555 ? 
14 AC2 17 SER A 92  ? SER B 92  . ? 1_555 ? 
15 AC2 17 HIS A 93  ? HIS B 93  . ? 1_555 ? 
16 AC2 17 HIS A 97  ? HIS B 97  . ? 1_555 ? 
17 AC2 17 ILE A 99  ? ILE B 99  . ? 1_555 ? 
18 AC2 17 TYR A 103 ? TYR B 103 . ? 1_555 ? 
19 AC2 17 LEU A 104 ? LEU B 104 . ? 1_555 ? 
20 AC2 17 PHE A 138 ? PHE B 138 . ? 1_555 ? 
21 AC2 17 HOH E .   ? HOH B 176 . ? 1_555 ? 
22 AC3 4  ALA A 57  ? ALA B 57  . ? 1_555 ? 
23 AC3 4  SER A 58  ? SER B 58  . ? 1_555 ? 
24 AC3 4  GLU A 59  ? GLU B 59  . ? 1_555 ? 
25 AC3 4  LYS A 60  ? LYS B 60  . ? 1_555 ? 
# 
_pdbx_validate_rmsd_angle.id                         1 
_pdbx_validate_rmsd_angle.PDB_model_num              1 
_pdbx_validate_rmsd_angle.auth_atom_id_1             CB 
_pdbx_validate_rmsd_angle.auth_asym_id_1             B 
_pdbx_validate_rmsd_angle.auth_comp_id_1             ASP 
_pdbx_validate_rmsd_angle.auth_seq_id_1              20 
_pdbx_validate_rmsd_angle.PDB_ins_code_1             ? 
_pdbx_validate_rmsd_angle.label_alt_id_1             ? 
_pdbx_validate_rmsd_angle.auth_atom_id_2             CG 
_pdbx_validate_rmsd_angle.auth_asym_id_2             B 
_pdbx_validate_rmsd_angle.auth_comp_id_2             ASP 
_pdbx_validate_rmsd_angle.auth_seq_id_2              20 
_pdbx_validate_rmsd_angle.PDB_ins_code_2             ? 
_pdbx_validate_rmsd_angle.label_alt_id_2             ? 
_pdbx_validate_rmsd_angle.auth_atom_id_3             OD1 
_pdbx_validate_rmsd_angle.auth_asym_id_3             B 
_pdbx_validate_rmsd_angle.auth_comp_id_3             ASP 
_pdbx_validate_rmsd_angle.auth_seq_id_3              20 
_pdbx_validate_rmsd_angle.PDB_ins_code_3             ? 
_pdbx_validate_rmsd_angle.label_alt_id_3             ? 
_pdbx_validate_rmsd_angle.angle_value                123.97 
_pdbx_validate_rmsd_angle.angle_target_value         118.30 
_pdbx_validate_rmsd_angle.angle_deviation            5.67 
_pdbx_validate_rmsd_angle.angle_standard_deviation   0.90 
_pdbx_validate_rmsd_angle.linker_flag                N 
# 
loop_
_pdbx_validate_torsion.id 
_pdbx_validate_torsion.PDB_model_num 
_pdbx_validate_torsion.auth_comp_id 
_pdbx_validate_torsion.auth_asym_id 
_pdbx_validate_torsion.auth_seq_id 
_pdbx_validate_torsion.PDB_ins_code 
_pdbx_validate_torsion.label_alt_id 
_pdbx_validate_torsion.phi 
_pdbx_validate_torsion.psi 
1 1 ASP B 20  ? ? -151.27 76.59   
2 1 LYS B 79  ? ? 50.73   -128.93 
3 1 LYS B 98  ? ? 44.99   72.81   
4 1 PHE B 123 ? ? -142.63 53.90   
# 
loop_
_chem_comp_atom.comp_id 
_chem_comp_atom.atom_id 
_chem_comp_atom.type_symbol 
_chem_comp_atom.pdbx_aromatic_flag 
_chem_comp_atom.pdbx_stereo_config 
_chem_comp_atom.pdbx_ordinal 
ALA N    N  N N 1   
ALA CA   C  N S 2   
ALA C    C  N N 3   
ALA O    O  N N 4   
ALA CB   C  N N 5   
ALA OXT  O  N N 6   
ALA H    H  N N 7   
ALA H2   H  N N 8   
ALA HA   H  N N 9   
ALA HB1  H  N N 10  
ALA HB2  H  N N 11  
ALA HB3  H  N N 12  
ALA HXT  H  N N 13  
ARG N    N  N N 14  
ARG CA   C  N S 15  
ARG C    C  N N 16  
ARG O    O  N N 17  
ARG CB   C  N N 18  
ARG CG   C  N N 19  
ARG CD   C  N N 20  
ARG NE   N  N N 21  
ARG CZ   C  N N 22  
ARG NH1  N  N N 23  
ARG NH2  N  N N 24  
ARG OXT  O  N N 25  
ARG H    H  N N 26  
ARG H2   H  N N 27  
ARG HA   H  N N 28  
ARG HB2  H  N N 29  
ARG HB3  H  N N 30  
ARG HG2  H  N N 31  
ARG HG3  H  N N 32  
ARG HD2  H  N N 33  
ARG HD3  H  N N 34  
ARG HE   H  N N 35  
ARG HH11 H  N N 36  
ARG HH12 H  N N 37  
ARG HH21 H  N N 38  
ARG HH22 H  N N 39  
ARG HXT  H  N N 40  
ASN N    N  N N 41  
ASN CA   C  N S 42  
ASN C    C  N N 43  
ASN O    O  N N 44  
ASN CB   C  N N 45  
ASN CG   C  N N 46  
ASN OD1  O  N N 47  
ASN ND2  N  N N 48  
ASN OXT  O  N N 49  
ASN H    H  N N 50  
ASN H2   H  N N 51  
ASN HA   H  N N 52  
ASN HB2  H  N N 53  
ASN HB3  H  N N 54  
ASN HD21 H  N N 55  
ASN HD22 H  N N 56  
ASN HXT  H  N N 57  
ASP N    N  N N 58  
ASP CA   C  N S 59  
ASP C    C  N N 60  
ASP O    O  N N 61  
ASP CB   C  N N 62  
ASP CG   C  N N 63  
ASP OD1  O  N N 64  
ASP OD2  O  N N 65  
ASP OXT  O  N N 66  
ASP H    H  N N 67  
ASP H2   H  N N 68  
ASP HA   H  N N 69  
ASP HB2  H  N N 70  
ASP HB3  H  N N 71  
ASP HD2  H  N N 72  
ASP HXT  H  N N 73  
GLN N    N  N N 74  
GLN CA   C  N S 75  
GLN C    C  N N 76  
GLN O    O  N N 77  
GLN CB   C  N N 78  
GLN CG   C  N N 79  
GLN CD   C  N N 80  
GLN OE1  O  N N 81  
GLN NE2  N  N N 82  
GLN OXT  O  N N 83  
GLN H    H  N N 84  
GLN H2   H  N N 85  
GLN HA   H  N N 86  
GLN HB2  H  N N 87  
GLN HB3  H  N N 88  
GLN HG2  H  N N 89  
GLN HG3  H  N N 90  
GLN HE21 H  N N 91  
GLN HE22 H  N N 92  
GLN HXT  H  N N 93  
GLU N    N  N N 94  
GLU CA   C  N S 95  
GLU C    C  N N 96  
GLU O    O  N N 97  
GLU CB   C  N N 98  
GLU CG   C  N N 99  
GLU CD   C  N N 100 
GLU OE1  O  N N 101 
GLU OE2  O  N N 102 
GLU OXT  O  N N 103 
GLU H    H  N N 104 
GLU H2   H  N N 105 
GLU HA   H  N N 106 
GLU HB2  H  N N 107 
GLU HB3  H  N N 108 
GLU HG2  H  N N 109 
GLU HG3  H  N N 110 
GLU HE2  H  N N 111 
GLU HXT  H  N N 112 
GLY N    N  N N 113 
GLY CA   C  N N 114 
GLY C    C  N N 115 
GLY O    O  N N 116 
GLY OXT  O  N N 117 
GLY H    H  N N 118 
GLY H2   H  N N 119 
GLY HA2  H  N N 120 
GLY HA3  H  N N 121 
GLY HXT  H  N N 122 
HE5 O1A  O  N N 123 
HE5 CGA  C  N N 124 
HE5 O2A  O  N N 125 
HE5 C40  C  N N 126 
HE5 CBA  C  N N 127 
HE5 CAA  C  N N 128 
HE5 C2A  C  Y N 129 
HE5 C1A  C  Y N 130 
HE5 CHA  C  N N 131 
HE5 C3A  C  Y N 132 
HE5 CMA  C  N N 133 
HE5 C4A  C  Y N 134 
HE5 NA   N  Y N 135 
HE5 CHB  C  N N 136 
HE5 C1B  C  N N 137 
HE5 C2B  C  N N 138 
HE5 C3B  C  N N 139 
HE5 CAB  C  N N 140 
HE5 NB   N  N N 141 
HE5 ZN   ZN N R 142 
HE5 ND   N  Y N 143 
HE5 C4D  C  Y N 144 
HE5 C4B  C  N N 145 
HE5 CHC  C  N N 146 
HE5 C1C  C  Y N 147 
HE5 C2C  C  Y N 148 
HE5 C3C  C  Y N 149 
HE5 CAC  C  N N 150 
HE5 NC   N  Y N 151 
HE5 C4C  C  Y N 152 
HE5 CHD  C  N N 153 
HE5 C1D  C  Y N 154 
HE5 C2D  C  Y N 155 
HE5 CMD  C  N N 156 
HE5 C3D  C  Y N 157 
HE5 CAD  C  N N 158 
HE5 CBD  C  N N 159 
HE5 CGD  C  N N 160 
HE5 O1D  O  N N 161 
HE5 O2D  O  N N 162 
HE5 C41  C  N N 163 
HE5 H401 H  N N 164 
HE5 H402 H  N N 165 
HE5 H403 H  N N 166 
HE5 HBA1 H  N N 167 
HE5 HBA2 H  N N 168 
HE5 HAA1 H  N N 169 
HE5 HAA2 H  N N 170 
HE5 HHA  H  N N 171 
HE5 HMA1 H  N N 172 
HE5 HMA2 H  N N 173 
HE5 HMA3 H  N N 174 
HE5 HHB  H  N N 175 
HE5 H2B1 H  N N 176 
HE5 H2B2 H  N N 177 
HE5 H3B  H  N N 178 
HE5 HAB1 H  N N 179 
HE5 HAB2 H  N N 180 
HE5 HAB3 H  N N 181 
HE5 HHC  H  N N 182 
HE5 H2C  H  N N 183 
HE5 HAC1 H  N N 184 
HE5 HAC2 H  N N 185 
HE5 HAC3 H  N N 186 
HE5 HHD  H  N N 187 
HE5 HMD1 H  N N 188 
HE5 HMD2 H  N N 189 
HE5 HMD3 H  N N 190 
HE5 HAD1 H  N N 191 
HE5 HAD2 H  N N 192 
HE5 HBD1 H  N N 193 
HE5 HBD2 H  N N 194 
HE5 H411 H  N N 195 
HE5 H412 H  N N 196 
HE5 H413 H  N N 197 
HIS N    N  N N 198 
HIS CA   C  N S 199 
HIS C    C  N N 200 
HIS O    O  N N 201 
HIS CB   C  N N 202 
HIS CG   C  Y N 203 
HIS ND1  N  Y N 204 
HIS CD2  C  Y N 205 
HIS CE1  C  Y N 206 
HIS NE2  N  Y N 207 
HIS OXT  O  N N 208 
HIS H    H  N N 209 
HIS H2   H  N N 210 
HIS HA   H  N N 211 
HIS HB2  H  N N 212 
HIS HB3  H  N N 213 
HIS HD1  H  N N 214 
HIS HD2  H  N N 215 
HIS HE1  H  N N 216 
HIS HE2  H  N N 217 
HIS HXT  H  N N 218 
HOH O    O  N N 219 
HOH H1   H  N N 220 
HOH H2   H  N N 221 
ILE N    N  N N 222 
ILE CA   C  N S 223 
ILE C    C  N N 224 
ILE O    O  N N 225 
ILE CB   C  N S 226 
ILE CG1  C  N N 227 
ILE CG2  C  N N 228 
ILE CD1  C  N N 229 
ILE OXT  O  N N 230 
ILE H    H  N N 231 
ILE H2   H  N N 232 
ILE HA   H  N N 233 
ILE HB   H  N N 234 
ILE HG12 H  N N 235 
ILE HG13 H  N N 236 
ILE HG21 H  N N 237 
ILE HG22 H  N N 238 
ILE HG23 H  N N 239 
ILE HD11 H  N N 240 
ILE HD12 H  N N 241 
ILE HD13 H  N N 242 
ILE HXT  H  N N 243 
LEU N    N  N N 244 
LEU CA   C  N S 245 
LEU C    C  N N 246 
LEU O    O  N N 247 
LEU CB   C  N N 248 
LEU CG   C  N N 249 
LEU CD1  C  N N 250 
LEU CD2  C  N N 251 
LEU OXT  O  N N 252 
LEU H    H  N N 253 
LEU H2   H  N N 254 
LEU HA   H  N N 255 
LEU HB2  H  N N 256 
LEU HB3  H  N N 257 
LEU HG   H  N N 258 
LEU HD11 H  N N 259 
LEU HD12 H  N N 260 
LEU HD13 H  N N 261 
LEU HD21 H  N N 262 
LEU HD22 H  N N 263 
LEU HD23 H  N N 264 
LEU HXT  H  N N 265 
LYS N    N  N N 266 
LYS CA   C  N S 267 
LYS C    C  N N 268 
LYS O    O  N N 269 
LYS CB   C  N N 270 
LYS CG   C  N N 271 
LYS CD   C  N N 272 
LYS CE   C  N N 273 
LYS NZ   N  N N 274 
LYS OXT  O  N N 275 
LYS H    H  N N 276 
LYS H2   H  N N 277 
LYS HA   H  N N 278 
LYS HB2  H  N N 279 
LYS HB3  H  N N 280 
LYS HG2  H  N N 281 
LYS HG3  H  N N 282 
LYS HD2  H  N N 283 
LYS HD3  H  N N 284 
LYS HE2  H  N N 285 
LYS HE3  H  N N 286 
LYS HZ1  H  N N 287 
LYS HZ2  H  N N 288 
LYS HZ3  H  N N 289 
LYS HXT  H  N N 290 
MET N    N  N N 291 
MET CA   C  N S 292 
MET C    C  N N 293 
MET O    O  N N 294 
MET CB   C  N N 295 
MET CG   C  N N 296 
MET SD   S  N N 297 
MET CE   C  N N 298 
MET OXT  O  N N 299 
MET H    H  N N 300 
MET H2   H  N N 301 
MET HA   H  N N 302 
MET HB2  H  N N 303 
MET HB3  H  N N 304 
MET HG2  H  N N 305 
MET HG3  H  N N 306 
MET HE1  H  N N 307 
MET HE2  H  N N 308 
MET HE3  H  N N 309 
MET HXT  H  N N 310 
PHE N    N  N N 311 
PHE CA   C  N S 312 
PHE C    C  N N 313 
PHE O    O  N N 314 
PHE CB   C  N N 315 
PHE CG   C  Y N 316 
PHE CD1  C  Y N 317 
PHE CD2  C  Y N 318 
PHE CE1  C  Y N 319 
PHE CE2  C  Y N 320 
PHE CZ   C  Y N 321 
PHE OXT  O  N N 322 
PHE H    H  N N 323 
PHE H2   H  N N 324 
PHE HA   H  N N 325 
PHE HB2  H  N N 326 
PHE HB3  H  N N 327 
PHE HD1  H  N N 328 
PHE HD2  H  N N 329 
PHE HE1  H  N N 330 
PHE HE2  H  N N 331 
PHE HZ   H  N N 332 
PHE HXT  H  N N 333 
PRO N    N  N N 334 
PRO CA   C  N S 335 
PRO C    C  N N 336 
PRO O    O  N N 337 
PRO CB   C  N N 338 
PRO CG   C  N N 339 
PRO CD   C  N N 340 
PRO OXT  O  N N 341 
PRO H    H  N N 342 
PRO HA   H  N N 343 
PRO HB2  H  N N 344 
PRO HB3  H  N N 345 
PRO HG2  H  N N 346 
PRO HG3  H  N N 347 
PRO HD2  H  N N 348 
PRO HD3  H  N N 349 
PRO HXT  H  N N 350 
SER N    N  N N 351 
SER CA   C  N S 352 
SER C    C  N N 353 
SER O    O  N N 354 
SER CB   C  N N 355 
SER OG   O  N N 356 
SER OXT  O  N N 357 
SER H    H  N N 358 
SER H2   H  N N 359 
SER HA   H  N N 360 
SER HB2  H  N N 361 
SER HB3  H  N N 362 
SER HG   H  N N 363 
SER HXT  H  N N 364 
SO4 S    S  N N 365 
SO4 O1   O  N N 366 
SO4 O2   O  N N 367 
SO4 O3   O  N N 368 
SO4 O4   O  N N 369 
THR N    N  N N 370 
THR CA   C  N S 371 
THR C    C  N N 372 
THR O    O  N N 373 
THR CB   C  N R 374 
THR OG1  O  N N 375 
THR CG2  C  N N 376 
THR OXT  O  N N 377 
THR H    H  N N 378 
THR H2   H  N N 379 
THR HA   H  N N 380 
THR HB   H  N N 381 
THR HG1  H  N N 382 
THR HG21 H  N N 383 
THR HG22 H  N N 384 
THR HG23 H  N N 385 
THR HXT  H  N N 386 
TRP N    N  N N 387 
TRP CA   C  N S 388 
TRP C    C  N N 389 
TRP O    O  N N 390 
TRP CB   C  N N 391 
TRP CG   C  Y N 392 
TRP CD1  C  Y N 393 
TRP CD2  C  Y N 394 
TRP NE1  N  Y N 395 
TRP CE2  C  Y N 396 
TRP CE3  C  Y N 397 
TRP CZ2  C  Y N 398 
TRP CZ3  C  Y N 399 
TRP CH2  C  Y N 400 
TRP OXT  O  N N 401 
TRP H    H  N N 402 
TRP H2   H  N N 403 
TRP HA   H  N N 404 
TRP HB2  H  N N 405 
TRP HB3  H  N N 406 
TRP HD1  H  N N 407 
TRP HE1  H  N N 408 
TRP HE3  H  N N 409 
TRP HZ2  H  N N 410 
TRP HZ3  H  N N 411 
TRP HH2  H  N N 412 
TRP HXT  H  N N 413 
TYR N    N  N N 414 
TYR CA   C  N S 415 
TYR C    C  N N 416 
TYR O    O  N N 417 
TYR CB   C  N N 418 
TYR CG   C  Y N 419 
TYR CD1  C  Y N 420 
TYR CD2  C  Y N 421 
TYR CE1  C  Y N 422 
TYR CE2  C  Y N 423 
TYR CZ   C  Y N 424 
TYR OH   O  N N 425 
TYR OXT  O  N N 426 
TYR H    H  N N 427 
TYR H2   H  N N 428 
TYR HA   H  N N 429 
TYR HB2  H  N N 430 
TYR HB3  H  N N 431 
TYR HD1  H  N N 432 
TYR HD2  H  N N 433 
TYR HE1  H  N N 434 
TYR HE2  H  N N 435 
TYR HH   H  N N 436 
TYR HXT  H  N N 437 
VAL N    N  N N 438 
VAL CA   C  N S 439 
VAL C    C  N N 440 
VAL O    O  N N 441 
VAL CB   C  N N 442 
VAL CG1  C  N N 443 
VAL CG2  C  N N 444 
VAL OXT  O  N N 445 
VAL H    H  N N 446 
VAL H2   H  N N 447 
VAL HA   H  N N 448 
VAL HB   H  N N 449 
VAL HG11 H  N N 450 
VAL HG12 H  N N 451 
VAL HG13 H  N N 452 
VAL HG21 H  N N 453 
VAL HG22 H  N N 454 
VAL HG23 H  N N 455 
VAL HXT  H  N N 456 
# 
loop_
_chem_comp_bond.comp_id 
_chem_comp_bond.atom_id_1 
_chem_comp_bond.atom_id_2 
_chem_comp_bond.value_order 
_chem_comp_bond.pdbx_aromatic_flag 
_chem_comp_bond.pdbx_stereo_config 
_chem_comp_bond.pdbx_ordinal 
ALA N   CA   sing N N 1   
ALA N   H    sing N N 2   
ALA N   H2   sing N N 3   
ALA CA  C    sing N N 4   
ALA CA  CB   sing N N 5   
ALA CA  HA   sing N N 6   
ALA C   O    doub N N 7   
ALA C   OXT  sing N N 8   
ALA CB  HB1  sing N N 9   
ALA CB  HB2  sing N N 10  
ALA CB  HB3  sing N N 11  
ALA OXT HXT  sing N N 12  
ARG N   CA   sing N N 13  
ARG N   H    sing N N 14  
ARG N   H2   sing N N 15  
ARG CA  C    sing N N 16  
ARG CA  CB   sing N N 17  
ARG CA  HA   sing N N 18  
ARG C   O    doub N N 19  
ARG C   OXT  sing N N 20  
ARG CB  CG   sing N N 21  
ARG CB  HB2  sing N N 22  
ARG CB  HB3  sing N N 23  
ARG CG  CD   sing N N 24  
ARG CG  HG2  sing N N 25  
ARG CG  HG3  sing N N 26  
ARG CD  NE   sing N N 27  
ARG CD  HD2  sing N N 28  
ARG CD  HD3  sing N N 29  
ARG NE  CZ   sing N N 30  
ARG NE  HE   sing N N 31  
ARG CZ  NH1  sing N N 32  
ARG CZ  NH2  doub N N 33  
ARG NH1 HH11 sing N N 34  
ARG NH1 HH12 sing N N 35  
ARG NH2 HH21 sing N N 36  
ARG NH2 HH22 sing N N 37  
ARG OXT HXT  sing N N 38  
ASN N   CA   sing N N 39  
ASN N   H    sing N N 40  
ASN N   H2   sing N N 41  
ASN CA  C    sing N N 42  
ASN CA  CB   sing N N 43  
ASN CA  HA   sing N N 44  
ASN C   O    doub N N 45  
ASN C   OXT  sing N N 46  
ASN CB  CG   sing N N 47  
ASN CB  HB2  sing N N 48  
ASN CB  HB3  sing N N 49  
ASN CG  OD1  doub N N 50  
ASN CG  ND2  sing N N 51  
ASN ND2 HD21 sing N N 52  
ASN ND2 HD22 sing N N 53  
ASN OXT HXT  sing N N 54  
ASP N   CA   sing N N 55  
ASP N   H    sing N N 56  
ASP N   H2   sing N N 57  
ASP CA  C    sing N N 58  
ASP CA  CB   sing N N 59  
ASP CA  HA   sing N N 60  
ASP C   O    doub N N 61  
ASP C   OXT  sing N N 62  
ASP CB  CG   sing N N 63  
ASP CB  HB2  sing N N 64  
ASP CB  HB3  sing N N 65  
ASP CG  OD1  doub N N 66  
ASP CG  OD2  sing N N 67  
ASP OD2 HD2  sing N N 68  
ASP OXT HXT  sing N N 69  
GLN N   CA   sing N N 70  
GLN N   H    sing N N 71  
GLN N   H2   sing N N 72  
GLN CA  C    sing N N 73  
GLN CA  CB   sing N N 74  
GLN CA  HA   sing N N 75  
GLN C   O    doub N N 76  
GLN C   OXT  sing N N 77  
GLN CB  CG   sing N N 78  
GLN CB  HB2  sing N N 79  
GLN CB  HB3  sing N N 80  
GLN CG  CD   sing N N 81  
GLN CG  HG2  sing N N 82  
GLN CG  HG3  sing N N 83  
GLN CD  OE1  doub N N 84  
GLN CD  NE2  sing N N 85  
GLN NE2 HE21 sing N N 86  
GLN NE2 HE22 sing N N 87  
GLN OXT HXT  sing N N 88  
GLU N   CA   sing N N 89  
GLU N   H    sing N N 90  
GLU N   H2   sing N N 91  
GLU CA  C    sing N N 92  
GLU CA  CB   sing N N 93  
GLU CA  HA   sing N N 94  
GLU C   O    doub N N 95  
GLU C   OXT  sing N N 96  
GLU CB  CG   sing N N 97  
GLU CB  HB2  sing N N 98  
GLU CB  HB3  sing N N 99  
GLU CG  CD   sing N N 100 
GLU CG  HG2  sing N N 101 
GLU CG  HG3  sing N N 102 
GLU CD  OE1  doub N N 103 
GLU CD  OE2  sing N N 104 
GLU OE2 HE2  sing N N 105 
GLU OXT HXT  sing N N 106 
GLY N   CA   sing N N 107 
GLY N   H    sing N N 108 
GLY N   H2   sing N N 109 
GLY CA  C    sing N N 110 
GLY CA  HA2  sing N N 111 
GLY CA  HA3  sing N N 112 
GLY C   O    doub N N 113 
GLY C   OXT  sing N N 114 
GLY OXT HXT  sing N N 115 
HE5 O1A CGA  doub N N 116 
HE5 CGA O2A  sing N N 117 
HE5 CGA CBA  sing N N 118 
HE5 O2A C40  sing N N 119 
HE5 C40 H401 sing N N 120 
HE5 C40 H402 sing N N 121 
HE5 C40 H403 sing N N 122 
HE5 CBA CAA  sing N N 123 
HE5 CBA HBA1 sing N N 124 
HE5 CBA HBA2 sing N N 125 
HE5 CAA C2A  sing N N 126 
HE5 CAA HAA1 sing N N 127 
HE5 CAA HAA2 sing N N 128 
HE5 C2A C1A  doub Y N 129 
HE5 C2A C3A  sing Y N 130 
HE5 C1A CHA  sing N N 131 
HE5 C1A NA   sing Y N 132 
HE5 CHA C4D  doub N N 133 
HE5 CHA HHA  sing N N 134 
HE5 C3A C4A  doub Y N 135 
HE5 C3A CMA  sing N N 136 
HE5 CMA HMA1 sing N N 137 
HE5 CMA HMA2 sing N N 138 
HE5 CMA HMA3 sing N N 139 
HE5 C4A NA   sing Y N 140 
HE5 C4A CHB  sing N N 141 
HE5 NA  ZN   sing N N 142 
HE5 CHB C1B  doub N N 143 
HE5 CHB HHB  sing N N 144 
HE5 C1B NB   sing N N 145 
HE5 C1B C2B  sing N N 146 
HE5 C2B C3B  sing N N 147 
HE5 C2B H2B1 sing N N 148 
HE5 C2B H2B2 sing N N 149 
HE5 C3B C4B  sing N N 150 
HE5 C3B CAB  sing N N 151 
HE5 C3B H3B  sing N N 152 
HE5 CAB HAB1 sing N N 153 
HE5 CAB HAB2 sing N N 154 
HE5 CAB HAB3 sing N N 155 
HE5 NB  ZN   sing N N 156 
HE5 NB  C4B  sing N N 157 
HE5 ZN  ND   sing N N 158 
HE5 ZN  NC   sing N N 159 
HE5 ND  C1D  sing Y N 160 
HE5 ND  C4D  sing Y N 161 
HE5 C4D C3D  sing Y N 162 
HE5 C4B CHC  doub N N 163 
HE5 CHC C1C  sing N N 164 
HE5 CHC HHC  sing N N 165 
HE5 C1C C2C  doub Y N 166 
HE5 C1C NC   sing Y N 167 
HE5 C2C C3C  sing Y N 168 
HE5 C2C H2C  sing N N 169 
HE5 C3C CAC  sing N N 170 
HE5 C3C C4C  doub Y N 171 
HE5 CAC HAC1 sing N N 172 
HE5 CAC HAC2 sing N N 173 
HE5 CAC HAC3 sing N N 174 
HE5 NC  C4C  sing Y N 175 
HE5 C4C CHD  sing N N 176 
HE5 CHD C1D  doub N N 177 
HE5 CHD HHD  sing N N 178 
HE5 C1D C2D  sing Y N 179 
HE5 C2D CMD  sing N N 180 
HE5 C2D C3D  doub Y N 181 
HE5 CMD HMD1 sing N N 182 
HE5 CMD HMD2 sing N N 183 
HE5 CMD HMD3 sing N N 184 
HE5 C3D CAD  sing N N 185 
HE5 CAD CBD  sing N N 186 
HE5 CAD HAD1 sing N N 187 
HE5 CAD HAD2 sing N N 188 
HE5 CBD CGD  sing N N 189 
HE5 CBD HBD1 sing N N 190 
HE5 CBD HBD2 sing N N 191 
HE5 CGD O1D  doub N N 192 
HE5 CGD O2D  sing N N 193 
HE5 O2D C41  sing N N 194 
HE5 C41 H411 sing N N 195 
HE5 C41 H412 sing N N 196 
HE5 C41 H413 sing N N 197 
HIS N   CA   sing N N 198 
HIS N   H    sing N N 199 
HIS N   H2   sing N N 200 
HIS CA  C    sing N N 201 
HIS CA  CB   sing N N 202 
HIS CA  HA   sing N N 203 
HIS C   O    doub N N 204 
HIS C   OXT  sing N N 205 
HIS CB  CG   sing N N 206 
HIS CB  HB2  sing N N 207 
HIS CB  HB3  sing N N 208 
HIS CG  ND1  sing Y N 209 
HIS CG  CD2  doub Y N 210 
HIS ND1 CE1  doub Y N 211 
HIS ND1 HD1  sing N N 212 
HIS CD2 NE2  sing Y N 213 
HIS CD2 HD2  sing N N 214 
HIS CE1 NE2  sing Y N 215 
HIS CE1 HE1  sing N N 216 
HIS NE2 HE2  sing N N 217 
HIS OXT HXT  sing N N 218 
HOH O   H1   sing N N 219 
HOH O   H2   sing N N 220 
ILE N   CA   sing N N 221 
ILE N   H    sing N N 222 
ILE N   H2   sing N N 223 
ILE CA  C    sing N N 224 
ILE CA  CB   sing N N 225 
ILE CA  HA   sing N N 226 
ILE C   O    doub N N 227 
ILE C   OXT  sing N N 228 
ILE CB  CG1  sing N N 229 
ILE CB  CG2  sing N N 230 
ILE CB  HB   sing N N 231 
ILE CG1 CD1  sing N N 232 
ILE CG1 HG12 sing N N 233 
ILE CG1 HG13 sing N N 234 
ILE CG2 HG21 sing N N 235 
ILE CG2 HG22 sing N N 236 
ILE CG2 HG23 sing N N 237 
ILE CD1 HD11 sing N N 238 
ILE CD1 HD12 sing N N 239 
ILE CD1 HD13 sing N N 240 
ILE OXT HXT  sing N N 241 
LEU N   CA   sing N N 242 
LEU N   H    sing N N 243 
LEU N   H2   sing N N 244 
LEU CA  C    sing N N 245 
LEU CA  CB   sing N N 246 
LEU CA  HA   sing N N 247 
LEU C   O    doub N N 248 
LEU C   OXT  sing N N 249 
LEU CB  CG   sing N N 250 
LEU CB  HB2  sing N N 251 
LEU CB  HB3  sing N N 252 
LEU CG  CD1  sing N N 253 
LEU CG  CD2  sing N N 254 
LEU CG  HG   sing N N 255 
LEU CD1 HD11 sing N N 256 
LEU CD1 HD12 sing N N 257 
LEU CD1 HD13 sing N N 258 
LEU CD2 HD21 sing N N 259 
LEU CD2 HD22 sing N N 260 
LEU CD2 HD23 sing N N 261 
LEU OXT HXT  sing N N 262 
LYS N   CA   sing N N 263 
LYS N   H    sing N N 264 
LYS N   H2   sing N N 265 
LYS CA  C    sing N N 266 
LYS CA  CB   sing N N 267 
LYS CA  HA   sing N N 268 
LYS C   O    doub N N 269 
LYS C   OXT  sing N N 270 
LYS CB  CG   sing N N 271 
LYS CB  HB2  sing N N 272 
LYS CB  HB3  sing N N 273 
LYS CG  CD   sing N N 274 
LYS CG  HG2  sing N N 275 
LYS CG  HG3  sing N N 276 
LYS CD  CE   sing N N 277 
LYS CD  HD2  sing N N 278 
LYS CD  HD3  sing N N 279 
LYS CE  NZ   sing N N 280 
LYS CE  HE2  sing N N 281 
LYS CE  HE3  sing N N 282 
LYS NZ  HZ1  sing N N 283 
LYS NZ  HZ2  sing N N 284 
LYS NZ  HZ3  sing N N 285 
LYS OXT HXT  sing N N 286 
MET N   CA   sing N N 287 
MET N   H    sing N N 288 
MET N   H2   sing N N 289 
MET CA  C    sing N N 290 
MET CA  CB   sing N N 291 
MET CA  HA   sing N N 292 
MET C   O    doub N N 293 
MET C   OXT  sing N N 294 
MET CB  CG   sing N N 295 
MET CB  HB2  sing N N 296 
MET CB  HB3  sing N N 297 
MET CG  SD   sing N N 298 
MET CG  HG2  sing N N 299 
MET CG  HG3  sing N N 300 
MET SD  CE   sing N N 301 
MET CE  HE1  sing N N 302 
MET CE  HE2  sing N N 303 
MET CE  HE3  sing N N 304 
MET OXT HXT  sing N N 305 
PHE N   CA   sing N N 306 
PHE N   H    sing N N 307 
PHE N   H2   sing N N 308 
PHE CA  C    sing N N 309 
PHE CA  CB   sing N N 310 
PHE CA  HA   sing N N 311 
PHE C   O    doub N N 312 
PHE C   OXT  sing N N 313 
PHE CB  CG   sing N N 314 
PHE CB  HB2  sing N N 315 
PHE CB  HB3  sing N N 316 
PHE CG  CD1  doub Y N 317 
PHE CG  CD2  sing Y N 318 
PHE CD1 CE1  sing Y N 319 
PHE CD1 HD1  sing N N 320 
PHE CD2 CE2  doub Y N 321 
PHE CD2 HD2  sing N N 322 
PHE CE1 CZ   doub Y N 323 
PHE CE1 HE1  sing N N 324 
PHE CE2 CZ   sing Y N 325 
PHE CE2 HE2  sing N N 326 
PHE CZ  HZ   sing N N 327 
PHE OXT HXT  sing N N 328 
PRO N   CA   sing N N 329 
PRO N   CD   sing N N 330 
PRO N   H    sing N N 331 
PRO CA  C    sing N N 332 
PRO CA  CB   sing N N 333 
PRO CA  HA   sing N N 334 
PRO C   O    doub N N 335 
PRO C   OXT  sing N N 336 
PRO CB  CG   sing N N 337 
PRO CB  HB2  sing N N 338 
PRO CB  HB3  sing N N 339 
PRO CG  CD   sing N N 340 
PRO CG  HG2  sing N N 341 
PRO CG  HG3  sing N N 342 
PRO CD  HD2  sing N N 343 
PRO CD  HD3  sing N N 344 
PRO OXT HXT  sing N N 345 
SER N   CA   sing N N 346 
SER N   H    sing N N 347 
SER N   H2   sing N N 348 
SER CA  C    sing N N 349 
SER CA  CB   sing N N 350 
SER CA  HA   sing N N 351 
SER C   O    doub N N 352 
SER C   OXT  sing N N 353 
SER CB  OG   sing N N 354 
SER CB  HB2  sing N N 355 
SER CB  HB3  sing N N 356 
SER OG  HG   sing N N 357 
SER OXT HXT  sing N N 358 
SO4 S   O1   doub N N 359 
SO4 S   O2   doub N N 360 
SO4 S   O3   sing N N 361 
SO4 S   O4   sing N N 362 
THR N   CA   sing N N 363 
THR N   H    sing N N 364 
THR N   H2   sing N N 365 
THR CA  C    sing N N 366 
THR CA  CB   sing N N 367 
THR CA  HA   sing N N 368 
THR C   O    doub N N 369 
THR C   OXT  sing N N 370 
THR CB  OG1  sing N N 371 
THR CB  CG2  sing N N 372 
THR CB  HB   sing N N 373 
THR OG1 HG1  sing N N 374 
THR CG2 HG21 sing N N 375 
THR CG2 HG22 sing N N 376 
THR CG2 HG23 sing N N 377 
THR OXT HXT  sing N N 378 
TRP N   CA   sing N N 379 
TRP N   H    sing N N 380 
TRP N   H2   sing N N 381 
TRP CA  C    sing N N 382 
TRP CA  CB   sing N N 383 
TRP CA  HA   sing N N 384 
TRP C   O    doub N N 385 
TRP C   OXT  sing N N 386 
TRP CB  CG   sing N N 387 
TRP CB  HB2  sing N N 388 
TRP CB  HB3  sing N N 389 
TRP CG  CD1  doub Y N 390 
TRP CG  CD2  sing Y N 391 
TRP CD1 NE1  sing Y N 392 
TRP CD1 HD1  sing N N 393 
TRP CD2 CE2  doub Y N 394 
TRP CD2 CE3  sing Y N 395 
TRP NE1 CE2  sing Y N 396 
TRP NE1 HE1  sing N N 397 
TRP CE2 CZ2  sing Y N 398 
TRP CE3 CZ3  doub Y N 399 
TRP CE3 HE3  sing N N 400 
TRP CZ2 CH2  doub Y N 401 
TRP CZ2 HZ2  sing N N 402 
TRP CZ3 CH2  sing Y N 403 
TRP CZ3 HZ3  sing N N 404 
TRP CH2 HH2  sing N N 405 
TRP OXT HXT  sing N N 406 
TYR N   CA   sing N N 407 
TYR N   H    sing N N 408 
TYR N   H2   sing N N 409 
TYR CA  C    sing N N 410 
TYR CA  CB   sing N N 411 
TYR CA  HA   sing N N 412 
TYR C   O    doub N N 413 
TYR C   OXT  sing N N 414 
TYR CB  CG   sing N N 415 
TYR CB  HB2  sing N N 416 
TYR CB  HB3  sing N N 417 
TYR CG  CD1  doub Y N 418 
TYR CG  CD2  sing Y N 419 
TYR CD1 CE1  sing Y N 420 
TYR CD1 HD1  sing N N 421 
TYR CD2 CE2  doub Y N 422 
TYR CD2 HD2  sing N N 423 
TYR CE1 CZ   doub Y N 424 
TYR CE1 HE1  sing N N 425 
TYR CE2 CZ   sing Y N 426 
TYR CE2 HE2  sing N N 427 
TYR CZ  OH   sing N N 428 
TYR OH  HH   sing N N 429 
TYR OXT HXT  sing N N 430 
VAL N   CA   sing N N 431 
VAL N   H    sing N N 432 
VAL N   H2   sing N N 433 
VAL CA  C    sing N N 434 
VAL CA  CB   sing N N 435 
VAL CA  HA   sing N N 436 
VAL C   O    doub N N 437 
VAL C   OXT  sing N N 438 
VAL CB  CG1  sing N N 439 
VAL CB  CG2  sing N N 440 
VAL CB  HB   sing N N 441 
VAL CG1 HG11 sing N N 442 
VAL CG1 HG12 sing N N 443 
VAL CG1 HG13 sing N N 444 
VAL CG2 HG21 sing N N 445 
VAL CG2 HG22 sing N N 446 
VAL CG2 HG23 sing N N 447 
VAL OXT HXT  sing N N 448 
# 
_atom_sites.entry_id                    3RJN 
_atom_sites.fract_transf_matrix[1][1]   0.01811354 
_atom_sites.fract_transf_matrix[1][2]   -0.00474560 
_atom_sites.fract_transf_matrix[1][3]   -0.01430844 
_atom_sites.fract_transf_matrix[2][1]   0.00537809 
_atom_sites.fract_transf_matrix[2][2]   -0.02800594 
_atom_sites.fract_transf_matrix[2][3]   0.01609689 
_atom_sites.fract_transf_matrix[3][1]   -0.00909103 
_atom_sites.fract_transf_matrix[3][2]   -0.00890259 
_atom_sites.fract_transf_matrix[3][3]   -0.01245166 
_atom_sites.fract_transf_vector[1]      0.338678 
_atom_sites.fract_transf_vector[2]      0.148590 
_atom_sites.fract_transf_vector[3]      0.235849 
# 
loop_
_atom_type.symbol 
C  
N  
O  
S  
ZN 
# 
loop_
_atom_site.group_PDB 
_atom_site.id 
_atom_site.type_symbol 
_atom_site.label_atom_id 
_atom_site.label_alt_id 
_atom_site.label_comp_id 
_atom_site.label_asym_id 
_atom_site.label_entity_id 
_atom_site.label_seq_id 
_atom_site.pdbx_PDB_ins_code 
_atom_site.Cartn_x 
_atom_site.Cartn_y 
_atom_site.Cartn_z 
_atom_site.occupancy 
_atom_site.B_iso_or_equiv 
_atom_site.pdbx_formal_charge 
_atom_site.auth_seq_id 
_atom_site.auth_comp_id 
_atom_site.auth_asym_id 
_atom_site.auth_atom_id 
_atom_site.pdbx_PDB_model_num 
ATOM   1    N  N   . GLY A 1 1   ? 17.169  -8.995  -5.930  1.00 27.04 ? 1   GLY B N   1 
ATOM   2    C  CA  . GLY A 1 1   ? 15.797  -8.366  -6.001  1.00 24.85 ? 1   GLY B CA  1 
ATOM   3    C  C   . GLY A 1 1   ? 14.821  -9.537  -6.072  1.00 25.65 ? 1   GLY B C   1 
ATOM   4    O  O   . GLY A 1 1   ? 15.132  -10.625 -5.578  1.00 27.04 ? 1   GLY B O   1 
ATOM   5    N  N   . LEU A 1 2   ? 13.683  -9.354  -6.729  1.00 21.52 ? 2   LEU B N   1 
ATOM   6    C  CA  . LEU A 1 2   ? 12.763  -10.464 -6.967  1.00 20.65 ? 2   LEU B CA  1 
ATOM   7    C  C   . LEU A 1 2   ? 13.099  -11.214 -8.260  1.00 20.11 ? 2   LEU B C   1 
ATOM   8    O  O   . LEU A 1 2   ? 13.460  -10.627 -9.254  1.00 20.86 ? 2   LEU B O   1 
ATOM   9    C  CB  . LEU A 1 2   ? 11.354  -9.917  -7.123  1.00 18.27 ? 2   LEU B CB  1 
ATOM   10   C  CG  . LEU A 1 2   ? 10.684  -9.631  -5.775  1.00 17.48 ? 2   LEU B CG  1 
ATOM   11   C  CD1 . LEU A 1 2   ? 11.372  -8.416  -5.083  1.00 16.60 ? 2   LEU B CD1 1 
ATOM   12   C  CD2 . LEU A 1 2   ? 9.162   -9.440  -6.015  1.00 15.07 ? 2   LEU B CD2 1 
ATOM   13   N  N   . SER A 1 3   ? 12.886  -12.516 -8.265  1.00 22.50 ? 3   SER B N   1 
ATOM   14   C  CA  . SER A 1 3   ? 12.989  -13.302 -9.531  1.00 22.24 ? 3   SER B CA  1 
ATOM   15   C  C   . SER A 1 3   ? 11.839  -12.992 -10.506 1.00 23.05 ? 3   SER B C   1 
ATOM   16   O  O   . SER A 1 3   ? 10.834  -12.323 -10.141 1.00 23.37 ? 3   SER B O   1 
ATOM   17   C  CB  . SER A 1 3   ? 12.992  -14.790 -9.208  1.00 21.66 ? 3   SER B CB  1 
ATOM   18   O  OG  . SER A 1 3   ? 11.709  -15.172 -8.733  1.00 23.73 ? 3   SER B OG  1 
ATOM   19   N  N   . ASP A 1 4   ? 11.951  -13.455 -11.754 1.00 23.64 ? 4   ASP B N   1 
ATOM   20   C  CA  . ASP A 1 4   ? 10.879  -13.216 -12.718 1.00 23.71 ? 4   ASP B CA  1 
ATOM   21   C  C   . ASP A 1 4   ? 9.586   -13.894 -12.241 1.00 22.50 ? 4   ASP B C   1 
ATOM   22   O  O   . ASP A 1 4   ? 8.498   -13.340 -12.376 1.00 21.93 ? 4   ASP B O   1 
ATOM   23   C  CB  . ASP A 1 4   ? 11.263  -13.672 -14.127 1.00 26.05 ? 4   ASP B CB  1 
ATOM   24   C  CG  . ASP A 1 4   ? 12.361  -12.774 -14.773 1.00 31.82 ? 4   ASP B CG  1 
ATOM   25   O  OD1 . ASP A 1 4   ? 12.413  -11.554 -14.502 1.00 33.56 ? 4   ASP B OD1 1 
ATOM   26   O  OD2 . ASP A 1 4   ? 13.190  -13.305 -15.545 1.00 37.58 ? 4   ASP B OD2 1 
ATOM   27   N  N   . GLY A 1 5   ? 9.703   -15.061 -11.628 1.00 21.05 ? 5   GLY B N   1 
ATOM   28   C  CA  . GLY A 1 5   ? 8.503   -15.782 -11.217 1.00 20.28 ? 5   GLY B CA  1 
ATOM   29   C  C   . GLY A 1 5   ? 7.857   -15.104 -10.021 1.00 18.71 ? 5   GLY B C   1 
ATOM   30   O  O   . GLY A 1 5   ? 6.635   -15.107 -9.891  1.00 17.22 ? 5   GLY B O   1 
ATOM   31   N  N   . GLU A 1 6   ? 8.686   -14.548 -9.143  1.00 16.99 ? 6   GLU B N   1 
ATOM   32   C  CA  . GLU A 1 6   ? 8.177   -13.705 -8.033  1.00 16.17 ? 6   GLU B CA  1 
ATOM   33   C  C   . GLU A 1 6   ? 7.416   -12.464 -8.577  1.00 14.51 ? 6   GLU B C   1 
ATOM   34   O  O   . GLU A 1 6   ? 6.310   -12.238 -8.151  1.00 13.70 ? 6   GLU B O   1 
ATOM   35   C  CB  . GLU A 1 6   ? 9.313   -13.327 -7.050  1.00 15.93 ? 6   GLU B CB  1 
ATOM   36   C  CG  . GLU A 1 6   ? 9.810   -14.520 -6.224  1.00 16.37 ? 6   GLU B CG  1 
ATOM   37   C  CD  . GLU A 1 6   ? 11.052  -14.241 -5.391  1.00 18.53 ? 6   GLU B CD  1 
ATOM   38   O  OE1 . GLU A 1 6   ? 11.833  -13.387 -5.781  1.00 21.43 ? 6   GLU B OE1 1 
ATOM   39   O  OE2 . GLU A 1 6   ? 11.211  -14.816 -4.275  1.00 24.96 ? 6   GLU B OE2 1 
ATOM   40   N  N   . TRP A 1 7   ? 7.963   -11.678 -9.500  1.00 15.34 ? 7   TRP B N   1 
ATOM   41   C  CA  . TRP A 1 7   ? 7.154   -10.561 -10.106 1.00 15.60 ? 7   TRP B CA  1 
ATOM   42   C  C   . TRP A 1 7   ? 5.902   -11.050 -10.760 1.00 16.47 ? 7   TRP B C   1 
ATOM   43   O  O   . TRP A 1 7   ? 4.854   -10.420 -10.646 1.00 16.35 ? 7   TRP B O   1 
ATOM   44   C  CB  . TRP A 1 7   ? 7.955   -9.747  -11.131 1.00 15.92 ? 7   TRP B CB  1 
ATOM   45   C  CG  . TRP A 1 7   ? 9.007   -8.859  -10.439 1.00 17.78 ? 7   TRP B CG  1 
ATOM   46   C  CD1 . TRP A 1 7   ? 10.379  -8.896  -10.590 1.00 18.66 ? 7   TRP B CD1 1 
ATOM   47   C  CD2 . TRP A 1 7   ? 8.727   -7.797  -9.493  1.00 15.70 ? 7   TRP B CD2 1 
ATOM   48   N  NE1 . TRP A 1 7   ? 10.952  -7.926  -9.779  1.00 14.97 ? 7   TRP B NE1 1 
ATOM   49   C  CE2 . TRP A 1 7   ? 9.959   -7.252  -9.095  1.00 14.45 ? 7   TRP B CE2 1 
ATOM   50   C  CE3 . TRP A 1 7   ? 7.533   -7.272  -8.945  1.00 14.80 ? 7   TRP B CE3 1 
ATOM   51   C  CZ2 . TRP A 1 7   ? 10.049  -6.195  -8.132  1.00 14.91 ? 7   TRP B CZ2 1 
ATOM   52   C  CZ3 . TRP A 1 7   ? 7.609   -6.220  -7.956  1.00 17.01 ? 7   TRP B CZ3 1 
ATOM   53   C  CH2 . TRP A 1 7   ? 8.857   -5.695  -7.582  1.00 11.38 ? 7   TRP B CH2 1 
ATOM   54   N  N   . GLN A 1 8   ? 5.955   -12.199 -11.465 1.00 17.19 ? 8   GLN B N   1 
ATOM   55   C  CA  . GLN A 1 8   ? 4.703   -12.727 -12.063 1.00 17.06 ? 8   GLN B CA  1 
ATOM   56   C  C   . GLN A 1 8   ? 3.630   -12.996 -11.036 1.00 16.78 ? 8   GLN B C   1 
ATOM   57   O  O   . GLN A 1 8   ? 2.438   -12.730 -11.281 1.00 16.16 ? 8   GLN B O   1 
ATOM   58   C  CB  . GLN A 1 8   ? 4.928   -14.045 -12.863 1.00 19.36 ? 8   GLN B CB  1 
ATOM   59   C  CG  . GLN A 1 8   ? 5.261   -13.820 -14.355 1.00 27.27 ? 8   GLN B CG  1 
ATOM   60   C  CD  . GLN A 1 8   ? 6.310   -14.853 -14.882 1.00 35.69 ? 8   GLN B CD  1 
ATOM   61   O  OE1 . GLN A 1 8   ? 6.276   -16.036 -14.509 1.00 35.51 ? 8   GLN B OE1 1 
ATOM   62   N  NE2 . GLN A 1 8   ? 7.269   -14.382 -15.721 1.00 38.30 ? 8   GLN B NE2 1 
ATOM   63   N  N   . GLN A 1 9   ? 4.002   -13.539 -9.892  1.00 15.12 ? 9   GLN B N   1 
ATOM   64   C  CA  . GLN A 1 9   ? 2.979   -13.803 -8.878  1.00 16.93 ? 9   GLN B CA  1 
ATOM   65   C  C   . GLN A 1 9   ? 2.433   -12.526 -8.231  1.00 16.10 ? 9   GLN B C   1 
ATOM   66   O  O   . GLN A 1 9   ? 1.260   -12.490 -7.775  1.00 15.73 ? 9   GLN B O   1 
ATOM   67   C  CB  . GLN A 1 9   ? 3.550   -14.673 -7.792  1.00 15.18 ? 9   GLN B CB  1 
ATOM   68   C  CG  . GLN A 1 9   ? 3.729   -16.055 -8.330  1.00 20.87 ? 9   GLN B CG  1 
ATOM   69   C  CD  . GLN A 1 9   ? 3.729   -17.105 -7.251  1.00 22.53 ? 9   GLN B CD  1 
ATOM   70   O  OE1 . GLN A 1 9   ? 4.746   -17.263 -6.543  1.00 19.08 ? 9   GLN B OE1 1 
ATOM   71   N  NE2 . GLN A 1 9   ? 2.609   -17.887 -7.148  1.00 19.60 ? 9   GLN B NE2 1 
ATOM   72   N  N   . VAL A 1 10  ? 3.334   -11.540 -8.101  1.00 14.27 ? 10  VAL B N   1 
ATOM   73   C  CA  . VAL A 1 10  ? 2.920   -10.188 -7.666  1.00 12.75 ? 10  VAL B CA  1 
ATOM   74   C  C   . VAL A 1 10  ? 1.910   -9.602  -8.638  1.00 13.93 ? 10  VAL B C   1 
ATOM   75   O  O   . VAL A 1 10  ? 0.803   -9.182  -8.236  1.00 13.83 ? 10  VAL B O   1 
ATOM   76   C  CB  . VAL A 1 10  ? 4.142   -9.297  -7.534  1.00 12.52 ? 10  VAL B CB  1 
ATOM   77   C  CG1 . VAL A 1 10  ? 3.714   -7.795  -7.307  1.00 10.36 ? 10  VAL B CG1 1 
ATOM   78   C  CG2 . VAL A 1 10  ? 5.045   -9.844  -6.402  1.00 10.33 ? 10  VAL B CG2 1 
ATOM   79   N  N   . LEU A 1 11  ? 2.251   -9.586  -9.921  1.00 13.25 ? 11  LEU B N   1 
ATOM   80   C  CA  . LEU A 1 11  ? 1.331   -9.002  -10.907 1.00 13.45 ? 11  LEU B CA  1 
ATOM   81   C  C   . LEU A 1 11  ? 0.048   -9.849  -11.113 1.00 13.87 ? 11  LEU B C   1 
ATOM   82   O  O   . LEU A 1 11  ? -1.025  -9.265  -11.404 1.00 12.72 ? 11  LEU B O   1 
ATOM   83   C  CB  . LEU A 1 11  ? 2.062   -8.783  -12.240 1.00 14.77 ? 11  LEU B CB  1 
ATOM   84   C  CG  . LEU A 1 11  ? 3.212   -7.787  -12.057 1.00 17.57 ? 11  LEU B CG  1 
ATOM   85   C  CD1 . LEU A 1 11  ? 3.809   -7.477  -13.403 1.00 26.65 ? 11  LEU B CD1 1 
ATOM   86   C  CD2 . LEU A 1 11  ? 2.760   -6.502  -11.373 1.00 22.74 ? 11  LEU B CD2 1 
ATOM   87   N  N   A ASN A 1 12  ? 0.132   -11.165 -10.973 0.50 13.87 ? 12  ASN B N   1 
ATOM   88   N  N   B ASN A 1 12  ? 0.181   -11.182 -11.002 0.50 14.37 ? 12  ASN B N   1 
ATOM   89   C  CA  A ASN A 1 12  ? -1.103  -11.961 -11.010 0.50 14.42 ? 12  ASN B CA  1 
ATOM   90   C  CA  B ASN A 1 12  ? -0.976  -12.125 -10.964 0.50 15.67 ? 12  ASN B CA  1 
ATOM   91   C  C   A ASN A 1 12  ? -2.105  -11.563 -9.924  0.50 15.31 ? 12  ASN B C   1 
ATOM   92   C  C   B ASN A 1 12  ? -2.036  -11.621 -9.947  0.50 16.04 ? 12  ASN B C   1 
ATOM   93   O  O   A ASN A 1 12  ? -3.287  -11.345 -10.187 0.50 15.86 ? 12  ASN B O   1 
ATOM   94   O  O   B ASN A 1 12  ? -3.171  -11.319 -10.298 0.50 16.88 ? 12  ASN B O   1 
ATOM   95   C  CB  A ASN A 1 12  ? -0.848  -13.444 -10.825 0.50 14.47 ? 12  ASN B CB  1 
ATOM   96   C  CB  B ASN A 1 12  ? -0.550  -13.593 -10.606 0.50 15.75 ? 12  ASN B CB  1 
ATOM   97   C  CG  A ASN A 1 12  ? -2.137  -14.230 -10.889 0.50 14.63 ? 12  ASN B CG  1 
ATOM   98   C  CG  B ASN A 1 12  ? 0.018   -14.409 -11.823 0.50 19.80 ? 12  ASN B CG  1 
ATOM   99   O  OD1 A ASN A 1 12  ? -2.743  -14.359 -11.969 0.50 15.93 ? 12  ASN B OD1 1 
ATOM   100  O  OD1 B ASN A 1 12  ? 0.384   -13.822 -12.844 0.50 21.56 ? 12  ASN B OD1 1 
ATOM   101  N  ND2 A ASN A 1 12  ? -2.589  -14.724 -9.756  0.50 15.50 ? 12  ASN B ND2 1 
ATOM   102  N  ND2 B ASN A 1 12  ? 0.131   -15.786 -11.678 0.50 19.11 ? 12  ASN B ND2 1 
ATOM   103  N  N   . VAL A 1 13  ? -1.661  -11.501 -8.671  1.00 15.38 ? 13  VAL B N   1 
ATOM   104  C  CA  . VAL A 1 13  ? -2.650  -11.126 -7.677  1.00 15.66 ? 13  VAL B CA  1 
ATOM   105  C  C   . VAL A 1 13  ? -3.023  -9.666  -7.844  1.00 14.68 ? 13  VAL B C   1 
ATOM   106  O  O   . VAL A 1 13  ? -4.177  -9.312  -7.553  1.00 14.26 ? 13  VAL B O   1 
ATOM   107  C  CB  . VAL A 1 13  ? -2.186  -11.485 -6.262  1.00 15.62 ? 13  VAL B CB  1 
ATOM   108  C  CG1 . VAL A 1 13  ? -1.162  -10.497 -5.804  1.00 14.79 ? 13  VAL B CG1 1 
ATOM   109  C  CG2 . VAL A 1 13  ? -3.408  -11.598 -5.287  1.00 18.91 ? 13  VAL B CG2 1 
ATOM   110  N  N   . TRP A 1 14  ? -2.109  -8.795  -8.325  1.00 14.65 ? 14  TRP B N   1 
ATOM   111  C  CA  . TRP A 1 14  ? -2.509  -7.381  -8.522  1.00 14.51 ? 14  TRP B CA  1 
ATOM   112  C  C   . TRP A 1 14  ? -3.614  -7.251  -9.592  1.00 15.59 ? 14  TRP B C   1 
ATOM   113  O  O   . TRP A 1 14  ? -4.450  -6.322  -9.575  1.00 13.87 ? 14  TRP B O   1 
ATOM   114  C  CB  . TRP A 1 14  ? -1.321  -6.444  -8.865  1.00 14.67 ? 14  TRP B CB  1 
ATOM   115  C  CG  . TRP A 1 14  ? -1.652  -5.048  -8.443  1.00 12.64 ? 14  TRP B CG  1 
ATOM   116  C  CD1 . TRP A 1 14  ? -2.087  -3.949  -9.240  1.00 13.58 ? 14  TRP B CD1 1 
ATOM   117  C  CD2 . TRP A 1 14  ? -1.665  -4.584  -7.110  1.00 13.31 ? 14  TRP B CD2 1 
ATOM   118  N  NE1 . TRP A 1 14  ? -2.328  -2.886  -8.436  1.00 15.59 ? 14  TRP B NE1 1 
ATOM   119  C  CE2 . TRP A 1 14  ? -2.080  -3.221  -7.141  1.00 15.16 ? 14  TRP B CE2 1 
ATOM   120  C  CE3 . TRP A 1 14  ? -1.398  -5.190  -5.883  1.00 12.33 ? 14  TRP B CE3 1 
ATOM   121  C  CZ2 . TRP A 1 14  ? -2.242  -2.471  -5.979  1.00 19.49 ? 14  TRP B CZ2 1 
ATOM   122  C  CZ3 . TRP A 1 14  ? -1.534  -4.446  -4.751  1.00 19.41 ? 14  TRP B CZ3 1 
ATOM   123  C  CH2 . TRP A 1 14  ? -1.978  -3.101  -4.808  1.00 14.12 ? 14  TRP B CH2 1 
ATOM   124  N  N   . GLY A 1 15  ? -3.609  -8.179  -10.546 1.00 16.07 ? 15  GLY B N   1 
ATOM   125  C  CA  . GLY A 1 15  ? -4.705  -8.222  -11.532 1.00 16.87 ? 15  GLY B CA  1 
ATOM   126  C  C   . GLY A 1 15  ? -6.037  -8.387  -10.821 1.00 15.41 ? 15  GLY B C   1 
ATOM   127  O  O   . GLY A 1 15  ? -6.950  -7.734  -11.161 1.00 14.92 ? 15  GLY B O   1 
ATOM   128  N  N   . LYS A 1 16  ? -6.130  -9.229  -9.804  1.00 15.48 ? 16  LYS B N   1 
ATOM   129  C  CA  . LYS A 1 16  ? -7.336  -9.410  -9.027  1.00 17.79 ? 16  LYS B CA  1 
ATOM   130  C  C   . LYS A 1 16  ? -7.743  -8.108  -8.349  1.00 17.25 ? 16  LYS B C   1 
ATOM   131  O  O   . LYS A 1 16  ? -8.914  -7.771  -8.286  1.00 17.76 ? 16  LYS B O   1 
ATOM   132  C  CB  . LYS A 1 16  ? -7.091  -10.486 -7.956  1.00 18.45 ? 16  LYS B CB  1 
ATOM   133  C  CG  . LYS A 1 16  ? -6.898  -11.859 -8.521  1.00 20.42 ? 16  LYS B CG  1 
ATOM   134  C  CD  . LYS A 1 16  ? -8.281  -12.257 -9.045  1.00 26.24 ? 16  LYS B CD  1 
ATOM   135  C  CE  . LYS A 1 16  ? -8.283  -13.293 -10.079 1.00 28.88 ? 16  LYS B CE  1 
ATOM   136  N  NZ  . LYS A 1 16  ? -9.771  -13.361 -10.339 1.00 19.89 ? 16  LYS B NZ  1 
ATOM   137  N  N   . VAL A 1 17  ? -6.771  -7.370  -7.819  1.00 16.53 ? 17  VAL B N   1 
ATOM   138  C  CA  . VAL A 1 17  ? -7.038  -6.096  -7.156  1.00 15.92 ? 17  VAL B CA  1 
ATOM   139  C  C   . VAL A 1 17  ? -7.627  -5.134  -8.142  1.00 16.86 ? 17  VAL B C   1 
ATOM   140  O  O   . VAL A 1 17  ? -8.542  -4.339  -7.842  1.00 18.59 ? 17  VAL B O   1 
ATOM   141  C  CB  . VAL A 1 17  ? -5.672  -5.455  -6.628  1.00 16.38 ? 17  VAL B CB  1 
ATOM   142  C  CG1 . VAL A 1 17  ? -5.859  -4.037  -6.135  1.00 16.96 ? 17  VAL B CG1 1 
ATOM   143  C  CG2 . VAL A 1 17  ? -5.025  -6.317  -5.552  1.00 15.12 ? 17  VAL B CG2 1 
ATOM   144  N  N   . GLU A 1 18  ? -7.063  -5.148  -9.336  1.00 16.95 ? 18  GLU B N   1 
ATOM   145  C  CA  . GLU A 1 18  ? -7.470  -4.209  -10.330 1.00 18.49 ? 18  GLU B CA  1 
ATOM   146  C  C   . GLU A 1 18  ? -8.875  -4.440  -10.904 1.00 18.58 ? 18  GLU B C   1 
ATOM   147  O  O   . GLU A 1 18  ? -9.496  -3.500  -11.402 1.00 17.34 ? 18  GLU B O   1 
ATOM   148  C  CB  . GLU A 1 18  ? -6.412  -4.104  -11.403 1.00 19.55 ? 18  GLU B CB  1 
ATOM   149  C  CG  . GLU A 1 18  ? -5.216  -3.518  -10.722 1.00 23.21 ? 18  GLU B CG  1 
ATOM   150  C  CD  . GLU A 1 18  ? -4.424  -2.621  -11.611 1.00 30.08 ? 18  GLU B CD  1 
ATOM   151  O  OE1 . GLU A 1 18  ? -4.507  -2.846  -12.836 1.00 27.64 ? 18  GLU B OE1 1 
ATOM   152  O  OE2 . GLU A 1 18  ? -3.721  -1.723  -11.055 1.00 34.49 ? 18  GLU B OE2 1 
ATOM   153  N  N   . ALA A 1 19  ? -9.370  -5.650  -10.705 1.00 19.63 ? 19  ALA B N   1 
ATOM   154  C  CA  . ALA A 1 19  ? -10.734 -6.008  -11.071 1.00 22.05 ? 19  ALA B CA  1 
ATOM   155  C  C   . ALA A 1 19  ? -11.751 -5.371  -10.144 1.00 23.99 ? 19  ALA B C   1 
ATOM   156  O  O   . ALA A 1 19  ? -12.912 -5.261  -10.553 1.00 25.03 ? 19  ALA B O   1 
ATOM   157  C  CB  . ALA A 1 19  ? -10.885 -7.522  -11.128 1.00 21.88 ? 19  ALA B CB  1 
ATOM   158  N  N   . ASP A 1 20  ? -11.350 -4.941  -8.914  1.00 23.06 ? 20  ASP B N   1 
ATOM   159  C  CA  . ASP A 1 20  ? -12.175 -4.035  -8.053  1.00 24.20 ? 20  ASP B CA  1 
ATOM   160  C  C   . ASP A 1 20  ? -11.320 -3.174  -7.144  1.00 23.12 ? 20  ASP B C   1 
ATOM   161  O  O   . ASP A 1 20  ? -11.275 -3.367  -5.921  1.00 22.20 ? 20  ASP B O   1 
ATOM   162  C  CB  . ASP A 1 20  ? -13.226 -4.795  -7.211  1.00 24.93 ? 20  ASP B CB  1 
ATOM   163  C  CG  . ASP A 1 20  ? -14.147 -3.844  -6.330  1.00 28.43 ? 20  ASP B CG  1 
ATOM   164  O  OD1 . ASP A 1 20  ? -14.306 -2.607  -6.553  1.00 26.45 ? 20  ASP B OD1 1 
ATOM   165  O  OD2 . ASP A 1 20  ? -14.691 -4.383  -5.351  1.00 31.68 ? 20  ASP B OD2 1 
ATOM   166  N  N   . ILE A 1 21  ? -10.732 -2.155  -7.728  1.00 23.67 ? 21  ILE B N   1 
ATOM   167  C  CA  . ILE A 1 21  ? -9.763  -1.357  -7.008  1.00 24.16 ? 21  ILE B CA  1 
ATOM   168  C  C   . ILE A 1 21  ? -10.400 -0.582  -5.821  1.00 23.95 ? 21  ILE B C   1 
ATOM   169  O  O   . ILE A 1 21  ? -9.790  -0.469  -4.723  1.00 22.12 ? 21  ILE B O   1 
ATOM   170  C  CB  . ILE A 1 21  ? -8.976  -0.450  -7.933  1.00 24.79 ? 21  ILE B CB  1 
ATOM   171  C  CG1 . ILE A 1 21  ? -7.634  -0.077  -7.234  1.00 26.35 ? 21  ILE B CG1 1 
ATOM   172  C  CG2 . ILE A 1 21  ? -9.891  0.742   -8.438  1.00 26.21 ? 21  ILE B CG2 1 
ATOM   173  C  CD1 . ILE A 1 21  ? -6.570  0.469   -8.178  1.00 29.26 ? 21  ILE B CD1 1 
ATOM   174  N  N   . ALA A 1 22  ? -11.620 -0.090  -6.030  1.00 22.58 ? 22  ALA B N   1 
ATOM   175  C  CA  . ALA A 1 22  ? -12.343 0.608   -4.958  1.00 22.87 ? 22  ALA B CA  1 
ATOM   176  C  C   . ALA A 1 22  ? -12.621 -0.273  -3.717  1.00 21.58 ? 22  ALA B C   1 
ATOM   177  O  O   . ALA A 1 22  ? -12.376 0.162   -2.603  1.00 22.10 ? 22  ALA B O   1 
ATOM   178  C  CB  . ALA A 1 22  ? -13.667 1.211   -5.495  1.00 24.21 ? 22  ALA B CB  1 
ATOM   179  N  N   . GLY A 1 23  ? -13.175 -1.454  -3.920  1.00 19.02 ? 23  GLY B N   1 
ATOM   180  C  CA  . GLY A 1 23  ? -13.427 -2.355  -2.814  1.00 17.85 ? 23  GLY B CA  1 
ATOM   181  C  C   . GLY A 1 23  ? -12.146 -2.751  -2.075  1.00 17.38 ? 23  GLY B C   1 
ATOM   182  O  O   . GLY A 1 23  ? -12.127 -2.836  -0.836  1.00 17.41 ? 23  GLY B O   1 
ATOM   183  N  N   . HIS A 1 24  ? -11.067 -3.029  -2.827  1.00 14.99 ? 24  HIS B N   1 
ATOM   184  C  CA  . HIS A 1 24  ? -9.784  -3.350  -2.202  1.00 13.34 ? 24  HIS B CA  1 
ATOM   185  C  C   . HIS A 1 24  ? -9.216  -2.175  -1.461  1.00 12.14 ? 24  HIS B C   1 
ATOM   186  O  O   . HIS A 1 24  ? -8.734  -2.338  -0.353  1.00 12.28 ? 24  HIS B O   1 
ATOM   187  C  CB  . HIS A 1 24  ? -8.795  -3.826  -3.233  1.00 13.85 ? 24  HIS B CB  1 
ATOM   188  C  CG  . HIS A 1 24  ? -9.119  -5.177  -3.743  1.00 13.92 ? 24  HIS B CG  1 
ATOM   189  N  ND1 . HIS A 1 24  ? -10.009 -5.379  -4.776  1.00 13.78 ? 24  HIS B ND1 1 
ATOM   190  C  CD2 . HIS A 1 24  ? -8.682  -6.396  -3.365  1.00 16.39 ? 24  HIS B CD2 1 
ATOM   191  C  CE1 . HIS A 1 24  ? -10.118 -6.674  -5.006  1.00 16.42 ? 24  HIS B CE1 1 
ATOM   192  N  NE2 . HIS A 1 24  ? -9.320  -7.319  -4.165  1.00 18.05 ? 24  HIS B NE2 1 
ATOM   193  N  N   . GLY A 1 25  ? -9.296  -0.975  -2.042  1.00 11.73 ? 25  GLY B N   1 
ATOM   194  C  CA  . GLY A 1 25  ? -8.731  0.223   -1.408  1.00 13.55 ? 25  GLY B CA  1 
ATOM   195  C  C   . GLY A 1 25  ? -9.430  0.474   -0.094  1.00 14.95 ? 25  GLY B C   1 
ATOM   196  O  O   . GLY A 1 25  ? -8.820  0.728   0.903   1.00 12.80 ? 25  GLY B O   1 
ATOM   197  N  N   . GLN A 1 26  ? -10.742 0.285   -0.105  1.00 14.54 ? 26  GLN B N   1 
ATOM   198  C  CA  . GLN A 1 26  ? -11.512 0.547   1.056   1.00 17.10 ? 26  GLN B CA  1 
ATOM   199  C  C   . GLN A 1 26  ? -11.148 -0.458  2.175   1.00 15.95 ? 26  GLN B C   1 
ATOM   200  O  O   . GLN A 1 26  ? -10.914 -0.068  3.362   1.00 14.48 ? 26  GLN B O   1 
ATOM   201  C  CB  . GLN A 1 26  ? -12.986 0.442   0.619   1.00 18.02 ? 26  GLN B CB  1 
ATOM   202  C  CG  . GLN A 1 26  ? -13.915 0.838   1.683   1.00 22.70 ? 26  GLN B CG  1 
ATOM   203  C  CD  . GLN A 1 26  ? -15.324 0.366   1.384   1.00 29.16 ? 26  GLN B CD  1 
ATOM   204  O  OE1 . GLN A 1 26  ? -15.579 -0.813  1.393   1.00 32.73 ? 26  GLN B OE1 1 
ATOM   205  N  NE2 . GLN A 1 26  ? -16.223 1.287   1.106   1.00 23.89 ? 26  GLN B NE2 1 
ATOM   206  N  N   . GLU A 1 27  ? -11.074 -1.739  1.835   1.00 14.75 ? 27  GLU B N   1 
ATOM   207  C  CA  . GLU A 1 27  ? -10.738 -2.746  2.870   1.00 14.68 ? 27  GLU B CA  1 
ATOM   208  C  C   . GLU A 1 27  ? -9.340  -2.589  3.406   1.00 12.77 ? 27  GLU B C   1 
ATOM   209  O  O   . GLU A 1 27  ? -9.078  -2.902  4.589   1.00 11.79 ? 27  GLU B O   1 
ATOM   210  C  CB  . GLU A 1 27  ? -10.940 -4.165  2.353   1.00 16.79 ? 27  GLU B CB  1 
ATOM   211  C  CG  . GLU A 1 27  ? -12.404 -4.434  2.078   1.00 24.43 ? 27  GLU B CG  1 
ATOM   212  C  CD  . GLU A 1 27  ? -12.643 -5.870  1.627   1.00 34.58 ? 27  GLU B CD  1 
ATOM   213  O  OE1 . GLU A 1 27  ? -13.454 -6.037  0.703   1.00 36.60 ? 27  GLU B OE1 1 
ATOM   214  O  OE2 . GLU A 1 27  ? -12.002 -6.811  2.171   1.00 37.78 ? 27  GLU B OE2 1 
ATOM   215  N  N   . VAL A 1 28  ? -8.410  -2.183  2.559   1.00 9.99  ? 28  VAL B N   1 
ATOM   216  C  CA  . VAL A 1 28  ? -7.014  -1.978  3.015   1.00 9.66  ? 28  VAL B CA  1 
ATOM   217  C  C   . VAL A 1 28  ? -6.953  -0.835  4.052   1.00 11.25 ? 28  VAL B C   1 
ATOM   218  O  O   . VAL A 1 28  ? -6.349  -0.994  5.110   1.00 10.83 ? 28  VAL B O   1 
ATOM   219  C  CB  . VAL A 1 28  ? -6.061  -1.710  1.844   1.00 10.56 ? 28  VAL B CB  1 
ATOM   220  C  CG1 . VAL A 1 28  ? -4.655  -1.130  2.399   1.00 5.92  ? 28  VAL B CG1 1 
ATOM   221  C  CG2 . VAL A 1 28  ? -5.861  -3.111  1.007   1.00 9.70  ? 28  VAL B CG2 1 
ATOM   222  N  N   . LEU A 1 29  ? -7.562  0.323   3.736   1.00 9.99  ? 29  LEU B N   1 
ATOM   223  C  CA  . LEU A 1 29  ? -7.529  1.438   4.662   1.00 10.09 ? 29  LEU B CA  1 
ATOM   224  C  C   . LEU A 1 29  ? -8.268  1.081   5.932   1.00 10.55 ? 29  LEU B C   1 
ATOM   225  O  O   . LEU A 1 29  ? -7.832  1.442   7.003   1.00 7.90  ? 29  LEU B O   1 
ATOM   226  C  CB  . LEU A 1 29  ? -8.106  2.747   4.059   1.00 9.90  ? 29  LEU B CB  1 
ATOM   227  C  CG  . LEU A 1 29  ? -7.277  3.342   2.903   1.00 12.42 ? 29  LEU B CG  1 
ATOM   228  C  CD1 . LEU A 1 29  ? -7.942  4.642   2.258   1.00 13.01 ? 29  LEU B CD1 1 
ATOM   229  C  CD2 . LEU A 1 29  ? -5.828  3.654   3.350   1.00 14.21 ? 29  LEU B CD2 1 
ATOM   230  N  N   . ILE A 1 30  ? -9.375  0.349   5.857   1.00 10.79 ? 30  ILE B N   1 
ATOM   231  C  CA  . ILE A 1 30  ? -10.060 0.005   7.098   1.00 12.14 ? 30  ILE B CA  1 
ATOM   232  C  C   . ILE A 1 30  ? -9.231  -0.883  7.978   1.00 12.36 ? 30  ILE B C   1 
ATOM   233  O  O   . ILE A 1 30  ? -9.167  -0.698  9.185   1.00 12.58 ? 30  ILE B O   1 
ATOM   234  C  CB  . ILE A 1 30  ? -11.460 -0.639  6.806   1.00 13.23 ? 30  ILE B CB  1 
ATOM   235  C  CG1 . ILE A 1 30  ? -12.361 0.440   6.115   1.00 14.01 ? 30  ILE B CG1 1 
ATOM   236  C  CG2 . ILE A 1 30  ? -12.123 -1.136  8.103   1.00 14.57 ? 30  ILE B CG2 1 
ATOM   237  C  CD1 . ILE A 1 30  ? -13.830 -0.025  5.855   1.00 14.52 ? 30  ILE B CD1 1 
ATOM   238  N  N   . ARG A 1 31  ? -8.596  -1.871  7.382   1.00 12.02 ? 31  ARG B N   1 
ATOM   239  C  CA  . ARG A 1 31  ? -7.695  -2.737  8.140   1.00 13.01 ? 31  ARG B CA  1 
ATOM   240  C  C   . ARG A 1 31  ? -6.562  -1.898  8.775   1.00 13.11 ? 31  ARG B C   1 
ATOM   241  O  O   . ARG A 1 31  ? -6.225  -2.065  9.957   1.00 12.95 ? 31  ARG B O   1 
ATOM   242  C  CB  . ARG A 1 31  ? -7.158  -3.835  7.184   1.00 12.38 ? 31  ARG B CB  1 
ATOM   243  C  CG  . ARG A 1 31  ? -6.090  -4.748  7.763   1.00 16.76 ? 31  ARG B CG  1 
ATOM   244  C  CD  . ARG A 1 31  ? -6.782  -5.909  8.432   1.00 23.47 ? 31  ARG B CD  1 
ATOM   245  N  NE  . ARG A 1 31  ? -5.844  -6.731  9.177   1.00 25.61 ? 31  ARG B NE  1 
ATOM   246  C  CZ  . ARG A 1 31  ? -6.209  -7.624  10.097  1.00 29.24 ? 31  ARG B CZ  1 
ATOM   247  N  NH1 . ARG A 1 31  ? -7.485  -7.798  10.416  1.00 28.82 ? 31  ARG B NH1 1 
ATOM   248  N  NH2 . ARG A 1 31  ? -5.298  -8.346  10.706  1.00 28.15 ? 31  ARG B NH2 1 
ATOM   249  N  N   . LEU A 1 32  ? -6.008  -0.947  8.028   1.00 12.02 ? 32  LEU B N   1 
ATOM   250  C  CA  . LEU A 1 32  ? -4.917  -0.096  8.549   1.00 10.00 ? 32  LEU B CA  1 
ATOM   251  C  C   . LEU A 1 32  ? -5.420  0.691   9.775   1.00 11.07 ? 32  LEU B C   1 
ATOM   252  O  O   . LEU A 1 32  ? -4.755  0.722   10.857  1.00 10.24 ? 32  LEU B O   1 
ATOM   253  C  CB  . LEU A 1 32  ? -4.481  0.925   7.451   1.00 7.97  ? 32  LEU B CB  1 
ATOM   254  C  CG  . LEU A 1 32  ? -3.377  1.923   7.858   1.00 9.48  ? 32  LEU B CG  1 
ATOM   255  C  CD1 . LEU A 1 32  ? -2.067  1.157   8.230   1.00 11.90 ? 32  LEU B CD1 1 
ATOM   256  C  CD2 . LEU A 1 32  ? -3.179  2.813   6.618   1.00 11.51 ? 32  LEU B CD2 1 
ATOM   257  N  N   . PHE A 1 33  ? -6.565  1.353   9.590   1.00 11.28 ? 33  PHE B N   1 
ATOM   258  C  CA  . PHE A 1 33  ? -7.076  2.313   10.602  1.00 12.34 ? 33  PHE B CA  1 
ATOM   259  C  C   . PHE A 1 33  ? -7.609  1.640   11.839  1.00 14.85 ? 33  PHE B C   1 
ATOM   260  O  O   . PHE A 1 33  ? -7.435  2.136   12.967  1.00 14.71 ? 33  PHE B O   1 
ATOM   261  C  CB  . PHE A 1 33  ? -8.197  3.168   9.981   1.00 12.70 ? 33  PHE B CB  1 
ATOM   262  C  CG  . PHE A 1 33  ? -7.746  4.068   8.824   1.00 14.01 ? 33  PHE B CG  1 
ATOM   263  C  CD1 . PHE A 1 33  ? -6.437  4.554   8.746   1.00 15.02 ? 33  PHE B CD1 1 
ATOM   264  C  CD2 . PHE A 1 33  ? -8.665  4.504   7.905   1.00 13.00 ? 33  PHE B CD2 1 
ATOM   265  C  CE1 . PHE A 1 33  ? -6.043  5.389   7.729   1.00 10.88 ? 33  PHE B CE1 1 
ATOM   266  C  CE2 . PHE A 1 33  ? -8.320  5.361   6.847   1.00 15.44 ? 33  PHE B CE2 1 
ATOM   267  C  CZ  . PHE A 1 33  ? -7.005  5.826   6.742   1.00 14.24 ? 33  PHE B CZ  1 
ATOM   268  N  N   . THR A 1 34  ? -8.252  0.494   11.642  1.00 14.73 ? 34  THR B N   1 
ATOM   269  C  CA  . THR A 1 34  ? -8.708  -0.302  12.794  1.00 16.11 ? 34  THR B CA  1 
ATOM   270  C  C   . THR A 1 34  ? -7.555  -1.007  13.509  1.00 17.21 ? 34  THR B C   1 
ATOM   271  O  O   . THR A 1 34  ? -7.587  -1.099  14.726  1.00 16.79 ? 34  THR B O   1 
ATOM   272  C  CB  . THR A 1 34  ? -9.803  -1.342  12.414  1.00 15.33 ? 34  THR B CB  1 
ATOM   273  O  OG1 . THR A 1 34  ? -9.267  -2.255  11.465  1.00 14.93 ? 34  THR B OG1 1 
ATOM   274  C  CG2 . THR A 1 34  ? -10.984 -0.668  11.812  1.00 18.86 ? 34  THR B CG2 1 
ATOM   275  N  N   . GLY A 1 35  ? -6.570  -1.559  12.781  1.00 16.02 ? 35  GLY B N   1 
ATOM   276  C  CA  . GLY A 1 35  ? -5.424  -2.197  13.421  1.00 15.78 ? 35  GLY B CA  1 
ATOM   277  C  C   . GLY A 1 35  ? -4.419  -1.214  14.042  1.00 15.84 ? 35  GLY B C   1 
ATOM   278  O  O   . GLY A 1 35  ? -3.762  -1.528  15.049  1.00 15.60 ? 35  GLY B O   1 
ATOM   279  N  N   . HIS A 1 36  ? -4.317  -0.010  13.481  1.00 14.25 ? 36  HIS B N   1 
ATOM   280  C  CA  . HIS A 1 36  ? -3.315  1.005   13.961  1.00 14.56 ? 36  HIS B CA  1 
ATOM   281  C  C   . HIS A 1 36  ? -3.934  2.389   13.946  1.00 14.69 ? 36  HIS B C   1 
ATOM   282  O  O   . HIS A 1 36  ? -3.740  3.178   13.013  1.00 16.00 ? 36  HIS B O   1 
ATOM   283  C  CB  . HIS A 1 36  ? -2.121  0.994   13.025  1.00 14.33 ? 36  HIS B CB  1 
ATOM   284  C  CG  . HIS A 1 36  ? -1.576  -0.375  12.794  1.00 13.10 ? 36  HIS B CG  1 
ATOM   285  N  ND1 . HIS A 1 36  ? -0.721  -1.009  13.682  1.00 11.66 ? 36  HIS B ND1 1 
ATOM   286  C  CD2 . HIS A 1 36  ? -1.788  -1.255  11.785  1.00 15.73 ? 36  HIS B CD2 1 
ATOM   287  C  CE1 . HIS A 1 36  ? -0.419  -2.214  13.225  1.00 13.42 ? 36  HIS B CE1 1 
ATOM   288  N  NE2 . HIS A 1 36  ? -1.066  -2.395  12.082  1.00 13.35 ? 36  HIS B NE2 1 
ATOM   289  N  N   . PRO A 1 37  ? -4.731  2.695   14.968  1.00 15.30 ? 37  PRO B N   1 
ATOM   290  C  CA  . PRO A 1 37  ? -5.501  3.936   14.939  1.00 17.13 ? 37  PRO B CA  1 
ATOM   291  C  C   . PRO A 1 37  ? -4.678  5.232   14.871  1.00 17.40 ? 37  PRO B C   1 
ATOM   292  O  O   . PRO A 1 37  ? -5.188  6.258   14.387  1.00 18.28 ? 37  PRO B O   1 
ATOM   293  C  CB  . PRO A 1 37  ? -6.354  3.876   16.245  1.00 17.46 ? 37  PRO B CB  1 
ATOM   294  C  CG  . PRO A 1 37  ? -6.428  2.518   16.574  1.00 18.30 ? 37  PRO B CG  1 
ATOM   295  C  CD  . PRO A 1 37  ? -5.204  1.772   16.003  1.00 16.96 ? 37  PRO B CD  1 
ATOM   296  N  N   . GLU A 1 38  ? -3.428  5.208   15.332  1.00 17.32 ? 38  GLU B N   1 
ATOM   297  C  CA  . GLU A 1 38  ? -2.574  6.396   15.248  1.00 17.68 ? 38  GLU B CA  1 
ATOM   298  C  C   . GLU A 1 38  ? -2.418  6.804   13.780  1.00 18.05 ? 38  GLU B C   1 
ATOM   299  O  O   . GLU A 1 38  ? -2.272  8.013   13.489  1.00 18.45 ? 38  GLU B O   1 
ATOM   300  C  CB  . GLU A 1 38  ? -1.178  6.146   15.883  1.00 16.29 ? 38  GLU B CB  1 
ATOM   301  C  CG  . GLU A 1 38  ? -0.302  5.051   15.174  1.00 17.72 ? 38  GLU B CG  1 
ATOM   302  C  CD  . GLU A 1 38  ? -0.535  3.632   15.657  1.00 17.71 ? 38  GLU B CD  1 
ATOM   303  O  OE1 . GLU A 1 38  ? -1.698  3.270   15.983  1.00 19.62 ? 38  GLU B OE1 1 
ATOM   304  O  OE2 . GLU A 1 38  ? 0.419   2.827   15.643  1.00 19.87 ? 38  GLU B OE2 1 
ATOM   305  N  N   . THR A 1 39  ? -2.476  5.844   12.827  1.00 16.34 ? 39  THR B N   1 
ATOM   306  C  CA  . THR A 1 39  ? -2.358  6.232   11.393  1.00 15.32 ? 39  THR B CA  1 
ATOM   307  C  C   . THR A 1 39  ? -3.471  7.122   10.917  1.00 16.09 ? 39  THR B C   1 
ATOM   308  O  O   . THR A 1 39  ? -3.324  7.928   9.968   1.00 16.12 ? 39  THR B O   1 
ATOM   309  C  CB  . THR A 1 39  ? -2.266  5.037   10.416  1.00 14.88 ? 39  THR B CB  1 
ATOM   310  O  OG1 . THR A 1 39  ? -3.510  4.320   10.468  1.00 13.28 ? 39  THR B OG1 1 
ATOM   311  C  CG2 . THR A 1 39  ? -1.136  4.157   10.823  1.00 14.46 ? 39  THR B CG2 1 
ATOM   312  N  N   . LEU A 1 40  ? -4.625  6.997   11.575  1.00 17.20 ? 40  LEU B N   1 
ATOM   313  C  CA  . LEU A 1 40  ? -5.776  7.751   11.112  1.00 17.42 ? 40  LEU B CA  1 
ATOM   314  C  C   . LEU A 1 40  ? -5.612  9.235   11.442  1.00 16.97 ? 40  LEU B C   1 
ATOM   315  O  O   . LEU A 1 40  ? -6.136  10.055  10.736  1.00 19.44 ? 40  LEU B O   1 
ATOM   316  C  CB  . LEU A 1 40  ? -7.051  7.118   11.694  1.00 18.81 ? 40  LEU B CB  1 
ATOM   317  C  CG  . LEU A 1 40  ? -8.439  7.613   11.409  1.00 23.29 ? 40  LEU B CG  1 
ATOM   318  C  CD1 . LEU A 1 40  ? -8.763  7.362   9.991   1.00 24.84 ? 40  LEU B CD1 1 
ATOM   319  C  CD2 . LEU A 1 40  ? -9.445  6.910   12.447  1.00 27.23 ? 40  LEU B CD2 1 
ATOM   320  N  N   . GLU A 1 41  ? -4.830  9.586   12.441  1.00 17.86 ? 41  GLU B N   1 
ATOM   321  C  CA  . GLU A 1 41  ? -4.559  10.960  12.797  1.00 20.49 ? 41  GLU B CA  1 
ATOM   322  C  C   . GLU A 1 41  ? -3.873  11.722  11.679  1.00 21.25 ? 41  GLU B C   1 
ATOM   323  O  O   . GLU A 1 41  ? -3.939  12.923  11.667  1.00 22.02 ? 41  GLU B O   1 
ATOM   324  C  CB  . GLU A 1 41  ? -3.638  11.057  13.994  1.00 21.59 ? 41  GLU B CB  1 
ATOM   325  C  CG  . GLU A 1 41  ? -4.246  10.455  15.251  1.00 30.13 ? 41  GLU B CG  1 
ATOM   326  C  CD  . GLU A 1 41  ? -3.404  10.724  16.477  1.00 38.52 ? 41  GLU B CD  1 
ATOM   327  O  OE1 . GLU A 1 41  ? -3.997  10.894  17.564  1.00 42.67 ? 41  GLU B OE1 1 
ATOM   328  O  OE2 . GLU A 1 41  ? -2.154  10.777  16.341  1.00 45.40 ? 41  GLU B OE2 1 
ATOM   329  N  N   . LYS A 1 42  ? -3.256  11.042  10.718  1.00 19.38 ? 42  LYS B N   1 
ATOM   330  C  CA  . LYS A 1 42  ? -2.617  11.746  9.594   1.00 17.77 ? 42  LYS B CA  1 
ATOM   331  C  C   . LYS A 1 42  ? -3.621  12.288  8.579   1.00 17.58 ? 42  LYS B C   1 
ATOM   332  O  O   . LYS A 1 42  ? -3.263  13.065  7.702   1.00 17.44 ? 42  LYS B O   1 
ATOM   333  C  CB  . LYS A 1 42  ? -1.648  10.785  8.912   1.00 18.03 ? 42  LYS B CB  1 
ATOM   334  C  CG  . LYS A 1 42  ? -0.430  10.432  9.797   1.00 19.69 ? 42  LYS B CG  1 
ATOM   335  C  CD  . LYS A 1 42  ? 0.646   11.490  9.753   1.00 21.55 ? 42  LYS B CD  1 
ATOM   336  C  CE  . LYS A 1 42  ? 1.829   11.137  10.604  1.00 23.29 ? 42  LYS B CE  1 
ATOM   337  N  NZ  . LYS A 1 42  ? 2.724   12.398  10.786  1.00 23.94 ? 42  LYS B NZ  1 
ATOM   338  N  N   . PHE A 1 43  ? -4.872  11.839  8.656   1.00 17.02 ? 43  PHE B N   1 
ATOM   339  C  CA  . PHE A 1 43  ? -5.844  12.136  7.651   1.00 18.94 ? 43  PHE B CA  1 
ATOM   340  C  C   . PHE A 1 43  ? -6.894  13.177  8.127   1.00 21.16 ? 43  PHE B C   1 
ATOM   341  O  O   . PHE A 1 43  ? -7.977  12.826  8.699   1.00 19.86 ? 43  PHE B O   1 
ATOM   342  C  CB  . PHE A 1 43  ? -6.548  10.896  7.104   1.00 18.36 ? 43  PHE B CB  1 
ATOM   343  C  CG  . PHE A 1 43  ? -5.649  9.915   6.394   1.00 16.24 ? 43  PHE B CG  1 
ATOM   344  C  CD1 . PHE A 1 43  ? -4.864  9.046   7.117   1.00 17.00 ? 43  PHE B CD1 1 
ATOM   345  C  CD2 . PHE A 1 43  ? -5.645  9.839   5.024   1.00 16.62 ? 43  PHE B CD2 1 
ATOM   346  C  CE1 . PHE A 1 43  ? -4.049  8.101   6.481   1.00 17.37 ? 43  PHE B CE1 1 
ATOM   347  C  CE2 . PHE A 1 43  ? -4.827  8.867   4.361   1.00 17.73 ? 43  PHE B CE2 1 
ATOM   348  C  CZ  . PHE A 1 43  ? -4.049  8.010   5.105   1.00 15.20 ? 43  PHE B CZ  1 
ATOM   349  N  N   . LYS A 1 44  ? -6.589  14.449  7.872   1.00 21.98 ? 44  LYS B N   1 
ATOM   350  C  CA  . LYS A 1 44  ? -7.561  15.520  8.212   1.00 24.04 ? 44  LYS B CA  1 
ATOM   351  C  C   . LYS A 1 44  ? -8.954  15.256  7.676   1.00 25.78 ? 44  LYS B C   1 
ATOM   352  O  O   . LYS A 1 44  ? -9.922  15.560  8.338   1.00 27.49 ? 44  LYS B O   1 
ATOM   353  C  CB  . LYS A 1 44  ? -7.061  16.878  7.689   1.00 25.67 ? 44  LYS B CB  1 
ATOM   354  C  CG  . LYS A 1 44  ? -5.783  17.319  8.372   1.00 26.42 ? 44  LYS B CG  1 
ATOM   355  C  CD  . LYS A 1 44  ? -5.498  18.810  8.075   1.00 30.35 ? 44  LYS B CD  1 
ATOM   356  C  CE  . LYS A 1 44  ? -4.928  19.048  6.670   1.00 37.49 ? 44  LYS B CE  1 
ATOM   357  N  NZ  . LYS A 1 44  ? -4.254  20.436  6.586   1.00 37.79 ? 44  LYS B NZ  1 
ATOM   358  N  N   . LYS A 1 45  ? -9.069  14.671  6.484   1.00 26.08 ? 45  LYS B N   1 
ATOM   359  C  CA  . LYS A 1 45  ? -10.362 14.350  5.912   1.00 27.58 ? 45  LYS B CA  1 
ATOM   360  C  C   . LYS A 1 45  ? -11.104 13.253  6.671   1.00 27.76 ? 45  LYS B C   1 
ATOM   361  O  O   . LYS A 1 45  ? -12.314 13.216  6.587   1.00 28.74 ? 45  LYS B O   1 
ATOM   362  C  CB  . LYS A 1 45  ? -10.223 14.021  4.409   1.00 28.68 ? 45  LYS B CB  1 
ATOM   363  C  CG  . LYS A 1 45  ? -9.665  15.181  3.567   1.00 31.85 ? 45  LYS B CG  1 
ATOM   364  C  CD  . LYS A 1 45  ? -9.386  14.823  2.098   1.00 40.81 ? 45  LYS B CD  1 
ATOM   365  C  CE  . LYS A 1 45  ? -10.265 13.634  1.611   1.00 44.48 ? 45  LYS B CE  1 
ATOM   366  N  NZ  . LYS A 1 45  ? -10.871 13.786  0.230   1.00 47.64 ? 45  LYS B NZ  1 
ATOM   367  N  N   . PHE A 1 46  ? -10.402 12.368  7.390   1.00 27.35 ? 46  PHE B N   1 
ATOM   368  C  CA  . PHE A 1 46  ? -10.993 11.143  7.947   1.00 27.83 ? 46  PHE B CA  1 
ATOM   369  C  C   . PHE A 1 46  ? -10.944 10.968  9.437   1.00 28.88 ? 46  PHE B C   1 
ATOM   370  O  O   . PHE A 1 46  ? -11.591 10.063  9.959   1.00 29.73 ? 46  PHE B O   1 
ATOM   371  C  CB  . PHE A 1 46  ? -10.250 9.877   7.456   1.00 26.69 ? 46  PHE B CB  1 
ATOM   372  C  CG  . PHE A 1 46  ? -10.162 9.754   5.982   1.00 25.15 ? 46  PHE B CG  1 
ATOM   373  C  CD1 . PHE A 1 46  ? -11.174 10.250  5.172   1.00 25.39 ? 46  PHE B CD1 1 
ATOM   374  C  CD2 . PHE A 1 46  ? -9.087  9.128   5.391   1.00 23.29 ? 46  PHE B CD2 1 
ATOM   375  C  CE1 . PHE A 1 46  ? -11.087 10.154  3.806   1.00 24.04 ? 46  PHE B CE1 1 
ATOM   376  C  CE2 . PHE A 1 46  ? -9.011  9.025   4.014   1.00 23.01 ? 46  PHE B CE2 1 
ATOM   377  C  CZ  . PHE A 1 46  ? -9.976  9.546   3.230   1.00 26.16 ? 46  PHE B CZ  1 
ATOM   378  N  N   . LYS A 1 47  ? -10.093 11.720  10.128  1.00 29.60 ? 47  LYS B N   1 
ATOM   379  C  CA  . LYS A 1 47  ? -9.654  11.233  11.439  1.00 29.81 ? 47  LYS B CA  1 
ATOM   380  C  C   . LYS A 1 47  ? -10.788 11.163  12.440  1.00 29.36 ? 47  LYS B C   1 
ATOM   381  O  O   . LYS A 1 47  ? -10.676 10.491  13.460  1.00 29.45 ? 47  LYS B O   1 
ATOM   382  C  CB  . LYS A 1 47  ? -8.452  12.009  11.978  1.00 29.28 ? 47  LYS B CB  1 
ATOM   383  C  CG  . LYS A 1 47  ? -8.603  13.504  12.051  1.00 30.80 ? 47  LYS B CG  1 
ATOM   384  C  CD  . LYS A 1 47  ? -7.184  14.073  12.322  1.00 28.92 ? 47  LYS B CD  1 
ATOM   385  C  CE  . LYS A 1 47  ? -7.202  15.140  13.275  1.00 28.81 ? 47  LYS B CE  1 
ATOM   386  N  NZ  . LYS A 1 47  ? -5.954  15.869  13.122  1.00 26.38 ? 47  LYS B NZ  1 
ATOM   387  N  N   . HIS A 1 48  ? -11.866 11.882  12.127  1.00 30.32 ? 48  HIS B N   1 
ATOM   388  C  CA  . HIS A 1 48  ? -13.125 11.869  12.886  1.00 31.44 ? 48  HIS B CA  1 
ATOM   389  C  C   . HIS A 1 48  ? -13.920 10.527  12.842  1.00 31.95 ? 48  HIS B C   1 
ATOM   390  O  O   . HIS A 1 48  ? -14.728 10.258  13.765  1.00 31.01 ? 48  HIS B O   1 
ATOM   391  C  CB  . HIS A 1 48  ? -14.014 13.042  12.442  1.00 32.04 ? 48  HIS B CB  1 
ATOM   392  C  CG  . HIS A 1 48  ? -14.707 12.821  11.117  1.00 34.12 ? 48  HIS B CG  1 
ATOM   393  N  ND1 . HIS A 1 48  ? -14.059 12.951  9.903   1.00 37.41 ? 48  HIS B ND1 1 
ATOM   394  C  CD2 . HIS A 1 48  ? -15.986 12.473  10.824  1.00 35.30 ? 48  HIS B CD2 1 
ATOM   395  C  CE1 . HIS A 1 48  ? -14.906 12.682  8.918   1.00 39.43 ? 48  HIS B CE1 1 
ATOM   396  N  NE2 . HIS A 1 48  ? -16.078 12.378  9.451   1.00 38.14 ? 48  HIS B NE2 1 
ATOM   397  N  N   . LEU A 1 49  ? -13.688 9.705   11.792  1.00 31.21 ? 49  LEU B N   1 
ATOM   398  C  CA  . LEU A 1 49  ? -14.342 8.385   11.671  1.00 29.74 ? 49  LEU B CA  1 
ATOM   399  C  C   . LEU A 1 49  ? -13.902 7.515   12.836  1.00 29.81 ? 49  LEU B C   1 
ATOM   400  O  O   . LEU A 1 49  ? -12.724 7.269   13.020  1.00 31.32 ? 49  LEU B O   1 
ATOM   401  C  CB  . LEU A 1 49  ? -14.037 7.743   10.324  1.00 29.17 ? 49  LEU B CB  1 
ATOM   402  C  CG  . LEU A 1 49  ? -14.532 8.545   9.110   1.00 30.60 ? 49  LEU B CG  1 
ATOM   403  C  CD1 . LEU A 1 49  ? -13.808 8.127   7.805   1.00 32.20 ? 49  LEU B CD1 1 
ATOM   404  C  CD2 . LEU A 1 49  ? -16.064 8.490   8.898   1.00 30.17 ? 49  LEU B CD2 1 
ATOM   405  N  N   . LYS A 1 50  ? -14.832 7.117   13.682  1.00 28.14 ? 50  LYS B N   1 
ATOM   406  C  CA  . LYS A 1 50  ? -14.444 6.437   14.916  1.00 28.78 ? 50  LYS B CA  1 
ATOM   407  C  C   . LYS A 1 50  ? -14.624 4.935   14.873  1.00 26.57 ? 50  LYS B C   1 
ATOM   408  O  O   . LYS A 1 50  ? -14.177 4.249   15.788  1.00 29.53 ? 50  LYS B O   1 
ATOM   409  C  CB  . LYS A 1 50  ? -15.294 6.914   16.102  1.00 30.42 ? 50  LYS B CB  1 
ATOM   410  C  CG  . LYS A 1 50  ? -15.754 8.370   16.163  1.00 36.12 ? 50  LYS B CG  1 
ATOM   411  C  CD  . LYS A 1 50  ? -16.798 8.549   17.345  1.00 40.27 ? 50  LYS B CD  1 
ATOM   412  C  CE  . LYS A 1 50  ? -18.208 8.057   16.942  1.00 41.89 ? 50  LYS B CE  1 
ATOM   413  N  NZ  . LYS A 1 50  ? -18.964 9.065   16.050  1.00 41.96 ? 50  LYS B NZ  1 
ATOM   414  N  N   . THR A 1 51  ? -15.384 4.407   13.915  1.00 23.30 ? 51  THR B N   1 
ATOM   415  C  CA  . THR A 1 51  ? -15.694 2.990   13.940  1.00 20.60 ? 51  THR B CA  1 
ATOM   416  C  C   . THR A 1 51  ? -15.571 2.424   12.517  1.00 19.72 ? 51  THR B C   1 
ATOM   417  O  O   . THR A 1 51  ? -15.696 3.148   11.535  1.00 16.53 ? 51  THR B O   1 
ATOM   418  C  CB  . THR A 1 51  ? -17.168 2.728   14.421  1.00 20.70 ? 51  THR B CB  1 
ATOM   419  O  OG1 . THR A 1 51  ? -18.054 3.327   13.481  1.00 17.47 ? 51  THR B OG1 1 
ATOM   420  C  CG2 . THR A 1 51  ? -17.474 3.264   15.865  1.00 19.56 ? 51  THR B CG2 1 
ATOM   421  N  N   . GLU A 1 52  ? -15.377 1.117   12.421  1.00 20.15 ? 52  GLU B N   1 
ATOM   422  C  CA  . GLU A 1 52  ? -15.407 0.441   11.129  1.00 19.69 ? 52  GLU B CA  1 
ATOM   423  C  C   . GLU A 1 52  ? -16.649 0.803   10.297  1.00 18.85 ? 52  GLU B C   1 
ATOM   424  O  O   . GLU A 1 52  ? -16.593 1.078   9.106   1.00 17.76 ? 52  GLU B O   1 
ATOM   425  C  CB  . GLU A 1 52  ? -15.331 -1.076  11.364  1.00 20.54 ? 52  GLU B CB  1 
ATOM   426  C  CG  . GLU A 1 52  ? -15.311 -1.830  10.049  1.00 25.94 ? 52  GLU B CG  1 
ATOM   427  C  CD  . GLU A 1 52  ? -14.862 -3.275  10.185  1.00 32.75 ? 52  GLU B CD  1 
ATOM   428  O  OE1 . GLU A 1 52  ? -14.180 -3.550  11.202  1.00 31.95 ? 52  GLU B OE1 1 
ATOM   429  O  OE2 . GLU A 1 52  ? -15.174 -4.076  9.247   1.00 33.18 ? 52  GLU B OE2 1 
ATOM   430  N  N   . ALA A 1 53  ? -17.809 0.818   10.934  1.00 17.63 ? 53  ALA B N   1 
ATOM   431  C  CA  . ALA A 1 53  ? -19.025 1.134   10.231  1.00 16.56 ? 53  ALA B CA  1 
ATOM   432  C  C   . ALA A 1 53  ? -19.016 2.512   9.621   1.00 16.18 ? 53  ALA B C   1 
ATOM   433  O  O   . ALA A 1 53  ? -19.470 2.691   8.490   1.00 15.59 ? 53  ALA B O   1 
ATOM   434  C  CB  . ALA A 1 53  ? -20.268 1.001   11.210  1.00 16.65 ? 53  ALA B CB  1 
ATOM   435  N  N   . GLU A 1 54  ? -18.552 3.512   10.371  1.00 13.70 ? 54  GLU B N   1 
ATOM   436  C  CA  . GLU A 1 54  ? -18.437 4.820   9.818   1.00 14.23 ? 54  GLU B CA  1 
ATOM   437  C  C   . GLU A 1 54  ? -17.447 4.838   8.630   1.00 13.40 ? 54  GLU B C   1 
ATOM   438  O  O   . GLU A 1 54  ? -17.709 5.480   7.636   1.00 13.90 ? 54  GLU B O   1 
ATOM   439  C  CB  . GLU A 1 54  ? -17.980 5.826   10.908  1.00 12.10 ? 54  GLU B CB  1 
ATOM   440  C  CG  . GLU A 1 54  ? -19.087 6.094   11.888  1.00 17.28 ? 54  GLU B CG  1 
ATOM   441  C  CD  . GLU A 1 54  ? -18.607 6.983   13.059  1.00 26.57 ? 54  GLU B CD  1 
ATOM   442  O  OE1 . GLU A 1 54  ? -17.469 7.534   12.992  1.00 28.38 ? 54  GLU B OE1 1 
ATOM   443  O  OE2 . GLU A 1 54  ? -19.386 7.102   14.044  1.00 30.73 ? 54  GLU B OE2 1 
ATOM   444  N  N   . MET A 1 55  ? -16.309 4.139   8.769   1.00 14.04 ? 55  MET B N   1 
ATOM   445  C  CA  . MET A 1 55  ? -15.344 4.042   7.696   1.00 14.89 ? 55  MET B CA  1 
ATOM   446  C  C   . MET A 1 55  ? -15.946 3.399   6.429   1.00 15.06 ? 55  MET B C   1 
ATOM   447  O  O   . MET A 1 55  ? -15.709 3.922   5.322   1.00 17.18 ? 55  MET B O   1 
ATOM   448  C  CB  . MET A 1 55  ? -14.105 3.279   8.168   1.00 15.03 ? 55  MET B CB  1 
ATOM   449  C  CG  . MET A 1 55  ? -13.282 4.005   9.268   1.00 14.37 ? 55  MET B CG  1 
ATOM   450  S  SD  . MET A 1 55  ? -12.082 2.782   9.827   1.00 19.00 ? 55  MET B SD  1 
ATOM   451  C  CE  . MET A 1 55  ? -11.631 3.433   11.400  1.00 19.17 ? 55  MET B CE  1 
ATOM   452  N  N   . LYS A 1 56  ? -16.703 2.328   6.554   1.00 16.35 ? 56  LYS B N   1 
ATOM   453  C  CA  . LYS A 1 56  ? -17.295 1.654   5.342   1.00 18.90 ? 56  LYS B CA  1 
ATOM   454  C  C   . LYS A 1 56  ? -18.218 2.622   4.639   1.00 19.93 ? 56  LYS B C   1 
ATOM   455  O  O   . LYS A 1 56  ? -18.442 2.516   3.430   1.00 19.70 ? 56  LYS B O   1 
ATOM   456  C  CB  . LYS A 1 56  ? -18.118 0.417   5.691   1.00 20.62 ? 56  LYS B CB  1 
ATOM   457  C  CG  . LYS A 1 56  ? -17.392 -0.762  6.202   1.00 25.41 ? 56  LYS B CG  1 
ATOM   458  C  CD  . LYS A 1 56  ? -18.154 -2.102  5.995   1.00 38.13 ? 56  LYS B CD  1 
ATOM   459  C  CE  . LYS A 1 56  ? -17.770 -3.142  7.092   1.00 42.42 ? 56  LYS B CE  1 
ATOM   460  N  NZ  . LYS A 1 56  ? -16.287 -3.486  7.155   1.00 47.71 ? 56  LYS B NZ  1 
ATOM   461  N  N   . ALA A 1 57  ? -18.772 3.578   5.384   1.00 20.32 ? 57  ALA B N   1 
ATOM   462  C  CA  . ALA A 1 57  ? -19.850 4.411   4.809   1.00 20.75 ? 57  ALA B CA  1 
ATOM   463  C  C   . ALA A 1 57  ? -19.270 5.646   4.140   1.00 21.40 ? 57  ALA B C   1 
ATOM   464  O  O   . ALA A 1 57  ? -19.988 6.421   3.485   1.00 20.72 ? 57  ALA B O   1 
ATOM   465  C  CB  . ALA A 1 57  ? -20.874 4.801   5.884   1.00 20.71 ? 57  ALA B CB  1 
ATOM   466  N  N   . SER A 1 58  ? -17.950 5.806   4.282   1.00 19.48 ? 58  SER B N   1 
ATOM   467  C  CA  . SER A 1 58  ? -17.283 7.020   3.869   1.00 20.10 ? 58  SER B CA  1 
ATOM   468  C  C   . SER A 1 58  ? -16.893 6.923   2.386   1.00 20.50 ? 58  SER B C   1 
ATOM   469  O  O   . SER A 1 58  ? -16.065 6.091   1.989   1.00 17.93 ? 58  SER B O   1 
ATOM   470  C  CB  . SER A 1 58  ? -16.093 7.331   4.792   1.00 19.11 ? 58  SER B CB  1 
ATOM   471  O  OG  . SER A 1 58  ? -15.321 8.337   4.165   1.00 20.79 ? 58  SER B OG  1 
ATOM   472  N  N   . GLU A 1 59  ? -17.537 7.753   1.554   1.00 20.51 ? 59  GLU B N   1 
ATOM   473  C  CA  . GLU A 1 59  ? -17.182 7.833   0.148   1.00 22.78 ? 59  GLU B CA  1 
ATOM   474  C  C   . GLU A 1 59  ? -15.762 8.394   -0.073  1.00 21.51 ? 59  GLU B C   1 
ATOM   475  O  O   . GLU A 1 59  ? -15.064 7.900   -0.946  1.00 20.96 ? 59  GLU B O   1 
ATOM   476  C  CB  . GLU A 1 59  ? -18.226 8.640   -0.650  1.00 24.66 ? 59  GLU B CB  1 
ATOM   477  C  CG  . GLU A 1 59  ? -18.009 8.571   -2.176  1.00 32.32 ? 59  GLU B CG  1 
ATOM   478  C  CD  . GLU A 1 59  ? -18.208 7.154   -2.736  1.00 42.16 ? 59  GLU B CD  1 
ATOM   479  O  OE1 . GLU A 1 59  ? -17.486 6.776   -3.721  1.00 45.27 ? 59  GLU B OE1 1 
ATOM   480  O  OE2 . GLU A 1 59  ? -19.047 6.411   -2.145  1.00 44.48 ? 59  GLU B OE2 1 
ATOM   481  N  N   . LYS A 1 60  ? -15.356 9.409   0.699   1.00 20.81 ? 60  LYS B N   1 
ATOM   482  C  CA  . LYS A 1 60  ? -14.004 10.033  0.616   1.00 20.51 ? 60  LYS B CA  1 
ATOM   483  C  C   . LYS A 1 60  ? -12.946 8.960   0.913   1.00 19.72 ? 60  LYS B C   1 
ATOM   484  O  O   . LYS A 1 60  ? -11.917 8.890   0.253   1.00 19.42 ? 60  LYS B O   1 
ATOM   485  C  CB  . LYS A 1 60  ? -13.834 11.108  1.661   1.00 22.48 ? 60  LYS B CB  1 
ATOM   486  C  CG  . LYS A 1 60  ? -14.542 12.456  1.433   1.00 27.22 ? 60  LYS B CG  1 
ATOM   487  C  CD  . LYS A 1 60  ? -14.284 13.291  2.702   1.00 33.77 ? 60  LYS B CD  1 
ATOM   488  C  CE  . LYS A 1 60  ? -14.198 14.813  2.438   1.00 40.20 ? 60  LYS B CE  1 
ATOM   489  N  NZ  . LYS A 1 60  ? -15.457 15.430  1.837   1.00 41.15 ? 60  LYS B NZ  1 
ATOM   490  N  N   . LEU A 1 61  ? -13.245 8.063   1.842   1.00 17.11 ? 61  LEU B N   1 
ATOM   491  C  CA  . LEU A 1 61  ? -12.257 7.067   2.256   1.00 16.48 ? 61  LEU B CA  1 
ATOM   492  C  C   . LEU A 1 61  ? -12.035 6.068   1.143   1.00 15.57 ? 61  LEU B C   1 
ATOM   493  O  O   . LEU A 1 61  ? -10.891 5.621   0.876   1.00 14.57 ? 61  LEU B O   1 
ATOM   494  C  CB  . LEU A 1 61  ? -12.678 6.381   3.587   1.00 14.93 ? 61  LEU B CB  1 
ATOM   495  C  CG  . LEU A 1 61  ? -11.662 5.379   4.152   1.00 12.43 ? 61  LEU B CG  1 
ATOM   496  C  CD1 . LEU A 1 61  ? -11.944 5.172   5.599   1.00 14.75 ? 61  LEU B CD1 1 
ATOM   497  C  CD2 . LEU A 1 61  ? -11.779 4.057   3.399   1.00 13.71 ? 61  LEU B CD2 1 
ATOM   498  N  N   . LYS A 1 62  ? -13.157 5.655   0.524   1.00 16.24 ? 62  LYS B N   1 
ATOM   499  C  CA  . LYS A 1 62  ? -13.124 4.717   -0.554  1.00 15.59 ? 62  LYS B CA  1 
ATOM   500  C  C   . LYS A 1 62  ? -12.347 5.344   -1.722  1.00 15.69 ? 62  LYS B C   1 
ATOM   501  O  O   . LYS A 1 62  ? -11.486 4.666   -2.337  1.00 15.75 ? 62  LYS B O   1 
ATOM   502  C  CB  . LYS A 1 62  ? -14.541 4.306   -0.956  1.00 15.00 ? 62  LYS B CB  1 
ATOM   503  C  CG  . LYS A 1 62  ? -14.575 3.324   -2.101  1.00 16.99 ? 62  LYS B CG  1 
ATOM   504  C  CD  . LYS A 1 62  ? -16.022 3.120   -2.595  1.00 24.83 ? 62  LYS B CD  1 
ATOM   505  C  CE  . LYS A 1 62  ? -16.249 1.624   -2.793  1.00 32.19 ? 62  LYS B CE  1 
ATOM   506  N  NZ  . LYS A 1 62  ? -17.564 1.310   -3.476  1.00 39.47 ? 62  LYS B NZ  1 
ATOM   507  N  N   . LYS A 1 63  ? -12.606 6.618   -2.029  1.00 16.53 ? 63  LYS B N   1 
ATOM   508  C  CA  . LYS A 1 63  ? -11.871 7.247   -3.155  1.00 17.55 ? 63  LYS B CA  1 
ATOM   509  C  C   . LYS A 1 63  ? -10.363 7.283   -2.823  1.00 16.33 ? 63  LYS B C   1 
ATOM   510  O  O   . LYS A 1 63  ? -9.527  7.018   -3.688  1.00 15.46 ? 63  LYS B O   1 
ATOM   511  C  CB  . LYS A 1 63  ? -12.350 8.651   -3.457  1.00 19.22 ? 63  LYS B CB  1 
ATOM   512  C  CG  . LYS A 1 63  ? -13.679 8.700   -4.234  1.00 25.35 ? 63  LYS B CG  1 
ATOM   513  C  CD  . LYS A 1 63  ? -14.092 10.177  -4.436  1.00 30.73 ? 63  LYS B CD  1 
ATOM   514  C  CE  . LYS A 1 63  ? -15.626 10.293  -4.750  1.00 36.53 ? 63  LYS B CE  1 
ATOM   515  N  NZ  . LYS A 1 63  ? -16.161 11.644  -4.262  1.00 37.71 ? 63  LYS B NZ  1 
ATOM   516  N  N   . HIS A 1 64  ? -10.018 7.608   -1.589  1.00 16.24 ? 64  HIS B N   1 
ATOM   517  C  CA  . HIS A 1 64  ? -8.595  7.647   -1.220  1.00 15.66 ? 64  HIS B CA  1 
ATOM   518  C  C   . HIS A 1 64  ? -7.962  6.257   -1.309  1.00 14.36 ? 64  HIS B C   1 
ATOM   519  O  O   . HIS A 1 64  ? -6.806  6.115   -1.751  1.00 17.21 ? 64  HIS B O   1 
ATOM   520  C  CB  . HIS A 1 64  ? -8.345  8.251   0.179   1.00 15.75 ? 64  HIS B CB  1 
ATOM   521  C  CG  . HIS A 1 64  ? -6.904  8.472   0.424   1.00 16.72 ? 64  HIS B CG  1 
ATOM   522  N  ND1 . HIS A 1 64  ? -6.160  9.323   -0.368  1.00 18.97 ? 64  HIS B ND1 1 
ATOM   523  C  CD2 . HIS A 1 64  ? -6.031  7.863   1.264   1.00 19.55 ? 64  HIS B CD2 1 
ATOM   524  C  CE1 . HIS A 1 64  ? -4.897  9.262   0.003   1.00 21.67 ? 64  HIS B CE1 1 
ATOM   525  N  NE2 . HIS A 1 64  ? -4.789  8.380   0.989   1.00 18.47 ? 64  HIS B NE2 1 
ATOM   526  N  N   . GLY A 1 65  ? -8.667  5.241   -0.853  1.00 13.95 ? 65  GLY B N   1 
ATOM   527  C  CA  . GLY A 1 65  ? -8.194  3.854   -1.073  1.00 13.09 ? 65  GLY B CA  1 
ATOM   528  C  C   . GLY A 1 65  ? -7.850  3.552   -2.539  1.00 13.34 ? 65  GLY B C   1 
ATOM   529  O  O   . GLY A 1 65  ? -6.815  2.918   -2.842  1.00 12.93 ? 65  GLY B O   1 
ATOM   530  N  N   . THR A 1 66  ? -8.699  4.006   -3.457  1.00 13.65 ? 66  THR B N   1 
ATOM   531  C  CA  . THR A 1 66  ? -8.396  3.891   -4.881  1.00 15.97 ? 66  THR B CA  1 
ATOM   532  C  C   . THR A 1 66  ? -7.082  4.585   -5.314  1.00 13.98 ? 66  THR B C   1 
ATOM   533  O  O   . THR A 1 66  ? -6.237  4.006   -6.040  1.00 15.21 ? 66  THR B O   1 
ATOM   534  C  CB  . THR A 1 66  ? -9.556  4.385   -5.738  1.00 16.44 ? 66  THR B CB  1 
ATOM   535  O  OG1 . THR A 1 66  ? -10.742 3.692   -5.322  1.00 22.05 ? 66  THR B OG1 1 
ATOM   536  C  CG2 . THR A 1 66  ? -9.272  4.080   -7.198  1.00 18.91 ? 66  THR B CG2 1 
ATOM   537  N  N   . VAL A 1 67  ? -6.945  5.821   -4.857  1.00 14.26 ? 67  VAL B N   1 
ATOM   538  C  CA  . VAL A 1 67  ? -5.735  6.643   -5.132  1.00 14.08 ? 67  VAL B CA  1 
ATOM   539  C  C   . VAL A 1 67  ? -4.474  5.917   -4.673  1.00 12.29 ? 67  VAL B C   1 
ATOM   540  O  O   . VAL A 1 67  ? -3.479  5.819   -5.420  1.00 9.65  ? 67  VAL B O   1 
ATOM   541  C  CB  . VAL A 1 67  ? -5.891  8.007   -4.475  1.00 13.67 ? 67  VAL B CB  1 
ATOM   542  C  CG1 . VAL A 1 67  ? -4.593  8.760   -4.419  1.00 16.30 ? 67  VAL B CG1 1 
ATOM   543  C  CG2 . VAL A 1 67  ? -6.970  8.828   -5.291  1.00 17.22 ? 67  VAL B CG2 1 
ATOM   544  N  N   . VAL A 1 68  ? -4.567  5.344   -3.480  1.00 11.83 ? 68  VAL B N   1 
ATOM   545  C  CA  . VAL A 1 68  ? -3.372  4.713   -2.827  1.00 10.70 ? 68  VAL B CA  1 
ATOM   546  C  C   . VAL A 1 68  ? -3.031  3.430   -3.616  1.00 11.49 ? 68  VAL B C   1 
ATOM   547  O  O   . VAL A 1 68  ? -1.889  3.200   -3.979  1.00 10.98 ? 68  VAL B O   1 
ATOM   548  C  CB  . VAL A 1 68  ? -3.702  4.350   -1.388  1.00 9.80  ? 68  VAL B CB  1 
ATOM   549  C  CG1 . VAL A 1 68  ? -2.641  3.322   -0.836  1.00 10.96 ? 68  VAL B CG1 1 
ATOM   550  C  CG2 . VAL A 1 68  ? -3.711  5.607   -0.511  1.00 10.68 ? 68  VAL B CG2 1 
ATOM   551  N  N   . LEU A 1 69  ? -4.017  2.573   -3.851  1.00 10.84 ? 69  LEU B N   1 
ATOM   552  C  CA  . LEU A 1 69  ? -3.721  1.329   -4.562  1.00 12.54 ? 69  LEU B CA  1 
ATOM   553  C  C   . LEU A 1 69  ? -3.372  1.581   -6.007  1.00 11.89 ? 69  LEU B C   1 
ATOM   554  O  O   . LEU A 1 69  ? -2.626  0.745   -6.572  1.00 10.33 ? 69  LEU B O   1 
ATOM   555  C  CB  . LEU A 1 69  ? -4.794  0.260   -4.471  1.00 13.61 ? 69  LEU B CB  1 
ATOM   556  C  CG  . LEU A 1 69  ? -5.094  -0.212  -3.030  1.00 14.94 ? 69  LEU B CG  1 
ATOM   557  C  CD1 . LEU A 1 69  ? -5.999  -1.435  -3.048  1.00 15.81 ? 69  LEU B CD1 1 
ATOM   558  C  CD2 . LEU A 1 69  ? -3.792  -0.554  -2.260  1.00 14.09 ? 69  LEU B CD2 1 
ATOM   559  N  N   . THR A 1 70  ? -3.949  2.640   -6.620  1.00 12.28 ? 70  THR B N   1 
ATOM   560  C  CA  . THR A 1 70  ? -3.629  2.967   -8.034  1.00 11.29 ? 70  THR B CA  1 
ATOM   561  C  C   . THR A 1 70  ? -2.135  3.279   -8.154  1.00 10.78 ? 70  THR B C   1 
ATOM   562  O  O   . THR A 1 70  ? -1.422  2.719   -9.038  1.00 12.61 ? 70  THR B O   1 
ATOM   563  C  CB  . THR A 1 70  ? -4.508  4.074   -8.598  1.00 11.39 ? 70  THR B CB  1 
ATOM   564  O  OG1 . THR A 1 70  ? -5.834  3.533   -8.684  1.00 13.62 ? 70  THR B OG1 1 
ATOM   565  C  CG2 . THR A 1 70  ? -4.005  4.530   -10.013 1.00 14.19 ? 70  THR B CG2 1 
ATOM   566  N  N   . ALA A 1 71  ? -1.663  4.123   -7.240  1.00 10.89 ? 71  ALA B N   1 
ATOM   567  C  CA  . ALA A 1 71  ? -0.230  4.513   -7.173  1.00 9.86  ? 71  ALA B CA  1 
ATOM   568  C  C   . ALA A 1 71  ? 0.705   3.311   -6.906  1.00 10.38 ? 71  ALA B C   1 
ATOM   569  O  O   . ALA A 1 71  ? 1.764   3.124   -7.623  1.00 7.83  ? 71  ALA B O   1 
ATOM   570  C  CB  . ALA A 1 71  ? 0.005   5.562   -6.145  1.00 10.17 ? 71  ALA B CB  1 
ATOM   571  N  N   . LEU A 1 72  ? 0.326   2.509   -5.902  1.00 9.39  ? 72  LEU B N   1 
ATOM   572  C  CA  . LEU A 1 72  ? 1.138   1.348   -5.595  1.00 9.51  ? 72  LEU B CA  1 
ATOM   573  C  C   . LEU A 1 72  ? 1.155   0.394   -6.801  1.00 10.63 ? 72  LEU B C   1 
ATOM   574  O  O   . LEU A 1 72  ? 2.197   -0.172  -7.126  1.00 9.78  ? 72  LEU B O   1 
ATOM   575  C  CB  . LEU A 1 72  ? 0.592   0.607   -4.355  1.00 9.80  ? 72  LEU B CB  1 
ATOM   576  C  CG  . LEU A 1 72  ? 1.394   -0.630  -3.939  1.00 9.36  ? 72  LEU B CG  1 
ATOM   577  C  CD1 . LEU A 1 72  ? 2.815   -0.183  -3.651  1.00 9.06  ? 72  LEU B CD1 1 
ATOM   578  C  CD2 . LEU A 1 72  ? 0.786   -1.083  -2.628  1.00 12.68 ? 72  LEU B CD2 1 
ATOM   579  N  N   . GLY A 1 73  ? 0.012   0.162   -7.425  1.00 9.96  ? 73  GLY B N   1 
ATOM   580  C  CA  . GLY A 1 73  ? -0.028  -0.620  -8.687  1.00 10.77 ? 73  GLY B CA  1 
ATOM   581  C  C   . GLY A 1 73  ? 0.985   -0.155  -9.747  1.00 10.67 ? 73  GLY B C   1 
ATOM   582  O  O   . GLY A 1 73  ? 1.677   -0.991  -10.340 1.00 9.01  ? 73  GLY B O   1 
ATOM   583  N  N   . GLY A 1 74  ? 1.075   1.163   -9.961  1.00 9.98  ? 74  GLY B N   1 
ATOM   584  C  CA  . GLY A 1 74  ? 1.947   1.684   -11.010 1.00 11.03 ? 74  GLY B CA  1 
ATOM   585  C  C   . GLY A 1 74  ? 3.362   1.334   -10.632 1.00 11.72 ? 74  GLY B C   1 
ATOM   586  O  O   . GLY A 1 74  ? 4.252   1.031   -11.509 1.00 10.20 ? 74  GLY B O   1 
ATOM   587  N  N   . ILE A 1 75  ? 3.607   1.355   -9.327  1.00 9.81  ? 75  ILE B N   1 
ATOM   588  C  CA  . ILE A 1 75  ? 4.965   1.072   -8.819  1.00 10.69 ? 75  ILE B CA  1 
ATOM   589  C  C   . ILE A 1 75  ? 5.318   -0.436  -8.972  1.00 10.42 ? 75  ILE B C   1 
ATOM   590  O  O   . ILE A 1 75  ? 6.366   -0.819  -9.504  1.00 9.57  ? 75  ILE B O   1 
ATOM   591  C  CB  . ILE A 1 75  ? 5.113   1.546   -7.326  1.00 10.35 ? 75  ILE B CB  1 
ATOM   592  C  CG1 . ILE A 1 75  ? 5.250   3.098   -7.262  1.00 12.48 ? 75  ILE B CG1 1 
ATOM   593  C  CG2 . ILE A 1 75  ? 6.342   0.912   -6.636  1.00 11.57 ? 75  ILE B CG2 1 
ATOM   594  C  CD1 . ILE A 1 75  ? 5.064   3.684   -5.846  1.00 11.21 ? 75  ILE B CD1 1 
ATOM   595  N  N   . LEU A 1 76  ? 4.387   -1.287  -8.570  1.00 8.85  ? 76  LEU B N   1 
ATOM   596  C  CA  . LEU A 1 76  ? 4.605   -2.728  -8.598  1.00 10.79 ? 76  LEU B CA  1 
ATOM   597  C  C   . LEU A 1 76  ? 4.810   -3.196  -10.070 1.00 10.90 ? 76  LEU B C   1 
ATOM   598  O  O   . LEU A 1 76  ? 5.586   -4.075  -10.365 1.00 11.22 ? 76  LEU B O   1 
ATOM   599  C  CB  . LEU A 1 76  ? 3.357   -3.447  -8.025  1.00 9.30  ? 76  LEU B CB  1 
ATOM   600  C  CG  . LEU A 1 76  ? 3.244   -3.294  -6.513  1.00 11.86 ? 76  LEU B CG  1 
ATOM   601  C  CD1 . LEU A 1 76  ? 1.997   -3.922  -5.924  1.00 14.01 ? 76  LEU B CD1 1 
ATOM   602  C  CD2 . LEU A 1 76  ? 4.485   -3.992  -5.920  1.00 9.60  ? 76  LEU B CD2 1 
ATOM   603  N  N   . LYS A 1 77  ? 4.057   -2.605  -10.965 1.00 12.52 ? 77  LYS B N   1 
ATOM   604  C  CA  . LYS A 1 77  ? 4.173   -2.964  -12.393 1.00 13.36 ? 77  LYS B CA  1 
ATOM   605  C  C   . LYS A 1 77  ? 5.521   -2.623  -12.961 1.00 14.18 ? 77  LYS B C   1 
ATOM   606  O  O   . LYS A 1 77  ? 5.908   -3.213  -13.971 1.00 14.60 ? 77  LYS B O   1 
ATOM   607  C  CB  . LYS A 1 77  ? 3.041   -2.312  -13.177 1.00 13.16 ? 77  LYS B CB  1 
ATOM   608  C  CG  . LYS A 1 77  ? 1.689   -2.949  -12.848 1.00 11.80 ? 77  LYS B CG  1 
ATOM   609  C  CD  . LYS A 1 77  ? 0.539   -2.082  -13.388 1.00 15.30 ? 77  LYS B CD  1 
ATOM   610  C  CE  . LYS A 1 77  ? -0.822  -2.576  -12.893 1.00 20.48 ? 77  LYS B CE  1 
ATOM   611  N  NZ  . LYS A 1 77  ? -1.924  -1.650  -13.325 1.00 20.96 ? 77  LYS B NZ  1 
ATOM   612  N  N   . LYS A 1 78  ? 6.240   -1.697  -12.340 1.00 12.74 ? 78  LYS B N   1 
ATOM   613  C  CA  . LYS A 1 78  ? 7.561   -1.348  -12.838 1.00 14.91 ? 78  LYS B CA  1 
ATOM   614  C  C   . LYS A 1 78  ? 8.592   -2.326  -12.314 1.00 16.68 ? 78  LYS B C   1 
ATOM   615  O  O   . LYS A 1 78  ? 9.755   -2.241  -12.687 1.00 18.58 ? 78  LYS B O   1 
ATOM   616  C  CB  . LYS A 1 78  ? 7.938   0.101   -12.517 1.00 14.20 ? 78  LYS B CB  1 
ATOM   617  C  CG  . LYS A 1 78  ? 7.116   1.134   -13.364 1.00 15.41 ? 78  LYS B CG  1 
ATOM   618  C  CD  . LYS A 1 78  ? 7.594   1.149   -14.825 1.00 26.72 ? 78  LYS B CD  1 
ATOM   619  C  CE  . LYS A 1 78  ? 6.788   2.136   -15.708 1.00 32.43 ? 78  LYS B CE  1 
ATOM   620  N  NZ  . LYS A 1 78  ? 7.508   2.208   -17.030 1.00 35.24 ? 78  LYS B NZ  1 
ATOM   621  N  N   . LYS A 1 79  ? 8.149   -3.320  -11.529 1.00 15.97 ? 79  LYS B N   1 
ATOM   622  C  CA  . LYS A 1 79  ? 8.995   -4.381  -11.065 1.00 15.57 ? 79  LYS B CA  1 
ATOM   623  C  C   . LYS A 1 79  ? 10.277  -3.806  -10.430 1.00 16.94 ? 79  LYS B C   1 
ATOM   624  O  O   . LYS A 1 79  ? 10.182  -2.950  -9.523  1.00 18.61 ? 79  LYS B O   1 
ATOM   625  C  CB  . LYS A 1 79  ? 9.272   -5.418  -12.162 1.00 15.07 ? 79  LYS B CB  1 
ATOM   626  C  CG  . LYS A 1 79  ? 7.976   -6.132  -12.604 1.00 14.35 ? 79  LYS B CG  1 
ATOM   627  C  CD  . LYS A 1 79  ? 8.086   -7.047  -13.843 1.00 23.33 ? 79  LYS B CD  1 
ATOM   628  C  CE  . LYS A 1 79  ? 7.780   -6.244  -15.138 1.00 34.57 ? 79  LYS B CE  1 
ATOM   629  N  NZ  . LYS A 1 79  ? 6.873   -6.953  -16.222 1.00 36.31 ? 79  LYS B NZ  1 
ATOM   630  N  N   . GLY A 1 80  ? 11.455  -4.265  -10.827 1.00 18.05 ? 80  GLY B N   1 
ATOM   631  C  CA  . GLY A 1 80  ? 12.670  -3.707  -10.133 1.00 18.74 ? 80  GLY B CA  1 
ATOM   632  C  C   . GLY A 1 80  ? 13.156  -2.312  -10.527 1.00 19.94 ? 80  GLY B C   1 
ATOM   633  O  O   . GLY A 1 80  ? 14.153  -1.815  -9.936  1.00 20.20 ? 80  GLY B O   1 
ATOM   634  N  N   . HIS A 1 81  ? 12.459  -1.657  -11.465 1.00 18.66 ? 81  HIS B N   1 
ATOM   635  C  CA  . HIS A 1 81  ? 12.892  -0.378  -11.980 1.00 19.06 ? 81  HIS B CA  1 
ATOM   636  C  C   . HIS A 1 81  ? 11.815  0.669   -11.866 1.00 18.65 ? 81  HIS B C   1 
ATOM   637  O  O   . HIS A 1 81  ? 11.353  1.261   -12.854 1.00 18.38 ? 81  HIS B O   1 
ATOM   638  C  CB  . HIS A 1 81  ? 13.385  -0.543  -13.434 1.00 20.31 ? 81  HIS B CB  1 
ATOM   639  C  CG  . HIS A 1 81  ? 12.428  -1.299  -14.301 1.00 17.27 ? 81  HIS B CG  1 
ATOM   640  N  ND1 . HIS A 1 81  ? 11.515  -0.684  -15.129 1.00 21.22 ? 81  HIS B ND1 1 
ATOM   641  C  CD2 . HIS A 1 81  ? 12.217  -2.628  -14.427 1.00 19.52 ? 81  HIS B CD2 1 
ATOM   642  C  CE1 . HIS A 1 81  ? 10.817  -1.607  -15.772 1.00 19.14 ? 81  HIS B CE1 1 
ATOM   643  N  NE2 . HIS A 1 81  ? 11.225  -2.793  -15.348 1.00 18.47 ? 81  HIS B NE2 1 
ATOM   644  N  N   . HIS A 1 82  ? 11.451  0.912   -10.603 1.00 20.06 ? 82  HIS B N   1 
ATOM   645  C  CA  . HIS A 1 82  ? 10.336  1.783   -10.221 1.00 21.61 ? 82  HIS B CA  1 
ATOM   646  C  C   . HIS A 1 82  ? 10.758  3.174   -9.728  1.00 23.32 ? 82  HIS B C   1 
ATOM   647  O  O   . HIS A 1 82  ? 9.907   3.939   -9.246  1.00 22.89 ? 82  HIS B O   1 
ATOM   648  C  CB  . HIS A 1 82  ? 9.504   1.095   -9.142  1.00 18.82 ? 82  HIS B CB  1 
ATOM   649  C  CG  . HIS A 1 82  ? 10.277  0.687   -7.926  1.00 20.51 ? 82  HIS B CG  1 
ATOM   650  N  ND1 . HIS A 1 82  ? 9.859   -0.348  -7.112  1.00 19.09 ? 82  HIS B ND1 1 
ATOM   651  C  CD2 . HIS A 1 82  ? 11.384  1.208   -7.325  1.00 21.97 ? 82  HIS B CD2 1 
ATOM   652  C  CE1 . HIS A 1 82  ? 10.669  -0.452  -6.069  1.00 18.69 ? 82  HIS B CE1 1 
ATOM   653  N  NE2 . HIS A 1 82  ? 11.639  0.439   -6.204  1.00 21.78 ? 82  HIS B NE2 1 
ATOM   654  N  N   A GLU A 1 83  ? 12.046  3.501   -9.874  0.50 24.46 ? 83  GLU B N   1 
ATOM   655  N  N   B GLU A 1 83  ? 12.056  3.491   -9.868  0.50 24.43 ? 83  GLU B N   1 
ATOM   656  C  CA  A GLU A 1 83  ? 12.586  4.810   -9.447  0.50 25.63 ? 83  GLU B CA  1 
ATOM   657  C  CA  B GLU A 1 83  ? 12.619  4.826   -9.527  0.50 25.66 ? 83  GLU B CA  1 
ATOM   658  C  C   A GLU A 1 83  ? 11.703  5.996   -9.854  0.50 25.84 ? 83  GLU B C   1 
ATOM   659  C  C   B GLU A 1 83  ? 11.693  5.977   -9.859  0.50 25.84 ? 83  GLU B C   1 
ATOM   660  O  O   A GLU A 1 83  ? 11.286  6.788   -9.008  0.50 24.98 ? 83  GLU B O   1 
ATOM   661  O  O   B GLU A 1 83  ? 11.259  6.729   -8.989  0.50 24.98 ? 83  GLU B O   1 
ATOM   662  C  CB  A GLU A 1 83  ? 13.994  5.006   -10.034 0.50 26.43 ? 83  GLU B CB  1 
ATOM   663  C  CB  B GLU A 1 83  ? 13.926  5.076   -10.311 0.50 26.39 ? 83  GLU B CB  1 
ATOM   664  C  CG  A GLU A 1 83  ? 14.749  3.724   -10.349 0.50 26.05 ? 83  GLU B CG  1 
ATOM   665  C  CG  B GLU A 1 83  ? 14.292  6.579   -10.413 0.50 25.77 ? 83  GLU B CG  1 
ATOM   666  C  CD  A GLU A 1 83  ? 14.296  3.001   -11.616 0.50 24.65 ? 83  GLU B CD  1 
ATOM   667  C  CD  B GLU A 1 83  ? 14.588  7.146   -9.042  0.50 25.69 ? 83  GLU B CD  1 
ATOM   668  O  OE1 A GLU A 1 83  ? 13.647  3.595   -12.519 0.50 28.40 ? 83  GLU B OE1 1 
ATOM   669  O  OE1 B GLU A 1 83  ? 14.797  6.318   -8.135  0.50 24.89 ? 83  GLU B OE1 1 
ATOM   670  O  OE2 A GLU A 1 83  ? 14.635  1.826   -11.715 0.50 20.75 ? 83  GLU B OE2 1 
ATOM   671  O  OE2 B GLU A 1 83  ? 14.600  8.380   -8.872  0.50 19.02 ? 83  GLU B OE2 1 
ATOM   672  N  N   . ALA A 1 84  ? 11.414  6.119   -11.150 1.00 26.58 ? 84  ALA B N   1 
ATOM   673  C  CA  . ALA A 1 84  ? 10.555  7.189   -11.657 1.00 25.81 ? 84  ALA B CA  1 
ATOM   674  C  C   . ALA A 1 84  ? 9.193   7.363   -10.963 1.00 25.67 ? 84  ALA B C   1 
ATOM   675  O  O   . ALA A 1 84  ? 8.748   8.481   -10.719 1.00 25.24 ? 84  ALA B O   1 
ATOM   676  C  CB  . ALA A 1 84  ? 10.317  6.979   -13.186 1.00 28.48 ? 84  ALA B CB  1 
ATOM   677  N  N   . GLU A 1 85  ? 8.475   6.258   -10.748 1.00 24.44 ? 85  GLU B N   1 
ATOM   678  C  CA  . GLU A 1 85  ? 7.130   6.330   -10.178 1.00 23.46 ? 85  GLU B CA  1 
ATOM   679  C  C   . GLU A 1 85  ? 7.235   6.559   -8.701  1.00 21.01 ? 85  GLU B C   1 
ATOM   680  O  O   . GLU A 1 85  ? 6.374   7.172   -8.089  1.00 19.55 ? 85  GLU B O   1 
ATOM   681  C  CB  . GLU A 1 85  ? 6.230   5.111   -10.545 1.00 25.38 ? 85  GLU B CB  1 
ATOM   682  C  CG  . GLU A 1 85  ? 6.906   3.922   -11.181 1.00 31.43 ? 85  GLU B CG  1 
ATOM   683  C  CD  . GLU A 1 85  ? 7.688   4.184   -12.510 1.00 32.03 ? 85  GLU B CD  1 
ATOM   684  O  OE1 . GLU A 1 85  ? 8.909   3.823   -12.569 1.00 39.55 ? 85  GLU B OE1 1 
ATOM   685  O  OE2 . GLU A 1 85  ? 7.078   4.711   -13.496 1.00 40.25 ? 85  GLU B OE2 1 
ATOM   686  N  N   . LEU A 1 86  ? 8.334   6.102   -8.114  1.00 18.10 ? 86  LEU B N   1 
ATOM   687  C  CA  . LEU A 1 86  ? 8.459   6.216   -6.655  1.00 18.92 ? 86  LEU B CA  1 
ATOM   688  C  C   . LEU A 1 86  ? 8.763   7.648   -6.212  1.00 17.22 ? 86  LEU B C   1 
ATOM   689  O  O   . LEU A 1 86  ? 8.430   8.102   -5.093  1.00 15.57 ? 86  LEU B O   1 
ATOM   690  C  CB  . LEU A 1 86  ? 9.521   5.186   -6.239  1.00 19.26 ? 86  LEU B CB  1 
ATOM   691  C  CG  . LEU A 1 86  ? 9.482   4.574   -4.870  1.00 26.76 ? 86  LEU B CG  1 
ATOM   692  C  CD1 . LEU A 1 86  ? 9.559   3.076   -4.959  1.00 32.38 ? 86  LEU B CD1 1 
ATOM   693  C  CD2 . LEU A 1 86  ? 10.711  5.123   -4.191  1.00 31.29 ? 86  LEU B CD2 1 
ATOM   694  N  N   . LYS A 1 87  ? 9.477   8.338   -7.084  1.00 15.60 ? 87  LYS B N   1 
ATOM   695  C  CA  . LYS A 1 87  ? 9.987   9.670   -6.805  1.00 17.97 ? 87  LYS B CA  1 
ATOM   696  C  C   . LYS A 1 87  ? 8.955   10.654  -6.294  1.00 16.63 ? 87  LYS B C   1 
ATOM   697  O  O   . LYS A 1 87  ? 9.168   11.266  -5.249  1.00 16.95 ? 87  LYS B O   1 
ATOM   698  C  CB  . LYS A 1 87  ? 10.746  10.188  -8.065  1.00 19.92 ? 87  LYS B CB  1 
ATOM   699  C  CG  . LYS A 1 87  ? 11.386  11.537  -7.864  1.00 22.55 ? 87  LYS B CG  1 
ATOM   700  C  CD  . LYS A 1 87  ? 12.432  11.725  -8.969  1.00 29.78 ? 87  LYS B CD  1 
ATOM   701  C  CE  . LYS A 1 87  ? 13.164  12.999  -8.687  1.00 31.14 ? 87  LYS B CE  1 
ATOM   702  N  NZ  . LYS A 1 87  ? 14.626  12.838  -8.734  1.00 34.44 ? 87  LYS B NZ  1 
ATOM   703  N  N   . PRO A 1 88  ? 7.821   10.806  -6.993  1.00 16.73 ? 88  PRO B N   1 
ATOM   704  C  CA  . PRO A 1 88  ? 6.888   11.780  -6.439  1.00 16.13 ? 88  PRO B CA  1 
ATOM   705  C  C   . PRO A 1 88  ? 6.157   11.352  -5.187  1.00 14.58 ? 88  PRO B C   1 
ATOM   706  O  O   . PRO A 1 88  ? 5.696   12.197  -4.456  1.00 12.77 ? 88  PRO B O   1 
ATOM   707  C  CB  . PRO A 1 88  ? 5.825   11.980  -7.569  1.00 17.62 ? 88  PRO B CB  1 
ATOM   708  C  CG  . PRO A 1 88  ? 6.021   10.819  -8.519  1.00 20.01 ? 88  PRO B CG  1 
ATOM   709  C  CD  . PRO A 1 88  ? 7.495   10.440  -8.396  1.00 16.11 ? 88  PRO B CD  1 
ATOM   710  N  N   . LEU A 1 89  ? 6.016   10.047  -4.974  1.00 11.98 ? 89  LEU B N   1 
ATOM   711  C  CA  . LEU A 1 89  ? 5.365   9.570   -3.783  1.00 12.14 ? 89  LEU B CA  1 
ATOM   712  C  C   . LEU A 1 89  ? 6.291   9.815   -2.567  1.00 10.97 ? 89  LEU B C   1 
ATOM   713  O  O   . LEU A 1 89  ? 5.829   10.281  -1.547  1.00 10.16 ? 89  LEU B O   1 
ATOM   714  C  CB  . LEU A 1 89  ? 5.089   8.075   -3.932  1.00 13.29 ? 89  LEU B CB  1 
ATOM   715  C  CG  . LEU A 1 89  ? 3.979   7.479   -3.017  1.00 16.11 ? 89  LEU B CG  1 
ATOM   716  C  CD1 . LEU A 1 89  ? 3.423   6.317   -3.807  1.00 26.31 ? 89  LEU B CD1 1 
ATOM   717  C  CD2 . LEU A 1 89  ? 4.574   6.932   -1.777  1.00 22.95 ? 89  LEU B CD2 1 
ATOM   718  N  N   . ALA A 1 90  ? 7.587   9.506   -2.693  1.00 10.01 ? 90  ALA B N   1 
ATOM   719  C  CA  . ALA A 1 90  ? 8.550   9.788   -1.593  1.00 11.71 ? 90  ALA B CA  1 
ATOM   720  C  C   . ALA A 1 90  ? 8.512   11.277  -1.287  1.00 11.51 ? 90  ALA B C   1 
ATOM   721  O  O   . ALA A 1 90  ? 8.448   11.708  -0.127  1.00 11.86 ? 90  ALA B O   1 
ATOM   722  C  CB  . ALA A 1 90  ? 9.999   9.381   -1.987  1.00 8.55  ? 90  ALA B CB  1 
ATOM   723  N  N   . GLN A 1 91  ? 8.472   12.066  -2.350  1.00 11.91 ? 91  GLN B N   1 
ATOM   724  C  CA  . GLN A 1 91  ? 8.428   13.510  -2.164  1.00 13.16 ? 91  GLN B CA  1 
ATOM   725  C  C   . GLN A 1 91  ? 7.266   13.992  -1.309  1.00 12.25 ? 91  GLN B C   1 
ATOM   726  O  O   . GLN A 1 91  ? 7.483   14.658  -0.289  1.00 12.16 ? 91  GLN B O   1 
ATOM   727  C  CB  . GLN A 1 91  ? 8.471   14.229  -3.527  1.00 14.95 ? 91  GLN B CB  1 
ATOM   728  C  CG  . GLN A 1 91  ? 8.023   15.678  -3.323  1.00 19.73 ? 91  GLN B CG  1 
ATOM   729  C  CD  . GLN A 1 91  ? 9.152   16.638  -3.563  1.00 22.51 ? 91  GLN B CD  1 
ATOM   730  O  OE1 . GLN A 1 91  ? 10.134  16.287  -4.181  1.00 24.99 ? 91  GLN B OE1 1 
ATOM   731  N  NE2 . GLN A 1 91  ? 8.987   17.873  -3.125  1.00 26.26 ? 91  GLN B NE2 1 
ATOM   732  N  N   . SER A 1 92  ? 6.028   13.652  -1.661  1.00 12.10 ? 92  SER B N   1 
ATOM   733  C  CA  . SER A 1 92  ? 4.885   14.172  -0.899  1.00 10.86 ? 92  SER B CA  1 
ATOM   734  C  C   . SER A 1 92  ? 4.815   13.586  0.522   1.00 11.78 ? 92  SER B C   1 
ATOM   735  O  O   . SER A 1 92  ? 4.408   14.282  1.457   1.00 12.29 ? 92  SER B O   1 
ATOM   736  C  CB  . SER A 1 92  ? 3.556   13.865  -1.628  1.00 10.66 ? 92  SER B CB  1 
ATOM   737  O  OG  . SER A 1 92  ? 3.449   12.449  -1.802  1.00 12.80 ? 92  SER B OG  1 
ATOM   738  N  N   . HIS A 1 93  ? 5.332   12.354  0.700   1.00 11.51 ? 93  HIS B N   1 
ATOM   739  C  CA  . HIS A 1 93  ? 5.190   11.614  1.970   1.00 10.54 ? 93  HIS B CA  1 
ATOM   740  C  C   . HIS A 1 93  ? 6.307   12.006  2.921   1.00 12.70 ? 93  HIS B C   1 
ATOM   741  O  O   . HIS A 1 93  ? 6.209   11.800  4.137   1.00 12.71 ? 93  HIS B O   1 
ATOM   742  C  CB  . HIS A 1 93  ? 5.107   10.086  1.681   1.00 12.13 ? 93  HIS B CB  1 
ATOM   743  C  CG  . HIS A 1 93  ? 3.753   9.658   1.200   1.00 10.78 ? 93  HIS B CG  1 
ATOM   744  N  ND1 . HIS A 1 93  ? 3.236   10.048  -0.032  1.00 13.73 ? 93  HIS B ND1 1 
ATOM   745  C  CD2 . HIS A 1 93  ? 2.786   8.927   1.802   1.00 11.89 ? 93  HIS B CD2 1 
ATOM   746  C  CE1 . HIS A 1 93  ? 2.003   9.572   -0.149  1.00 13.13 ? 93  HIS B CE1 1 
ATOM   747  N  NE2 . HIS A 1 93  ? 1.709   8.903   0.958   1.00 9.93  ? 93  HIS B NE2 1 
ATOM   748  N  N   . ALA A 1 94  ? 7.334   12.652  2.366   1.00 11.60 ? 94  ALA B N   1 
ATOM   749  C  CA  . ALA A 1 94  ? 8.450   13.184  3.176   1.00 12.22 ? 94  ALA B CA  1 
ATOM   750  C  C   . ALA A 1 94  ? 8.229   14.663  3.544   1.00 12.91 ? 94  ALA B C   1 
ATOM   751  O  O   . ALA A 1 94  ? 8.832   15.171  4.523   1.00 12.98 ? 94  ALA B O   1 
ATOM   752  C  CB  . ALA A 1 94  ? 9.766   13.044  2.422   1.00 10.59 ? 94  ALA B CB  1 
ATOM   753  N  N   . THR A 1 95  ? 7.416   15.373  2.783   1.00 13.60 ? 95  THR B N   1 
ATOM   754  C  CA  . THR A 1 95  ? 7.324   16.831  2.988   1.00 14.72 ? 95  THR B CA  1 
ATOM   755  C  C   . THR A 1 95  ? 5.935   17.236  3.426   1.00 18.28 ? 95  THR B C   1 
ATOM   756  O  O   . THR A 1 95  ? 5.773   18.037  4.347   1.00 23.15 ? 95  THR B O   1 
ATOM   757  C  CB  . THR A 1 95  ? 7.687   17.638  1.659   1.00 14.43 ? 95  THR B CB  1 
ATOM   758  O  OG1 . THR A 1 95  ? 6.827   17.217  0.568   1.00 13.99 ? 95  THR B OG1 1 
ATOM   759  C  CG2 . THR A 1 95  ? 9.122   17.316  1.250   1.00 9.82  ? 95  THR B CG2 1 
ATOM   760  N  N   . LYS A 1 96  ? 4.935   16.683  2.817   1.00 18.65 ? 96  LYS B N   1 
ATOM   761  C  CA  . LYS A 1 96  ? 3.578   17.190  2.923   1.00 23.06 ? 96  LYS B CA  1 
ATOM   762  C  C   . LYS A 1 96  ? 2.856   16.380  4.002   1.00 22.64 ? 96  LYS B C   1 
ATOM   763  O  O   . LYS A 1 96  ? 2.259   16.971  4.931   1.00 25.75 ? 96  LYS B O   1 
ATOM   764  C  CB  . LYS A 1 96  ? 2.870   17.079  1.565   1.00 22.75 ? 96  LYS B CB  1 
ATOM   765  C  CG  . LYS A 1 96  ? 1.571   17.842  1.489   1.00 29.83 ? 96  LYS B CG  1 
ATOM   766  C  CD  . LYS A 1 96  ? 1.077   18.089  0.014   1.00 38.24 ? 96  LYS B CD  1 
ATOM   767  C  CE  . LYS A 1 96  ? 2.188   18.555  -0.955  1.00 42.23 ? 96  LYS B CE  1 
ATOM   768  N  NZ  . LYS A 1 96  ? 1.684   19.477  -2.082  1.00 46.56 ? 96  LYS B NZ  1 
ATOM   769  N  N   . HIS A 1 97  ? 2.957   15.053  3.922   1.00 19.87 ? 97  HIS B N   1 
ATOM   770  C  CA  . HIS A 1 97  ? 2.232   14.112  4.829   1.00 19.77 ? 97  HIS B CA  1 
ATOM   771  C  C   . HIS A 1 97  ? 3.032   13.646  6.077   1.00 19.24 ? 97  HIS B C   1 
ATOM   772  O  O   . HIS A 1 97  ? 2.412   13.357  7.129   1.00 22.41 ? 97  HIS B O   1 
ATOM   773  C  CB  . HIS A 1 97  ? 1.728   12.870  4.039   1.00 18.87 ? 97  HIS B CB  1 
ATOM   774  C  CG  . HIS A 1 97  ? 1.119   13.224  2.723   1.00 16.86 ? 97  HIS B CG  1 
ATOM   775  N  ND1 . HIS A 1 97  ? 0.213   14.254  2.577   1.00 17.02 ? 97  HIS B ND1 1 
ATOM   776  C  CD2 . HIS A 1 97  ? 1.292   12.703  1.484   1.00 15.11 ? 97  HIS B CD2 1 
ATOM   777  C  CE1 . HIS A 1 97  ? -0.135  14.363  1.308   1.00 14.35 ? 97  HIS B CE1 1 
ATOM   778  N  NE2 . HIS A 1 97  ? 0.495   13.424  0.625   1.00 15.86 ? 97  HIS B NE2 1 
ATOM   779  N  N   . LYS A 1 98  ? 4.348   13.629  5.954   1.00 17.15 ? 98  LYS B N   1 
ATOM   780  C  CA  . LYS A 1 98  ? 5.284   13.059  6.887   1.00 17.29 ? 98  LYS B CA  1 
ATOM   781  C  C   . LYS A 1 98  ? 4.820   11.671  7.362   1.00 16.19 ? 98  LYS B C   1 
ATOM   782  O  O   . LYS A 1 98  ? 4.389   11.521  8.509   1.00 18.37 ? 98  LYS B O   1 
ATOM   783  C  CB  . LYS A 1 98  ? 5.445   13.989  8.075   1.00 19.86 ? 98  LYS B CB  1 
ATOM   784  C  CG  . LYS A 1 98  ? 5.666   15.467  7.714   1.00 24.79 ? 98  LYS B CG  1 
ATOM   785  C  CD  . LYS A 1 98  ? 7.083   15.634  7.377   1.00 26.07 ? 98  LYS B CD  1 
ATOM   786  C  CE  . LYS A 1 98  ? 7.595   16.983  7.717   1.00 29.03 ? 98  LYS B CE  1 
ATOM   787  N  NZ  . LYS A 1 98  ? 8.666   17.180  6.742   1.00 27.28 ? 98  LYS B NZ  1 
ATOM   788  N  N   . ILE A 1 99  ? 4.911   10.656  6.487   1.00 13.40 ? 99  ILE B N   1 
ATOM   789  C  CA  . ILE A 1 99  ? 4.499   9.293   6.840   1.00 10.79 ? 99  ILE B CA  1 
ATOM   790  C  C   . ILE A 1 99  ? 5.726   8.419   7.231   1.00 10.98 ? 99  ILE B C   1 
ATOM   791  O  O   . ILE A 1 99  ? 6.592   8.119   6.397   1.00 11.54 ? 99  ILE B O   1 
ATOM   792  C  CB  . ILE A 1 99  ? 3.665   8.654   5.684   1.00 9.06  ? 99  ILE B CB  1 
ATOM   793  C  CG1 . ILE A 1 99  ? 2.458   9.592   5.329   1.00 8.73  ? 99  ILE B CG1 1 
ATOM   794  C  CG2 . ILE A 1 99  ? 3.266   7.108   6.020   1.00 8.26  ? 99  ILE B CG2 1 
ATOM   795  C  CD1 . ILE A 1 99  ? 1.539   9.915   6.494   1.00 10.15 ? 99  ILE B CD1 1 
ATOM   796  N  N   . PRO A 1 100 ? 5.808   8.041   8.500   1.00 10.46 ? 100 PRO B N   1 
ATOM   797  C  CA  . PRO A 1 100 ? 6.941   7.241   8.905   1.00 10.91 ? 100 PRO B CA  1 
ATOM   798  C  C   . PRO A 1 100 ? 6.962   5.874   8.186   1.00 10.97 ? 100 PRO B C   1 
ATOM   799  O  O   . PRO A 1 100 ? 5.927   5.323   7.841   1.00 8.07  ? 100 PRO B O   1 
ATOM   800  C  CB  . PRO A 1 100 ? 6.752   7.018   10.398  1.00 11.75 ? 100 PRO B CB  1 
ATOM   801  C  CG  . PRO A 1 100 ? 5.508   7.770   10.791  1.00 13.31 ? 100 PRO B CG  1 
ATOM   802  C  CD  . PRO A 1 100 ? 4.937   8.460   9.602   1.00 11.67 ? 100 PRO B CD  1 
ATOM   803  N  N   . ILE A 1 101 ? 8.165   5.352   8.047   1.00 10.97 ? 101 ILE B N   1 
ATOM   804  C  CA  . ILE A 1 101 ? 8.401   4.062   7.391   1.00 11.43 ? 101 ILE B CA  1 
ATOM   805  C  C   . ILE A 1 101 ? 7.610   3.017   8.130   1.00 11.02 ? 101 ILE B C   1 
ATOM   806  O  O   . ILE A 1 101 ? 7.051   2.136   7.505   1.00 9.80  ? 101 ILE B O   1 
ATOM   807  C  CB  . ILE A 1 101 ? 9.883   3.716   7.442   1.00 11.63 ? 101 ILE B CB  1 
ATOM   808  C  CG1 . ILE A 1 101 ? 10.665  4.701   6.563   1.00 13.55 ? 101 ILE B CG1 1 
ATOM   809  C  CG2 . ILE A 1 101 ? 10.106  2.253   6.954   1.00 12.87 ? 101 ILE B CG2 1 
ATOM   810  C  CD1 . ILE A 1 101 ? 10.331  4.652   5.066   1.00 15.58 ? 101 ILE B CD1 1 
ATOM   811  N  N   . LYS A 1 102 ? 7.503   3.143   9.469   1.00 10.54 ? 102 LYS B N   1 
ATOM   812  C  CA  . LYS A 1 102 ? 6.664   2.197   10.223  1.00 8.89  ? 102 LYS B CA  1 
ATOM   813  C  C   . LYS A 1 102 ? 5.215   2.176   9.761   1.00 8.98  ? 102 LYS B C   1 
ATOM   814  O  O   . LYS A 1 102 ? 4.584   1.107   9.723   1.00 8.79  ? 102 LYS B O   1 
ATOM   815  C  CB  . LYS A 1 102 ? 6.685   2.514   11.727  1.00 9.26  ? 102 LYS B CB  1 
ATOM   816  C  CG  . LYS A 1 102 ? 5.907   1.482   12.615  1.00 13.89 ? 102 LYS B CG  1 
ATOM   817  C  CD  . LYS A 1 102 ? 6.652   0.086   12.576  1.00 23.21 ? 102 LYS B CD  1 
ATOM   818  C  CE  . LYS A 1 102 ? 6.318   -0.972  13.743  1.00 29.69 ? 102 LYS B CE  1 
ATOM   819  N  NZ  . LYS A 1 102 ? 6.847   -2.451  13.446  1.00 30.73 ? 102 LYS B NZ  1 
ATOM   820  N  N   . TYR A 1 103 ? 4.655   3.316   9.380   1.00 8.70  ? 103 TYR B N   1 
ATOM   821  C  CA  . TYR A 1 103 ? 3.270   3.308   8.892   1.00 8.92  ? 103 TYR B CA  1 
ATOM   822  C  C   . TYR A 1 103 ? 3.204   2.636   7.529   1.00 8.09  ? 103 TYR B C   1 
ATOM   823  O  O   . TYR A 1 103 ? 2.181   2.045   7.196   1.00 8.16  ? 103 TYR B O   1 
ATOM   824  C  CB  . TYR A 1 103 ? 2.725   4.716   8.774   1.00 7.57  ? 103 TYR B CB  1 
ATOM   825  C  CG  . TYR A 1 103 ? 2.438   5.427   10.074  1.00 10.63 ? 103 TYR B CG  1 
ATOM   826  C  CD1 . TYR A 1 103 ? 2.789   4.891   11.283  1.00 11.80 ? 103 TYR B CD1 1 
ATOM   827  C  CD2 . TYR A 1 103 ? 1.735   6.673   10.053  1.00 10.97 ? 103 TYR B CD2 1 
ATOM   828  C  CE1 . TYR A 1 103 ? 2.488   5.566   12.479  1.00 16.33 ? 103 TYR B CE1 1 
ATOM   829  C  CE2 . TYR A 1 103 ? 1.460   7.355   11.204  1.00 12.12 ? 103 TYR B CE2 1 
ATOM   830  C  CZ  . TYR A 1 103 ? 1.834   6.793   12.432  1.00 16.21 ? 103 TYR B CZ  1 
ATOM   831  O  OH  . TYR A 1 103 ? 1.563   7.451   13.619  1.00 20.88 ? 103 TYR B OH  1 
ATOM   832  N  N   . LEU A 1 104 ? 4.287   2.712   6.741   1.00 7.43  ? 104 LEU B N   1 
ATOM   833  C  CA  . LEU A 1 104 ? 4.285   1.999   5.473   1.00 7.14  ? 104 LEU B CA  1 
ATOM   834  C  C   . LEU A 1 104 ? 4.387   0.480   5.718   1.00 6.43  ? 104 LEU B C   1 
ATOM   835  O  O   . LEU A 1 104 ? 3.849   -0.330  4.919   1.00 7.67  ? 104 LEU B O   1 
ATOM   836  C  CB  . LEU A 1 104 ? 5.396   2.426   4.539   1.00 6.35  ? 104 LEU B CB  1 
ATOM   837  C  CG  . LEU A 1 104 ? 5.419   3.947   4.133   1.00 9.94  ? 104 LEU B CG  1 
ATOM   838  C  CD1 . LEU A 1 104 ? 6.686   4.258   3.290   1.00 10.39 ? 104 LEU B CD1 1 
ATOM   839  C  CD2 . LEU A 1 104 ? 4.135   4.324   3.363   1.00 13.26 ? 104 LEU B CD2 1 
ATOM   840  N  N   . GLU A 1 105 ? 5.046   0.080   6.790   1.00 6.47  ? 105 GLU B N   1 
ATOM   841  C  CA  . GLU A 1 105 ? 5.023   -1.336  7.087   1.00 6.84  ? 105 GLU B CA  1 
ATOM   842  C  C   . GLU A 1 105 ? 3.605   -1.742  7.452   1.00 8.59  ? 105 GLU B C   1 
ATOM   843  O  O   . GLU A 1 105 ? 3.114   -2.854  7.084   1.00 9.63  ? 105 GLU B O   1 
ATOM   844  C  CB  . GLU A 1 105 ? 5.984   -1.657  8.291   1.00 8.80  ? 105 GLU B CB  1 
ATOM   845  C  CG  . GLU A 1 105 ? 6.193   -3.187  8.434   1.00 11.78 ? 105 GLU B CG  1 
ATOM   846  C  CD  . GLU A 1 105 ? 6.729   -3.558  9.789   1.00 18.65 ? 105 GLU B CD  1 
ATOM   847  O  OE1 . GLU A 1 105 ? 7.175   -4.706  9.936   1.00 25.86 ? 105 GLU B OE1 1 
ATOM   848  O  OE2 . GLU A 1 105 ? 6.679   -2.737  10.721  1.00 25.30 ? 105 GLU B OE2 1 
ATOM   849  N  N   . PHE A 1 106 ? 2.940   -0.951  8.282   1.00 8.79  ? 106 PHE B N   1 
ATOM   850  C  CA  . PHE A 1 106 ? 1.566   -1.334  8.656   1.00 9.52  ? 106 PHE B CA  1 
ATOM   851  C  C   . PHE A 1 106 ? 0.699   -1.512  7.415   1.00 9.42  ? 106 PHE B C   1 
ATOM   852  O  O   . PHE A 1 106 ? -0.139  -2.414  7.335   1.00 7.72  ? 106 PHE B O   1 
ATOM   853  C  CB  . PHE A 1 106 ? 0.889   -0.277  9.564   1.00 7.80  ? 106 PHE B CB  1 
ATOM   854  C  CG  . PHE A 1 106 ? 1.554   -0.076  10.895  1.00 9.95  ? 106 PHE B CG  1 
ATOM   855  C  CD1 . PHE A 1 106 ? 2.250   -1.118  11.517  1.00 10.70 ? 106 PHE B CD1 1 
ATOM   856  C  CD2 . PHE A 1 106 ? 1.358   1.152   11.587  1.00 13.48 ? 106 PHE B CD2 1 
ATOM   857  C  CE1 . PHE A 1 106 ? 2.865   -0.860  12.766  1.00 12.52 ? 106 PHE B CE1 1 
ATOM   858  C  CE2 . PHE A 1 106 ? 1.920   1.375   12.831  1.00 12.54 ? 106 PHE B CE2 1 
ATOM   859  C  CZ  . PHE A 1 106 ? 2.652   0.375   13.398  1.00 11.58 ? 106 PHE B CZ  1 
ATOM   860  N  N   . ILE A 1 107 ? 0.790   -0.571  6.470   1.00 7.57  ? 107 ILE B N   1 
ATOM   861  C  CA  . ILE A 1 107 ? -0.113  -0.738  5.315   1.00 7.39  ? 107 ILE B CA  1 
ATOM   862  C  C   . ILE A 1 107 ? 0.304   -1.912  4.410   1.00 7.90  ? 107 ILE B C   1 
ATOM   863  O  O   . ILE A 1 107 ? -0.580  -2.550  3.789   1.00 8.20  ? 107 ILE B O   1 
ATOM   864  C  CB  . ILE A 1 107 ? -0.313  0.616   4.469   1.00 7.37  ? 107 ILE B CB  1 
ATOM   865  C  CG1 . ILE A 1 107 ? -1.634  0.560   3.660   1.00 6.80  ? 107 ILE B CG1 1 
ATOM   866  C  CG2 . ILE A 1 107 ? 0.951   0.972   3.553   1.00 7.98  ? 107 ILE B CG2 1 
ATOM   867  C  CD1 . ILE A 1 107 ? -1.885  1.928   2.924   1.00 10.52 ? 107 ILE B CD1 1 
ATOM   868  N  N   . SER A 1 108 ? 1.618   -2.176  4.322   1.00 7.12  ? 108 SER B N   1 
ATOM   869  C  CA  . SER A 1 108 ? 2.084   -3.402  3.643   1.00 7.87  ? 108 SER B CA  1 
ATOM   870  C  C   . SER A 1 108 ? 1.386   -4.628  4.267   1.00 8.89  ? 108 SER B C   1 
ATOM   871  O  O   . SER A 1 108 ? 0.867   -5.498  3.553   1.00 7.32  ? 108 SER B O   1 
ATOM   872  C  CB  . SER A 1 108 ? 3.613   -3.534  3.786   1.00 6.54  ? 108 SER B CB  1 
ATOM   873  O  OG  . SER A 1 108 ? 4.251   -2.482  3.050   1.00 8.89  ? 108 SER B OG  1 
ATOM   874  N  N   . ASP A 1 109 ? 1.385   -4.719  5.592   1.00 10.97 ? 109 ASP B N   1 
ATOM   875  C  CA  . ASP A 1 109 ? 0.721   -5.850  6.266   1.00 11.37 ? 109 ASP B CA  1 
ATOM   876  C  C   . ASP A 1 109 ? -0.780  -5.868  6.020   1.00 10.43 ? 109 ASP B C   1 
ATOM   877  O  O   . ASP A 1 109 ? -1.347  -6.932  5.812   1.00 9.64  ? 109 ASP B O   1 
ATOM   878  C  CB  . ASP A 1 109 ? 0.960   -5.770  7.737   1.00 13.61 ? 109 ASP B CB  1 
ATOM   879  C  CG  . ASP A 1 109 ? 2.455   -6.039  8.124   1.00 21.00 ? 109 ASP B CG  1 
ATOM   880  O  OD1 . ASP A 1 109 ? 3.147   -6.726  7.352   1.00 24.98 ? 109 ASP B OD1 1 
ATOM   881  O  OD2 . ASP A 1 109 ? 2.872   -5.561  9.201   1.00 27.42 ? 109 ASP B OD2 1 
ATOM   882  N  N   . ALA A 1 110 ? -1.419  -4.686  6.017   1.00 9.64  ? 110 ALA B N   1 
ATOM   883  C  CA  . ALA A 1 110 ? -2.844  -4.571  5.696   1.00 9.35  ? 110 ALA B CA  1 
ATOM   884  C  C   . ALA A 1 110 ? -3.142  -5.069  4.271   1.00 10.87 ? 110 ALA B C   1 
ATOM   885  O  O   . ALA A 1 110 ? -4.149  -5.825  4.055   1.00 9.30  ? 110 ALA B O   1 
ATOM   886  C  CB  . ALA A 1 110 ? -3.332  -3.100  5.834   1.00 9.43  ? 110 ALA B CB  1 
ATOM   887  N  N   . ILE A 1 111 ? -2.281  -4.703  3.309   1.00 8.01  ? 111 ILE B N   1 
ATOM   888  C  CA  . ILE A 1 111 ? -2.467  -5.229  1.961   1.00 9.98  ? 111 ILE B CA  1 
ATOM   889  C  C   . ILE A 1 111 ? -2.315  -6.782  1.922   1.00 11.20 ? 111 ILE B C   1 
ATOM   890  O  O   . ILE A 1 111 ? -3.143  -7.510  1.310   1.00 11.17 ? 111 ILE B O   1 
ATOM   891  C  CB  . ILE A 1 111 ? -1.467  -4.532  0.962   1.00 8.98  ? 111 ILE B CB  1 
ATOM   892  C  CG1 . ILE A 1 111 ? -1.854  -3.045  0.866   1.00 10.04 ? 111 ILE B CG1 1 
ATOM   893  C  CG2 . ILE A 1 111 ? -1.440  -5.335  -0.421  1.00 11.18 ? 111 ILE B CG2 1 
ATOM   894  C  CD1 . ILE A 1 111 ? -0.755  -2.238  0.252   1.00 14.72 ? 111 ILE B CD1 1 
ATOM   895  N  N   . ILE A 1 112 ? -1.297  -7.293  2.585   1.00 10.01 ? 112 ILE B N   1 
ATOM   896  C  CA  . ILE A 1 112 ? -1.133  -8.762  2.565   1.00 12.02 ? 112 ILE B CA  1 
ATOM   897  C  C   . ILE A 1 112 ? -2.319  -9.487  3.210   1.00 11.27 ? 112 ILE B C   1 
ATOM   898  O  O   . ILE A 1 112 ? -2.790  -10.517 2.700   1.00 11.72 ? 112 ILE B O   1 
ATOM   899  C  CB  . ILE A 1 112 ? 0.216   -9.126  3.178   1.00 10.06 ? 112 ILE B CB  1 
ATOM   900  C  CG1 . ILE A 1 112 ? 1.374   -8.755  2.225   1.00 12.48 ? 112 ILE B CG1 1 
ATOM   901  C  CG2 . ILE A 1 112 ? 0.241   -10.594 3.652   1.00 16.41 ? 112 ILE B CG2 1 
ATOM   902  C  CD1 . ILE A 1 112 ? 2.574   -8.367  2.931   1.00 16.80 ? 112 ILE B CD1 1 
ATOM   903  N  N   . HIS A 1 113 ? -2.856  -8.908  4.286   1.00 12.63 ? 113 HIS B N   1 
ATOM   904  C  CA  . HIS A 1 113 ? -4.032  -9.449  4.943   1.00 14.25 ? 113 HIS B CA  1 
ATOM   905  C  C   . HIS A 1 113 ? -5.239  -9.491  4.030   1.00 14.51 ? 113 HIS B C   1 
ATOM   906  O  O   . HIS A 1 113 ? -5.931  -10.541 3.971   1.00 14.07 ? 113 HIS B O   1 
ATOM   907  C  CB  . HIS A 1 113 ? -4.370  -8.725  6.267   1.00 15.15 ? 113 HIS B CB  1 
ATOM   908  C  CG  . HIS A 1 113 ? -5.584  -9.301  6.936   1.00 23.34 ? 113 HIS B CG  1 
ATOM   909  N  ND1 . HIS A 1 113 ? -5.520  -10.393 7.784   1.00 28.94 ? 113 HIS B ND1 1 
ATOM   910  C  CD2 . HIS A 1 113 ? -6.898  -8.965  6.844   1.00 29.52 ? 113 HIS B CD2 1 
ATOM   911  C  CE1 . HIS A 1 113 ? -6.744  -10.698 8.187   1.00 32.22 ? 113 HIS B CE1 1 
ATOM   912  N  NE2 . HIS A 1 113 ? -7.598  -9.854  7.628   1.00 33.38 ? 113 HIS B NE2 1 
ATOM   913  N  N   . VAL A 1 114 ? -5.526  -8.370  3.361   1.00 13.25 ? 114 VAL B N   1 
ATOM   914  C  CA  . VAL A 1 114 ? -6.690  -8.239  2.461   1.00 12.73 ? 114 VAL B CA  1 
ATOM   915  C  C   . VAL A 1 114 ? -6.534  -9.198  1.272   1.00 14.11 ? 114 VAL B C   1 
ATOM   916  O  O   . VAL A 1 114 ? -7.508  -9.859  0.863   1.00 14.29 ? 114 VAL B O   1 
ATOM   917  C  CB  . VAL A 1 114 ? -6.945  -6.740  1.975   1.00 13.14 ? 114 VAL B CB  1 
ATOM   918  C  CG1 . VAL A 1 114 ? -7.956  -6.665  0.897   1.00 13.38 ? 114 VAL B CG1 1 
ATOM   919  C  CG2 . VAL A 1 114 ? -7.479  -5.813  3.165   1.00 12.49 ? 114 VAL B CG2 1 
ATOM   920  N  N   . LEU A 1 115 ? -5.326  -9.297  0.734   1.00 13.24 ? 115 LEU B N   1 
ATOM   921  C  CA  . LEU A 1 115 ? -5.104  -10.162 -0.409  1.00 15.65 ? 115 LEU B CA  1 
ATOM   922  C  C   . LEU A 1 115 ? -5.286  -11.634 -0.022  1.00 16.69 ? 115 LEU B C   1 
ATOM   923  O  O   . LEU A 1 115 ? -5.830  -12.451 -0.800  1.00 18.16 ? 115 LEU B O   1 
ATOM   924  C  CB  . LEU A 1 115 ? -3.696  -9.943  -1.003  1.00 14.35 ? 115 LEU B CB  1 
ATOM   925  C  CG  . LEU A 1 115 ? -3.499  -8.596  -1.714  1.00 16.13 ? 115 LEU B CG  1 
ATOM   926  C  CD1 . LEU A 1 115 ? -2.137  -8.554  -2.319  1.00 17.58 ? 115 LEU B CD1 1 
ATOM   927  C  CD2 . LEU A 1 115 ? -4.520  -8.264  -2.782  1.00 14.16 ? 115 LEU B CD2 1 
ATOM   928  N  N   . HIS A 1 116 ? -4.824  -11.998 1.140   1.00 16.33 ? 116 HIS B N   1 
ATOM   929  C  CA  . HIS A 1 116 ? -5.020  -13.348 1.617   1.00 17.49 ? 116 HIS B CA  1 
ATOM   930  C  C   . HIS A 1 116 ? -6.497  -13.638 1.889   1.00 18.80 ? 116 HIS B C   1 
ATOM   931  O  O   . HIS A 1 116 ? -6.995  -14.729 1.613   1.00 19.62 ? 116 HIS B O   1 
ATOM   932  C  CB  . HIS A 1 116 ? -4.173  -13.591 2.887   1.00 18.92 ? 116 HIS B CB  1 
ATOM   933  C  CG  . HIS A 1 116 ? -4.338  -14.973 3.453   1.00 23.03 ? 116 HIS B CG  1 
ATOM   934  N  ND1 . HIS A 1 116 ? -5.174  -15.244 4.515   1.00 30.91 ? 116 HIS B ND1 1 
ATOM   935  C  CD2 . HIS A 1 116 ? -3.832  -16.165 3.064   1.00 29.99 ? 116 HIS B CD2 1 
ATOM   936  C  CE1 . HIS A 1 116 ? -5.153  -16.539 4.779   1.00 30.83 ? 116 HIS B CE1 1 
ATOM   937  N  NE2 . HIS A 1 116 ? -4.358  -17.123 3.902   1.00 32.99 ? 116 HIS B NE2 1 
ATOM   938  N  N   . SER A 1 117 ? -7.187  -12.675 2.456   1.00 19.14 ? 117 SER B N   1 
ATOM   939  C  CA  . SER A 1 117 ? -8.576  -12.849 2.774   1.00 20.91 ? 117 SER B CA  1 
ATOM   940  C  C   . SER A 1 117 ? -9.474  -12.973 1.510   1.00 21.28 ? 117 SER B C   1 
ATOM   941  O  O   . SER A 1 117 ? -10.348 -13.863 1.461   1.00 20.74 ? 117 SER B O   1 
ATOM   942  C  CB  . SER A 1 117 ? -9.036  -11.647 3.582   1.00 21.10 ? 117 SER B CB  1 
ATOM   943  O  OG  . SER A 1 117 ? -10.411 -11.744 3.775   1.00 24.79 ? 117 SER B OG  1 
ATOM   944  N  N   . LYS A 1 118 ? -9.281  -12.089 0.525   1.00 18.63 ? 118 LYS B N   1 
ATOM   945  C  CA  . LYS A 1 118 ? -10.128 -12.030 -0.657  1.00 18.92 ? 118 LYS B CA  1 
ATOM   946  C  C   . LYS A 1 118 ? -9.718  -12.955 -1.813  1.00 18.00 ? 118 LYS B C   1 
ATOM   947  O  O   . LYS A 1 118 ? -10.575 -13.363 -2.599  1.00 16.45 ? 118 LYS B O   1 
ATOM   948  C  CB  . LYS A 1 118 ? -10.226 -10.609 -1.196  1.00 18.58 ? 118 LYS B CB  1 
ATOM   949  C  CG  . LYS A 1 118 ? -10.865 -9.550  -0.198  1.00 20.40 ? 118 LYS B CG  1 
ATOM   950  C  CD  . LYS A 1 118 ? -10.728 -8.087  -0.788  1.00 21.62 ? 118 LYS B CD  1 
ATOM   951  C  CE  . LYS A 1 118 ? -11.708 -7.770  -1.957  1.00 27.06 ? 118 LYS B CE  1 
ATOM   952  N  NZ  . LYS A 1 118 ? -13.154 -8.016  -1.617  1.00 24.49 ? 118 LYS B NZ  1 
ATOM   953  N  N   . HIS A 1 119 ? -8.432  -13.278 -1.921  1.00 17.01 ? 119 HIS B N   1 
ATOM   954  C  CA  . HIS A 1 119 ? -7.945  -14.054 -3.062  1.00 19.39 ? 119 HIS B CA  1 
ATOM   955  C  C   . HIS A 1 119 ? -7.051  -15.198 -2.651  1.00 20.20 ? 119 HIS B C   1 
ATOM   956  O  O   . HIS A 1 119 ? -5.927  -15.323 -3.153  1.00 22.97 ? 119 HIS B O   1 
ATOM   957  C  CB  . HIS A 1 119 ? -7.240  -13.135 -4.078  1.00 18.39 ? 119 HIS B CB  1 
ATOM   958  C  CG  . HIS A 1 119 ? -8.035  -11.927 -4.428  1.00 18.94 ? 119 HIS B CG  1 
ATOM   959  N  ND1 . HIS A 1 119 ? -9.187  -11.985 -5.176  1.00 20.07 ? 119 HIS B ND1 1 
ATOM   960  C  CD2 . HIS A 1 119 ? -7.881  -10.622 -4.068  1.00 18.33 ? 119 HIS B CD2 1 
ATOM   961  C  CE1 . HIS A 1 119 ? -9.699  -10.773 -5.288  1.00 20.30 ? 119 HIS B CE1 1 
ATOM   962  N  NE2 . HIS A 1 119 ? -8.910  -9.925  -4.638  1.00 20.74 ? 119 HIS B NE2 1 
ATOM   963  N  N   . PRO A 1 120 ? -7.541  -16.099 -1.796  1.00 20.77 ? 120 PRO B N   1 
ATOM   964  C  CA  . PRO A 1 120 ? -6.561  -17.091 -1.367  1.00 21.67 ? 120 PRO B CA  1 
ATOM   965  C  C   . PRO A 1 120 ? -6.041  -17.955 -2.545  1.00 21.60 ? 120 PRO B C   1 
ATOM   966  O  O   . PRO A 1 120 ? -4.863  -18.313 -2.567  1.00 22.74 ? 120 PRO B O   1 
ATOM   967  C  CB  . PRO A 1 120 ? -7.346  -17.913 -0.287  1.00 22.71 ? 120 PRO B CB  1 
ATOM   968  C  CG  . PRO A 1 120 ? -8.776  -17.850 -0.770  1.00 21.51 ? 120 PRO B CG  1 
ATOM   969  C  CD  . PRO A 1 120 ? -8.891  -16.378 -1.235  1.00 21.63 ? 120 PRO B CD  1 
ATOM   970  N  N   . GLY A 1 121 ? -6.879  -18.219 -3.540  1.00 21.60 ? 121 GLY B N   1 
ATOM   971  C  CA  . GLY A 1 121 ? -6.487  -19.050 -4.675  1.00 20.91 ? 121 GLY B CA  1 
ATOM   972  C  C   . GLY A 1 121 ? -5.398  -18.407 -5.540  1.00 21.83 ? 121 GLY B C   1 
ATOM   973  O  O   . GLY A 1 121 ? -4.662  -19.128 -6.249  1.00 21.56 ? 121 GLY B O   1 
ATOM   974  N  N   . ASP A 1 122 ? -5.269  -17.071 -5.490  1.00 20.28 ? 122 ASP B N   1 
ATOM   975  C  CA  . ASP A 1 122 ? -4.191  -16.348 -6.200  1.00 19.92 ? 122 ASP B CA  1 
ATOM   976  C  C   . ASP A 1 122 ? -3.136  -15.830 -5.223  1.00 18.23 ? 122 ASP B C   1 
ATOM   977  O  O   . ASP A 1 122 ? -2.236  -15.062 -5.608  1.00 18.49 ? 122 ASP B O   1 
ATOM   978  C  CB  . ASP A 1 122 ? -4.756  -15.150 -6.990  1.00 21.05 ? 122 ASP B CB  1 
ATOM   979  C  CG  . ASP A 1 122 ? -5.665  -15.585 -8.171  1.00 25.00 ? 122 ASP B CG  1 
ATOM   980  O  OD1 . ASP A 1 122 ? -5.161  -15.858 -9.311  1.00 25.63 ? 122 ASP B OD1 1 
ATOM   981  O  OD2 . ASP A 1 122 ? -6.892  -15.641 -7.937  1.00 27.91 ? 122 ASP B OD2 1 
ATOM   982  N  N   . PHE A 1 123 ? -3.209  -16.269 -3.977  1.00 15.58 ? 123 PHE B N   1 
ATOM   983  C  CA  . PHE A 1 123 ? -2.307  -15.733 -2.926  1.00 16.31 ? 123 PHE B CA  1 
ATOM   984  C  C   . PHE A 1 123 ? -1.871  -16.810 -1.953  1.00 17.41 ? 123 PHE B C   1 
ATOM   985  O  O   . PHE A 1 123 ? -2.062  -16.689 -0.702  1.00 18.02 ? 123 PHE B O   1 
ATOM   986  C  CB  . PHE A 1 123 ? -2.988  -14.511 -2.255  1.00 13.02 ? 123 PHE B CB  1 
ATOM   987  C  CG  . PHE A 1 123 ? -2.008  -13.512 -1.670  1.00 13.64 ? 123 PHE B CG  1 
ATOM   988  C  CD1 . PHE A 1 123 ? -1.130  -12.812 -2.494  1.00 14.48 ? 123 PHE B CD1 1 
ATOM   989  C  CD2 . PHE A 1 123 ? -1.954  -13.323 -0.298  1.00 14.58 ? 123 PHE B CD2 1 
ATOM   990  C  CE1 . PHE A 1 123 ? -0.199  -11.911 -2.003  1.00 14.49 ? 123 PHE B CE1 1 
ATOM   991  C  CE2 . PHE A 1 123 ? -1.025  -12.428 0.263   1.00 15.41 ? 123 PHE B CE2 1 
ATOM   992  C  CZ  . PHE A 1 123 ? -0.133  -11.705 -0.583  1.00 14.47 ? 123 PHE B CZ  1 
ATOM   993  N  N   . GLY A 1 124 ? -1.312  -17.902 -2.519  1.00 16.98 ? 124 GLY B N   1 
ATOM   994  C  CA  . GLY A 1 124 ? -0.849  -18.984 -1.720  1.00 16.21 ? 124 GLY B CA  1 
ATOM   995  C  C   . GLY A 1 124 ? 0.518   -18.568 -1.110  1.00 18.97 ? 124 GLY B C   1 
ATOM   996  O  O   . GLY A 1 124 ? 0.970   -17.379 -1.170  1.00 16.27 ? 124 GLY B O   1 
ATOM   997  N  N   . ALA A 1 125 ? 1.206   -19.545 -0.517  1.00 19.65 ? 125 ALA B N   1 
ATOM   998  C  CA  . ALA A 1 125 ? 2.501   -19.292 0.147   1.00 19.74 ? 125 ALA B CA  1 
ATOM   999  C  C   . ALA A 1 125 ? 3.571   -18.614 -0.680  1.00 19.42 ? 125 ALA B C   1 
ATOM   1000 O  O   . ALA A 1 125 ? 4.164   -17.639 -0.219  1.00 20.40 ? 125 ALA B O   1 
ATOM   1001 C  CB  . ALA A 1 125 ? 3.075   -20.610 0.790   1.00 20.17 ? 125 ALA B CB  1 
ATOM   1002 N  N   . ASP A 1 126 ? 3.883   -19.121 -1.868  1.00 18.26 ? 126 ASP B N   1 
ATOM   1003 C  CA  . ASP A 1 126 ? 4.911   -18.510 -2.671  1.00 19.21 ? 126 ASP B CA  1 
ATOM   1004 C  C   . ASP A 1 126 ? 4.488   -17.045 -3.042  1.00 19.15 ? 126 ASP B C   1 
ATOM   1005 O  O   . ASP A 1 126 ? 5.325   -16.102 -3.102  1.00 17.74 ? 126 ASP B O   1 
ATOM   1006 C  CB  . ASP A 1 126 ? 5.129   -19.285 -3.970  1.00 19.46 ? 126 ASP B CB  1 
ATOM   1007 C  CG  . ASP A 1 126 ? 6.078   -20.494 -3.794  1.00 24.92 ? 126 ASP B CG  1 
ATOM   1008 O  OD1 . ASP A 1 126 ? 7.311   -20.354 -3.921  1.00 31.03 ? 126 ASP B OD1 1 
ATOM   1009 O  OD2 . ASP A 1 126 ? 5.590   -21.590 -3.572  1.00 26.57 ? 126 ASP B OD2 1 
ATOM   1010 N  N   . ALA A 1 127 ? 3.202   -16.862 -3.337  1.00 15.68 ? 127 ALA B N   1 
ATOM   1011 C  CA  . ALA A 1 127 ? 2.757   -15.541 -3.873  1.00 13.44 ? 127 ALA B CA  1 
ATOM   1012 C  C   . ALA A 1 127 ? 2.832   -14.535 -2.747  1.00 12.52 ? 127 ALA B C   1 
ATOM   1013 O  O   . ALA A 1 127 ? 3.164   -13.357 -2.963  1.00 12.74 ? 127 ALA B O   1 
ATOM   1014 C  CB  . ALA A 1 127 ? 1.369   -15.648 -4.404  1.00 13.49 ? 127 ALA B CB  1 
ATOM   1015 N  N   . GLN A 1 128 ? 2.440   -14.951 -1.547  1.00 13.36 ? 128 GLN B N   1 
ATOM   1016 C  CA  . GLN A 1 128 ? 2.532   -14.107 -0.369  1.00 14.71 ? 128 GLN B CA  1 
ATOM   1017 C  C   . GLN A 1 128 ? 3.983   -13.736 -0.058  1.00 16.04 ? 128 GLN B C   1 
ATOM   1018 O  O   . GLN A 1 128 ? 4.261   -12.577 0.250   1.00 15.03 ? 128 GLN B O   1 
ATOM   1019 C  CB  . GLN A 1 128 ? 1.888   -14.723 0.860   1.00 16.73 ? 128 GLN B CB  1 
ATOM   1020 C  CG  . GLN A 1 128 ? 2.011   -13.806 2.091   1.00 18.99 ? 128 GLN B CG  1 
ATOM   1021 C  CD  . GLN A 1 128 ? 1.134   -14.235 3.249   1.00 26.60 ? 128 GLN B CD  1 
ATOM   1022 O  OE1 . GLN A 1 128 ? 1.437   -13.919 4.407   1.00 28.47 ? 128 GLN B OE1 1 
ATOM   1023 N  NE2 . GLN A 1 128 ? 0.064   -14.979 2.955   1.00 22.76 ? 128 GLN B NE2 1 
ATOM   1024 N  N   . GLY A 1 129 ? 4.914   -14.688 -0.140  1.00 13.05 ? 129 GLY B N   1 
ATOM   1025 C  CA  . GLY A 1 129 ? 6.331   -14.276 0.018   1.00 14.50 ? 129 GLY B CA  1 
ATOM   1026 C  C   . GLY A 1 129 ? 6.832   -13.307 -1.043  1.00 14.34 ? 129 GLY B C   1 
ATOM   1027 O  O   . GLY A 1 129 ? 7.591   -12.351 -0.726  1.00 13.90 ? 129 GLY B O   1 
ATOM   1028 N  N   . ALA A 1 130 ? 6.483   -13.539 -2.315  1.00 12.98 ? 130 ALA B N   1 
ATOM   1029 C  CA  . ALA A 1 130 ? 6.813   -12.605 -3.372  1.00 12.69 ? 130 ALA B CA  1 
ATOM   1030 C  C   . ALA A 1 130 ? 6.250   -11.174 -3.109  1.00 12.03 ? 130 ALA B C   1 
ATOM   1031 O  O   . ALA A 1 130 ? 6.970   -10.198 -3.298  1.00 11.53 ? 130 ALA B O   1 
ATOM   1032 C  CB  . ALA A 1 130 ? 6.293   -13.093 -4.674  1.00 13.02 ? 130 ALA B CB  1 
ATOM   1033 N  N   . MET A 1 131 ? 4.976   -11.075 -2.742  1.00 10.82 ? 131 MET B N   1 
ATOM   1034 C  CA  . MET A 1 131 ? 4.392   -9.726  -2.444  1.00 11.49 ? 131 MET B CA  1 
ATOM   1035 C  C   . MET A 1 131 ? 5.064   -9.130  -1.231  1.00 11.20 ? 131 MET B C   1 
ATOM   1036 O  O   . MET A 1 131 ? 5.343   -7.923  -1.188  1.00 11.47 ? 131 MET B O   1 
ATOM   1037 C  CB  . MET A 1 131 ? 2.883   -9.864  -2.231  1.00 12.56 ? 131 MET B CB  1 
ATOM   1038 C  CG  . MET A 1 131 ? 2.214   -8.547  -1.884  1.00 10.31 ? 131 MET B CG  1 
ATOM   1039 S  SD  . MET A 1 131 ? 2.272   -7.334  -3.231  1.00 13.07 ? 131 MET B SD  1 
ATOM   1040 C  CE  . MET A 1 131 ? 1.155   -8.107  -4.447  1.00 17.31 ? 131 MET B CE  1 
ATOM   1041 N  N   . THR A 1 132 ? 5.371   -9.958  -0.252  1.00 13.00 ? 132 THR B N   1 
ATOM   1042 C  CA  . THR A 1 132 ? 6.192   -9.492  0.876   1.00 12.89 ? 132 THR B CA  1 
ATOM   1043 C  C   . THR A 1 132 ? 7.523   -8.832  0.434   1.00 12.16 ? 132 THR B C   1 
ATOM   1044 O  O   . THR A 1 132 ? 7.816   -7.714  0.862   1.00 11.24 ? 132 THR B O   1 
ATOM   1045 C  CB  . THR A 1 132 ? 6.420   -10.614 1.923   1.00 14.69 ? 132 THR B CB  1 
ATOM   1046 O  OG1 . THR A 1 132 ? 5.151   -11.022 2.444   1.00 14.90 ? 132 THR B OG1 1 
ATOM   1047 C  CG2 . THR A 1 132 ? 7.296   -10.059 3.099   1.00 15.91 ? 132 THR B CG2 1 
ATOM   1048 N  N   . LYS A 1 133 ? 8.313   -9.490  -0.423  1.00 11.50 ? 133 LYS B N   1 
ATOM   1049 C  CA  . LYS A 1 133 ? 9.577   -8.910  -0.850  1.00 11.35 ? 133 LYS B CA  1 
ATOM   1050 C  C   . LYS A 1 133 ? 9.280   -7.668  -1.718  1.00 9.83  ? 133 LYS B C   1 
ATOM   1051 O  O   . LYS A 1 133 ? 10.087  -6.708  -1.765  1.00 8.81  ? 133 LYS B O   1 
ATOM   1052 C  CB  . LYS A 1 133 ? 10.350  -9.932  -1.704  1.00 12.35 ? 133 LYS B CB  1 
ATOM   1053 C  CG  . LYS A 1 133 ? 10.803  -11.149 -0.845  1.00 16.14 ? 133 LYS B CG  1 
ATOM   1054 C  CD  . LYS A 1 133 ? 11.661  -12.188 -1.702  1.00 25.33 ? 133 LYS B CD  1 
ATOM   1055 C  CE  . LYS A 1 133 ? 12.329  -11.516 -2.954  1.00 29.08 ? 133 LYS B CE  1 
ATOM   1056 N  NZ  . LYS A 1 133 ? 13.667  -12.127 -3.510  1.00 37.20 ? 133 LYS B NZ  1 
ATOM   1057 N  N   . ALA A 1 134 ? 8.177   -7.696  -2.463  1.00 7.32  ? 134 ALA B N   1 
ATOM   1058 C  CA  . ALA A 1 134 ? 7.916   -6.536  -3.342  1.00 7.10  ? 134 ALA B CA  1 
ATOM   1059 C  C   . ALA A 1 134 ? 7.603   -5.301  -2.510  1.00 7.28  ? 134 ALA B C   1 
ATOM   1060 O  O   . ALA A 1 134 ? 8.022   -4.195  -2.841  1.00 9.41  ? 134 ALA B O   1 
ATOM   1061 C  CB  . ALA A 1 134 ? 6.678   -6.793  -4.298  1.00 7.99  ? 134 ALA B CB  1 
ATOM   1062 N  N   . LEU A 1 135 ? 6.849   -5.465  -1.457  1.00 7.55  ? 135 LEU B N   1 
ATOM   1063 C  CA  . LEU A 1 135 ? 6.516   -4.317  -0.559  1.00 8.33  ? 135 LEU B CA  1 
ATOM   1064 C  C   . LEU A 1 135 ? 7.706   -3.910  0.289   1.00 8.01  ? 135 LEU B C   1 
ATOM   1065 O  O   . LEU A 1 135 ? 7.860   -2.727  0.666   1.00 6.50  ? 135 LEU B O   1 
ATOM   1066 C  CB  . LEU A 1 135 ? 5.297   -4.633  0.307   1.00 8.24  ? 135 LEU B CB  1 
ATOM   1067 C  CG  . LEU A 1 135 ? 4.052   -4.928  -0.571  1.00 6.57  ? 135 LEU B CG  1 
ATOM   1068 C  CD1 . LEU A 1 135 ? 2.881   -5.399  0.283   1.00 9.72  ? 135 LEU B CD1 1 
ATOM   1069 C  CD2 . LEU A 1 135 ? 3.564   -3.614  -1.337  1.00 11.38 ? 135 LEU B CD2 1 
ATOM   1070 N  N   . GLU A 1 136 ? 8.550   -4.872  0.629   1.00 8.08  ? 136 GLU B N   1 
ATOM   1071 C  CA  . GLU A 1 136 ? 9.828   -4.527  1.331   1.00 9.18  ? 136 GLU B CA  1 
ATOM   1072 C  C   . GLU A 1 136 ? 10.675  -3.628  0.438   1.00 8.97  ? 136 GLU B C   1 
ATOM   1073 O  O   . GLU A 1 136 ? 11.270  -2.651  0.907   1.00 9.57  ? 136 GLU B O   1 
ATOM   1074 C  CB  . GLU A 1 136 ? 10.599  -5.851  1.697   1.00 8.89  ? 136 GLU B CB  1 
ATOM   1075 C  CG  . GLU A 1 136 ? 9.919   -6.415  2.968   1.00 7.21  ? 136 GLU B CG  1 
ATOM   1076 C  CD  . GLU A 1 136 ? 10.425  -7.778  3.391   1.00 13.56 ? 136 GLU B CD  1 
ATOM   1077 O  OE1 . GLU A 1 136 ? 11.154  -8.405  2.619   1.00 14.21 ? 136 GLU B OE1 1 
ATOM   1078 O  OE2 . GLU A 1 136 ? 10.030  -8.159  4.492   1.00 15.80 ? 136 GLU B OE2 1 
ATOM   1079 N  N   . LEU A 1 137 ? 10.764  -3.981  -0.834  1.00 8.94  ? 137 LEU B N   1 
ATOM   1080 C  CA  . LEU A 1 137 ? 11.604  -3.221  -1.793  1.00 9.44  ? 137 LEU B CA  1 
ATOM   1081 C  C   . LEU A 1 137 ? 11.052  -1.798  -1.887  1.00 9.58  ? 137 LEU B C   1 
ATOM   1082 O  O   . LEU A 1 137 ? 11.837  -0.807  -1.871  1.00 9.04  ? 137 LEU B O   1 
ATOM   1083 C  CB  . LEU A 1 137 ? 11.628  -3.917  -3.176  1.00 10.54 ? 137 LEU B CB  1 
ATOM   1084 C  CG  . LEU A 1 137 ? 12.356  -3.197  -4.319  1.00 11.78 ? 137 LEU B CG  1 
ATOM   1085 C  CD1 . LEU A 1 137 ? 13.886  -3.098  -4.056  1.00 15.96 ? 137 LEU B CD1 1 
ATOM   1086 C  CD2 . LEU A 1 137 ? 12.071  -3.923  -5.605  1.00 12.39 ? 137 LEU B CD2 1 
ATOM   1087 N  N   . PHE A 1 138 ? 9.715   -1.699  -1.991  1.00 9.05  ? 138 PHE B N   1 
ATOM   1088 C  CA  . PHE A 1 138 ? 8.995   -0.394  -2.012  1.00 7.76  ? 138 PHE B CA  1 
ATOM   1089 C  C   . PHE A 1 138 ? 9.375   0.421   -0.769  1.00 7.88  ? 138 PHE B C   1 
ATOM   1090 O  O   . PHE A 1 138 ? 9.756   1.603   -0.875  1.00 9.95  ? 138 PHE B O   1 
ATOM   1091 C  CB  . PHE A 1 138 ? 7.532   -0.634  -2.083  1.00 8.54  ? 138 PHE B CB  1 
ATOM   1092 C  CG  . PHE A 1 138 ? 6.664   0.570   -1.689  1.00 10.37 ? 138 PHE B CG  1 
ATOM   1093 C  CD1 . PHE A 1 138 ? 6.528   1.669   -2.536  1.00 11.22 ? 138 PHE B CD1 1 
ATOM   1094 C  CD2 . PHE A 1 138 ? 5.946   0.536   -0.497  1.00 12.98 ? 138 PHE B CD2 1 
ATOM   1095 C  CE1 . PHE A 1 138 ? 5.708   2.792   -2.168  1.00 12.15 ? 138 PHE B CE1 1 
ATOM   1096 C  CE2 . PHE A 1 138 ? 5.086   1.621   -0.119  1.00 12.38 ? 138 PHE B CE2 1 
ATOM   1097 C  CZ  . PHE A 1 138 ? 5.005   2.771   -0.955  1.00 13.19 ? 138 PHE B CZ  1 
ATOM   1098 N  N   . ARG A 1 139 ? 9.306   -0.189  0.409   1.00 8.08  ? 139 ARG B N   1 
ATOM   1099 C  CA  . ARG A 1 139 ? 9.666   0.539   1.640   1.00 9.34  ? 139 ARG B CA  1 
ATOM   1100 C  C   . ARG A 1 139 ? 11.120  0.949   1.714   1.00 8.89  ? 139 ARG B C   1 
ATOM   1101 O  O   . ARG A 1 139 ? 11.433  2.077   2.138   1.00 10.53 ? 139 ARG B O   1 
ATOM   1102 C  CB  . ARG A 1 139 ? 9.315   -0.266  2.916   1.00 10.24 ? 139 ARG B CB  1 
ATOM   1103 C  CG  . ARG A 1 139 ? 7.845   -0.414  3.081   1.00 12.10 ? 139 ARG B CG  1 
ATOM   1104 C  CD  . ARG A 1 139 ? 7.495   -0.808  4.524   1.00 10.71 ? 139 ARG B CD  1 
ATOM   1105 N  NE  . ARG A 1 139 ? 8.232   -1.936  5.129   1.00 9.46  ? 139 ARG B NE  1 
ATOM   1106 C  CZ  . ARG A 1 139 ? 7.957   -3.243  4.952   1.00 12.58 ? 139 ARG B CZ  1 
ATOM   1107 N  NH1 . ARG A 1 139 ? 7.001   -3.640  4.098   1.00 12.04 ? 139 ARG B NH1 1 
ATOM   1108 N  NH2 . ARG A 1 139 ? 8.711   -4.186  5.600   1.00 11.49 ? 139 ARG B NH2 1 
ATOM   1109 N  N   . ASN A 1 140 ? 12.024  0.034   1.407   1.00 9.76  ? 140 ASN B N   1 
ATOM   1110 C  CA  . ASN A 1 140 ? 13.453  0.329   1.432   1.00 9.22  ? 140 ASN B CA  1 
ATOM   1111 C  C   . ASN A 1 140 ? 13.762  1.491   0.473   1.00 9.73  ? 140 ASN B C   1 
ATOM   1112 O  O   . ASN A 1 140 ? 14.569  2.369   0.804   1.00 7.60  ? 140 ASN B O   1 
ATOM   1113 C  CB  . ASN A 1 140 ? 14.190  -0.919  0.997   1.00 10.36 ? 140 ASN B CB  1 
ATOM   1114 C  CG  . ASN A 1 140 ? 15.628  -0.921  1.431   1.00 16.01 ? 140 ASN B CG  1 
ATOM   1115 O  OD1 . ASN A 1 140 ? 15.942  -1.146  2.614   1.00 19.34 ? 140 ASN B OD1 1 
ATOM   1116 N  ND2 . ASN A 1 140 ? 16.507  -0.671  0.509   1.00 9.89  ? 140 ASN B ND2 1 
ATOM   1117 N  N   . ASP A 1 141 ? 13.160  1.484   -0.733  1.00 8.10  ? 141 ASP B N   1 
ATOM   1118 C  CA  . ASP A 1 141 ? 13.465  2.580   -1.709  1.00 10.16 ? 141 ASP B CA  1 
ATOM   1119 C  C   . ASP A 1 141 ? 12.878  3.945   -1.315  1.00 10.24 ? 141 ASP B C   1 
ATOM   1120 O  O   . ASP A 1 141 ? 13.507  4.974   -1.561  1.00 10.81 ? 141 ASP B O   1 
ATOM   1121 C  CB  . ASP A 1 141 ? 13.104  2.196   -3.128  1.00 8.13  ? 141 ASP B CB  1 
ATOM   1122 C  CG  . ASP A 1 141 ? 14.041  1.116   -3.701  1.00 15.56 ? 141 ASP B CG  1 
ATOM   1123 O  OD1 . ASP A 1 141 ? 15.173  0.927   -3.135  1.00 15.41 ? 141 ASP B OD1 1 
ATOM   1124 O  OD2 . ASP A 1 141 ? 13.650  0.471   -4.714  1.00 19.24 ? 141 ASP B OD2 1 
ATOM   1125 N  N   . ILE A 1 142 ? 11.680  3.967   -0.714  1.00 9.23  ? 142 ILE B N   1 
ATOM   1126 C  CA  . ILE A 1 142 ? 11.113  5.148   -0.130  1.00 8.66  ? 142 ILE B CA  1 
ATOM   1127 C  C   . ILE A 1 142 ? 12.008  5.649   0.978   1.00 8.98  ? 142 ILE B C   1 
ATOM   1128 O  O   . ILE A 1 142 ? 12.340  6.819   1.045   1.00 8.11  ? 142 ILE B O   1 
ATOM   1129 C  CB  . ILE A 1 142 ? 9.659   4.913   0.462   1.00 8.42  ? 142 ILE B CB  1 
ATOM   1130 C  CG1 . ILE A 1 142 ? 8.660   4.632   -0.650  1.00 12.21 ? 142 ILE B CG1 1 
ATOM   1131 C  CG2 . ILE A 1 142 ? 9.165   6.097   1.368   1.00 10.49 ? 142 ILE B CG2 1 
ATOM   1132 C  CD1 . ILE A 1 142 ? 8.386   5.932   -1.538  1.00 18.45 ? 142 ILE B CD1 1 
ATOM   1133 N  N   . ALA A 1 143 ? 12.435  4.755   1.851   1.00 7.06  ? 143 ALA B N   1 
ATOM   1134 C  CA  . ALA A 1 143 ? 13.257  5.152   2.986   1.00 7.64  ? 143 ALA B CA  1 
ATOM   1135 C  C   . ALA A 1 143 ? 14.556  5.832   2.501   1.00 9.35  ? 143 ALA B C   1 
ATOM   1136 O  O   . ALA A 1 143 ? 15.002  6.877   3.090   1.00 9.27  ? 143 ALA B O   1 
ATOM   1137 C  CB  . ALA A 1 143 ? 13.539  3.891   3.851   1.00 7.28  ? 143 ALA B CB  1 
ATOM   1138 N  N   . ALA A 1 144 ? 15.139  5.284   1.429   1.00 9.96  ? 144 ALA B N   1 
ATOM   1139 C  CA  . ALA A 1 144 ? 16.361  5.878   0.838   1.00 9.66  ? 144 ALA B CA  1 
ATOM   1140 C  C   . ALA A 1 144 ? 16.088  7.258   0.321   1.00 10.65 ? 144 ALA B C   1 
ATOM   1141 O  O   . ALA A 1 144 ? 16.922  8.188   0.508   1.00 11.09 ? 144 ALA B O   1 
ATOM   1142 C  CB  . ALA A 1 144 ? 17.005  4.982   -0.257  1.00 10.45 ? 144 ALA B CB  1 
ATOM   1143 N  N   . LYS A 1 145 ? 14.938  7.455   -0.301  1.00 9.29  ? 145 LYS B N   1 
ATOM   1144 C  CA  . LYS A 1 145 ? 14.636  8.842   -0.760  1.00 10.35 ? 145 LYS B CA  1 
ATOM   1145 C  C   . LYS A 1 145 ? 14.277  9.765   0.372   1.00 11.04 ? 145 LYS B C   1 
ATOM   1146 O  O   . LYS A 1 145 ? 14.635  10.933  0.356   1.00 11.86 ? 145 LYS B O   1 
ATOM   1147 C  CB  . LYS A 1 145 ? 13.499  8.830   -1.790  1.00 9.98  ? 145 LYS B CB  1 
ATOM   1148 C  CG  . LYS A 1 145 ? 14.028  8.369   -3.129  1.00 14.16 ? 145 LYS B CG  1 
ATOM   1149 C  CD  . LYS A 1 145 ? 12.840  7.870   -3.980  1.00 16.78 ? 145 LYS B CD  1 
ATOM   1150 C  CE  . LYS A 1 145 ? 13.176  7.771   -5.474  1.00 22.15 ? 145 LYS B CE  1 
ATOM   1151 N  NZ  . LYS A 1 145 ? 14.660  7.796   -5.763  1.00 27.26 ? 145 LYS B NZ  1 
ATOM   1152 N  N   . TYR A 1 146 ? 13.523  9.282   1.360   1.00 9.91  ? 146 TYR B N   1 
ATOM   1153 C  CA  . TYR A 1 146 ? 13.251  10.094  2.553   1.00 9.94  ? 146 TYR B CA  1 
ATOM   1154 C  C   . TYR A 1 146 ? 14.533  10.745  3.092   1.00 11.39 ? 146 TYR B C   1 
ATOM   1155 O  O   . TYR A 1 146 ? 14.540  11.934  3.428   1.00 12.21 ? 146 TYR B O   1 
ATOM   1156 C  CB  . TYR A 1 146 ? 12.705  9.219   3.687   1.00 8.43  ? 146 TYR B CB  1 
ATOM   1157 C  CG  . TYR A 1 146 ? 11.224  8.997   3.666   1.00 10.90 ? 146 TYR B CG  1 
ATOM   1158 C  CD1 . TYR A 1 146 ? 10.441  9.447   2.627   1.00 9.07  ? 146 TYR B CD1 1 
ATOM   1159 C  CD2 . TYR A 1 146 ? 10.616  8.309   4.721   1.00 10.48 ? 146 TYR B CD2 1 
ATOM   1160 C  CE1 . TYR A 1 146 ? 9.011   9.292   2.675   1.00 11.18 ? 146 TYR B CE1 1 
ATOM   1161 C  CE2 . TYR A 1 146 ? 9.301   8.102   4.736   1.00 8.45  ? 146 TYR B CE2 1 
ATOM   1162 C  CZ  . TYR A 1 146 ? 8.471   8.613   3.746   1.00 10.04 ? 146 TYR B CZ  1 
ATOM   1163 O  OH  . TYR A 1 146 ? 7.100   8.368   3.826   1.00 11.16 ? 146 TYR B OH  1 
ATOM   1164 N  N   . LYS A 1 147 ? 15.585  9.950   3.207   1.00 10.57 ? 147 LYS B N   1 
ATOM   1165 C  CA  . LYS A 1 147 ? 16.862  10.452  3.737   1.00 11.09 ? 147 LYS B CA  1 
ATOM   1166 C  C   . LYS A 1 147 ? 17.429  11.593  2.915   1.00 11.49 ? 147 LYS B C   1 
ATOM   1167 O  O   . LYS A 1 147 ? 17.824  12.635  3.476   1.00 12.07 ? 147 LYS B O   1 
ATOM   1168 C  CB  . LYS A 1 147 ? 17.890  9.321   3.721   1.00 12.36 ? 147 LYS B CB  1 
ATOM   1169 C  CG  . LYS A 1 147 ? 19.058  9.646   4.699   1.00 19.31 ? 147 LYS B CG  1 
ATOM   1170 C  CD  . LYS A 1 147 ? 20.310  10.169  4.083   1.00 31.62 ? 147 LYS B CD  1 
ATOM   1171 C  CE  . LYS A 1 147 ? 21.364  10.575  5.199   1.00 31.71 ? 147 LYS B CE  1 
ATOM   1172 N  NZ  . LYS A 1 147 ? 22.289  11.623  4.661   1.00 37.47 ? 147 LYS B NZ  1 
ATOM   1173 N  N   . GLU A 1 148 ? 17.456  11.421  1.598   1.00 11.24 ? 148 GLU B N   1 
ATOM   1174 C  CA  . GLU A 1 148 ? 17.816  12.542  0.720   1.00 12.54 ? 148 GLU B CA  1 
ATOM   1175 C  C   . GLU A 1 148 ? 16.968  13.757  0.934   1.00 11.78 ? 148 GLU B C   1 
ATOM   1176 O  O   . GLU A 1 148 ? 17.483  14.871  0.890   1.00 11.74 ? 148 GLU B O   1 
ATOM   1177 C  CB  . GLU A 1 148 ? 17.697  12.144  -0.752  1.00 13.09 ? 148 GLU B CB  1 
ATOM   1178 C  CG  . GLU A 1 148 ? 18.664  11.015  -1.112  1.00 18.35 ? 148 GLU B CG  1 
ATOM   1179 C  CD  . GLU A 1 148 ? 18.402  10.387  -2.455  1.00 24.63 ? 148 GLU B CD  1 
ATOM   1180 O  OE1 . GLU A 1 148 ? 19.119  9.400   -2.778  1.00 29.29 ? 148 GLU B OE1 1 
ATOM   1181 O  OE2 . GLU A 1 148 ? 17.528  10.895  -3.209  1.00 24.47 ? 148 GLU B OE2 1 
ATOM   1182 N  N   . LEU A 1 149 ? 15.651  13.550  1.052   1.00 12.75 ? 149 LEU B N   1 
ATOM   1183 C  CA  . LEU A 1 149 ? 14.676  14.616  1.311   1.00 12.15 ? 149 LEU B CA  1 
ATOM   1184 C  C   . LEU A 1 149 ? 14.733  15.232  2.707   1.00 13.18 ? 149 LEU B C   1 
ATOM   1185 O  O   . LEU A 1 149 ? 13.975  16.160  3.004   1.00 12.96 ? 149 LEU B O   1 
ATOM   1186 C  CB  . LEU A 1 149 ? 13.250  14.061  1.047   1.00 12.91 ? 149 LEU B CB  1 
ATOM   1187 C  CG  . LEU A 1 149 ? 13.029  13.690  -0.411  1.00 13.32 ? 149 LEU B CG  1 
ATOM   1188 C  CD1 . LEU A 1 149 ? 11.827  12.806  -0.684  1.00 8.60  ? 149 LEU B CD1 1 
ATOM   1189 C  CD2 . LEU A 1 149 ? 12.819  15.050  -1.053  1.00 14.99 ? 149 LEU B CD2 1 
ATOM   1190 N  N   . GLY A 1 150 ? 15.580  14.726  3.583   1.00 12.28 ? 150 GLY B N   1 
ATOM   1191 C  CA  . GLY A 1 150 ? 15.707  15.297  4.911   1.00 13.59 ? 150 GLY B CA  1 
ATOM   1192 C  C   . GLY A 1 150 ? 14.630  14.915  5.893   1.00 12.57 ? 150 GLY B C   1 
ATOM   1193 O  O   . GLY A 1 150 ? 14.430  15.580  6.940   1.00 12.47 ? 150 GLY B O   1 
ATOM   1194 N  N   . PHE A 1 151 ? 13.950  13.822  5.587   1.00 11.71 ? 151 PHE B N   1 
ATOM   1195 C  CA  . PHE A 1 151 ? 12.968  13.277  6.505   1.00 12.39 ? 151 PHE B CA  1 
ATOM   1196 C  C   . PHE A 1 151 ? 13.491  11.975  7.139   1.00 13.81 ? 151 PHE B C   1 
ATOM   1197 O  O   . PHE A 1 151 ? 13.754  11.000  6.459   1.00 12.30 ? 151 PHE B O   1 
ATOM   1198 C  CB  . PHE A 1 151 ? 11.580  13.072  5.797   1.00 12.92 ? 151 PHE B CB  1 
ATOM   1199 C  CG  . PHE A 1 151 ? 10.479  12.493  6.689   1.00 12.33 ? 151 PHE B CG  1 
ATOM   1200 C  CD1 . PHE A 1 151 ? 10.158  13.069  7.898   1.00 18.32 ? 151 PHE B CD1 1 
ATOM   1201 C  CD2 . PHE A 1 151 ? 9.702   11.354  6.245   1.00 12.34 ? 151 PHE B CD2 1 
ATOM   1202 C  CE1 . PHE A 1 151 ? 9.122   12.500  8.717   1.00 21.12 ? 151 PHE B CE1 1 
ATOM   1203 C  CE2 . PHE A 1 151 ? 8.671   10.820  7.022   1.00 12.94 ? 151 PHE B CE2 1 
ATOM   1204 C  CZ  . PHE A 1 151 ? 8.377   11.372  8.253   1.00 15.08 ? 151 PHE B CZ  1 
ATOM   1205 N  N   . GLN A 1 152 ? 13.560  11.936  8.462   1.00 16.43 ? 152 GLN B N   1 
ATOM   1206 C  CA  . GLN A 1 152 ? 14.007  10.725  9.119   1.00 22.11 ? 152 GLN B CA  1 
ATOM   1207 C  C   . GLN A 1 152 ? 12.730  9.927   9.391   1.00 22.35 ? 152 GLN B C   1 
ATOM   1208 O  O   . GLN A 1 152 ? 12.049  10.199  10.378  1.00 27.01 ? 152 GLN B O   1 
ATOM   1209 C  CB  . GLN A 1 152 ? 14.663  11.057  10.450  1.00 23.27 ? 152 GLN B CB  1 
ATOM   1210 C  CG  . GLN A 1 152 ? 15.055  9.778   11.192  1.00 30.87 ? 152 GLN B CG  1 
ATOM   1211 C  CD  . GLN A 1 152 ? 16.518  9.546   11.193  1.00 37.12 ? 152 GLN B CD  1 
ATOM   1212 O  OE1 . GLN A 1 152 ? 17.242  10.238  11.962  1.00 37.69 ? 152 GLN B OE1 1 
ATOM   1213 N  NE2 . GLN A 1 152 ? 16.997  8.598   10.341  1.00 33.90 ? 152 GLN B NE2 1 
ATOM   1214 N  N   . GLY A 1 153 ? 12.357  9.032   8.486   1.00 23.67 ? 153 GLY B N   1 
ATOM   1215 C  CA  . GLY A 1 153 ? 11.016  8.440   8.473   1.00 21.93 ? 153 GLY B CA  1 
ATOM   1216 C  C   . GLY A 1 153 ? 10.818  7.595   9.711   1.00 23.15 ? 153 GLY B C   1 
HETATM 1217 S  S   . SO4 B 2 .   ? -15.811 -0.870  15.977  1.00 61.61 ? 202 SO4 B S   1 
HETATM 1218 O  O1  . SO4 B 2 .   ? -14.887 -0.683  14.848  1.00 60.99 ? 202 SO4 B O1  1 
HETATM 1219 O  O2  . SO4 B 2 .   ? -15.903 0.391   16.702  1.00 62.68 ? 202 SO4 B O2  1 
HETATM 1220 O  O3  . SO4 B 2 .   ? -17.124 -1.257  15.459  1.00 62.16 ? 202 SO4 B O3  1 
HETATM 1221 O  O4  . SO4 B 2 .   ? -15.374 -1.908  16.926  1.00 61.69 ? 202 SO4 B O4  1 
HETATM 1222 O  O1A A HE5 C 3 .   ? 0.902   12.373  -2.558  0.60 26.81 ? 201 HE5 B O1A 1 
HETATM 1223 O  O1A B HE5 C 3 .   ? -5.222  14.709  0.847   0.40 15.90 ? 201 HE5 B O1A 1 
HETATM 1224 C  CGA A HE5 C 3 .   ? 0.795   12.101  -3.758  0.60 23.76 ? 201 HE5 B CGA 1 
HETATM 1225 C  CGA B HE5 C 3 .   ? -5.643  13.564  0.865   0.40 18.41 ? 201 HE5 B CGA 1 
HETATM 1226 O  O2A A HE5 C 3 .   ? 2.016   12.108  -4.635  0.60 24.40 ? 201 HE5 B O2A 1 
HETATM 1227 O  O2A B HE5 C 3 .   ? -6.922  13.265  0.220   0.40 23.14 ? 201 HE5 B O2A 1 
HETATM 1228 C  C40 A HE5 C 3 .   ? 2.458   11.045  -5.498  0.60 6.89  ? 201 HE5 B C40 1 
HETATM 1229 C  C40 B HE5 C 3 .   ? -7.258  13.806  -1.060  0.40 25.87 ? 201 HE5 B C40 1 
HETATM 1230 C  CBA A HE5 C 3 .   ? -0.603  11.801  -4.274  0.60 20.37 ? 201 HE5 B CBA 1 
HETATM 1231 C  CBA B HE5 C 3 .   ? -4.873  12.428  1.529   0.40 12.08 ? 201 HE5 B CBA 1 
HETATM 1232 C  CAA A HE5 C 3 .   ? -1.609  11.448  -3.152  0.60 20.60 ? 201 HE5 B CAA 1 
HETATM 1233 C  CAA B HE5 C 3 .   ? -3.517  12.866  2.050   0.40 8.59  ? 201 HE5 B CAA 1 
HETATM 1234 C  C2A A HE5 C 3 .   ? -1.345  10.080  -2.510  0.60 16.24 ? 201 HE5 B C2A 1 
HETATM 1235 C  C2A B HE5 C 3 .   ? -2.606  11.682  2.300   0.40 5.73  ? 201 HE5 B C2A 1 
HETATM 1236 C  C1A A HE5 C 3 .   ? -1.502  9.743   -1.163  0.60 14.75 ? 201 HE5 B C1A 1 
HETATM 1237 C  C1A B HE5 C 3 .   ? -1.927  10.885  1.385   0.40 5.93  ? 201 HE5 B C1A 1 
HETATM 1238 C  CHA A HE5 C 3 .   ? -2.060  10.627  -0.114  0.60 13.12 ? 201 HE5 B CHA 1 
HETATM 1239 C  CHA B HE5 C 3 .   ? -1.728  11.093  -0.067  0.40 3.82  ? 201 HE5 B CHA 1 
HETATM 1240 C  C3A A HE5 C 3 .   ? -0.860  8.958   -3.146  0.60 17.00 ? 201 HE5 B C3A 1 
HETATM 1241 C  C3A B HE5 C 3 .   ? -2.362  11.193  3.560   0.40 6.55  ? 201 HE5 B C3A 1 
HETATM 1242 C  CMA A HE5 C 3 .   ? -0.513  8.805   -4.623  0.60 14.58 ? 201 HE5 B CMA 1 
HETATM 1243 C  CMA B HE5 C 3 .   ? -2.959  11.739  4.829   0.40 8.31  ? 201 HE5 B CMA 1 
HETATM 1244 C  C4A A HE5 C 3 .   ? -0.740  7.957   -2.198  0.60 14.15 ? 201 HE5 B C4A 1 
HETATM 1245 C  C4A B HE5 C 3 .   ? -1.548  10.080  3.464   0.40 5.76  ? 201 HE5 B C4A 1 
HETATM 1246 N  NA  A HE5 C 3 .   ? -1.249  8.339   -0.889  0.60 13.80 ? 201 HE5 B NA  1 
HETATM 1247 N  NA  B HE5 C 3 .   ? -1.081  9.950   2.076   0.40 5.29  ? 201 HE5 B NA  1 
HETATM 1248 C  CHB A HE5 C 3 .   ? -0.285  6.561   -2.497  0.60 14.91 ? 201 HE5 B CHB 1 
HETATM 1249 C  CHB B HE5 C 3 .   ? -0.991  9.301   4.602   0.40 5.14  ? 201 HE5 B CHB 1 
HETATM 1250 C  C1B A HE5 C 3 .   ? 0.230   5.735   -1.384  0.60 13.43 ? 201 HE5 B C1B 1 
HETATM 1251 C  C1B B HE5 C 3 .   ? -0.562  7.884   4.399   0.40 4.15  ? 201 HE5 B C1B 1 
HETATM 1252 C  C2B A HE5 C 3 .   ? 0.684   4.442   -1.644  0.60 13.71 ? 201 HE5 B C2B 1 
HETATM 1253 C  C2B B HE5 C 3 .   ? -0.387  7.017   5.472   0.40 2.48  ? 201 HE5 B C2B 1 
HETATM 1254 C  C3B A HE5 C 3 .   ? 1.035   3.945   -0.415  0.60 13.12 ? 201 HE5 B C3B 1 
HETATM 1255 C  C3B B HE5 C 3 .   ? 0.067   5.839   4.915   0.40 4.39  ? 201 HE5 B C3B 1 
HETATM 1256 C  CAB A HE5 C 3 .   ? 1.535   2.506   -0.363  0.60 13.45 ? 201 HE5 B CAB 1 
HETATM 1257 C  CAB B HE5 C 3 .   ? 0.317   4.667   5.842   0.40 4.96  ? 201 HE5 B CAB 1 
HETATM 1258 N  NB  A HE5 C 3 .   ? 0.317   5.969   -0.053  0.60 14.91 ? 201 HE5 B NB  1 
HETATM 1259 N  NB  B HE5 C 3 .   ? -0.318  7.191   3.272   0.40 3.50  ? 201 HE5 B NB  1 
HETATM 1260 ZN ZN  A HE5 C 3 .   ? -0.136  7.868   0.912   0.60 14.16 ? 201 HE5 B ZN  1 
HETATM 1261 ZN ZN  B HE5 C 3 .   ? -0.260  8.087   1.349   0.40 5.99  ? 201 HE5 B ZN  1 
HETATM 1262 N  ND  A HE5 C 3 .   ? -1.565  9.172   1.935   0.60 12.90 ? 201 HE5 B ND  1 
HETATM 1263 N  ND  B HE5 C 3 .   ? -0.660  8.834   -0.673  0.40 3.88  ? 201 HE5 B ND  1 
HETATM 1264 C  C4D A HE5 C 3 .   ? -1.854  10.471  1.359   0.60 13.77 ? 201 HE5 B C4D 1 
HETATM 1265 C  C4D B HE5 C 3 .   ? -1.472  9.984   -0.985  0.40 4.06  ? 201 HE5 B C4D 1 
HETATM 1266 C  C4B A HE5 C 3 .   ? 0.838   4.901   0.556   0.60 14.16 ? 201 HE5 B C4B 1 
HETATM 1267 C  C4B B HE5 C 3 .   ? 0.140   5.949   3.530   0.40 5.53  ? 201 HE5 B C4B 1 
HETATM 1268 C  CHC A HE5 C 3 .   ? 1.135   4.617   1.978   0.60 17.25 ? 201 HE5 B CHC 1 
HETATM 1269 C  CHC B HE5 C 3 .   ? 0.569   4.820   2.639   0.40 3.85  ? 201 HE5 B CHC 1 
HETATM 1270 C  C1C A HE5 C 3 .   ? 0.504   5.565   2.934   0.60 15.54 ? 201 HE5 B C1C 1 
HETATM 1271 C  C1C B HE5 C 3 .   ? 0.508   5.079   1.160   0.40 3.15  ? 201 HE5 B C1C 1 
HETATM 1272 C  C2C A HE5 C 3 .   ? 0.446   5.219   4.279   0.60 16.78 ? 201 HE5 B C2C 1 
HETATM 1273 C  C2C B HE5 C 3 .   ? 0.851   4.094   0.224   0.40 2.49  ? 201 HE5 B C2C 1 
HETATM 1274 C  C3C A HE5 C 3 .   ? -0.128  6.304   4.903   0.60 15.02 ? 201 HE5 B C3C 1 
HETATM 1275 C  C3C B HE5 C 3 .   ? 0.719   4.669   -1.018  0.40 2.02  ? 201 HE5 B C3C 1 
HETATM 1276 C  CAC A HE5 C 3 .   ? -0.363  6.164   6.387   0.60 16.57 ? 201 HE5 B CAC 1 
HETATM 1277 C  CAC B HE5 C 3 .   ? 0.973   3.847   -2.267  0.40 2.00  ? 201 HE5 B CAC 1 
HETATM 1278 N  NC  A HE5 C 3 .   ? -0.061  6.788   2.767   0.60 12.45 ? 201 HE5 B NC  1 
HETATM 1279 N  NC  B HE5 C 3 .   ? 0.167   6.171   0.463   0.40 3.11  ? 201 HE5 B NC  1 
HETATM 1280 C  C4C A HE5 C 3 .   ? -0.442  7.287   3.963   0.60 15.62 ? 201 HE5 B C4C 1 
HETATM 1281 C  C4C B HE5 C 3 .   ? 0.306   5.975   -0.862  0.40 3.83  ? 201 HE5 B C4C 1 
HETATM 1282 C  CHD A HE5 C 3 .   ? -1.113  8.539   4.401   0.60 13.91 ? 201 HE5 B CHD 1 
HETATM 1283 C  CHD B HE5 C 3 .   ? 0.033   6.798   -2.058  0.40 5.72  ? 201 HE5 B CHD 1 
HETATM 1284 C  C1D A HE5 C 3 .   ? -1.451  9.550   3.356   0.60 14.10 ? 201 HE5 B C1D 1 
HETATM 1285 C  C1D B HE5 C 3 .   ? -0.719  8.078   -1.904  0.40 2.55  ? 201 HE5 B C1D 1 
HETATM 1286 C  C2D A HE5 C 3 .   ? -1.841  10.882  3.581   0.60 14.92 ? 201 HE5 B C2D 1 
HETATM 1287 C  C2D B HE5 C 3 .   ? -1.230  8.875   -2.924  0.40 4.88  ? 201 HE5 B C2D 1 
HETATM 1288 C  CMD A HE5 C 3 .   ? -1.951  11.652  4.890   0.60 13.36 ? 201 HE5 B CMD 1 
HETATM 1289 C  CMD B HE5 C 3 .   ? -1.310  8.453   -4.396  0.40 2.00  ? 201 HE5 B CMD 1 
HETATM 1290 C  C3D A HE5 C 3 .   ? -2.108  11.428  2.351   0.60 14.80 ? 201 HE5 B C3D 1 
HETATM 1291 C  C3D B HE5 C 3 .   ? -1.691  10.049  -2.347  0.40 4.91  ? 201 HE5 B C3D 1 
HETATM 1292 C  CAD A HE5 C 3 .   ? -2.523  12.868  2.192   0.60 21.07 ? 201 HE5 B CAD 1 
HETATM 1293 C  CAD B HE5 C 3 .   ? -2.360  11.248  -2.989  0.40 7.59  ? 201 HE5 B CAD 1 
HETATM 1294 C  CBD A HE5 C 3 .   ? -3.766  12.980  1.334   0.60 26.46 ? 201 HE5 B CBD 1 
HETATM 1295 C  CBD B HE5 C 3 .   ? -1.242  12.135  -3.596  0.40 10.67 ? 201 HE5 B CBD 1 
HETATM 1296 C  CGD A HE5 C 3 .   ? -4.930  13.358  2.194   0.60 30.27 ? 201 HE5 B CGD 1 
HETATM 1297 C  CGD B HE5 C 3 .   ? -0.008  12.404  -2.738  0.40 6.43  ? 201 HE5 B CGD 1 
HETATM 1298 O  O1D A HE5 C 3 .   ? -5.425  14.489  2.198   0.60 30.28 ? 201 HE5 B O1D 1 
HETATM 1299 O  O1D B HE5 C 3 .   ? -0.042  13.287  -1.902  0.40 7.74  ? 201 HE5 B O1D 1 
HETATM 1300 O  O2D A HE5 C 3 .   ? -5.509  12.301  2.986   0.60 34.56 ? 201 HE5 B O2D 1 
HETATM 1301 O  O2D B HE5 C 3 .   ? 1.287   11.691  -2.882  0.40 6.94  ? 201 HE5 B O2D 1 
HETATM 1302 C  C41 A HE5 C 3 .   ? -6.861  11.933  2.629   0.60 35.56 ? 201 HE5 B C41 1 
HETATM 1303 C  C41 B HE5 C 3 .   ? 1.331   10.373  -3.439  0.40 11.12 ? 201 HE5 B C41 1 
HETATM 1304 S  S   . SO4 D 2 .   ? -18.432 10.912  2.630   1.00 45.59 ? 154 SO4 B S   1 
HETATM 1305 O  O1  . SO4 D 2 .   ? -17.033 10.795  2.222   1.00 41.36 ? 154 SO4 B O1  1 
HETATM 1306 O  O2  . SO4 D 2 .   ? -18.338 11.109  4.076   1.00 44.56 ? 154 SO4 B O2  1 
HETATM 1307 O  O3  . SO4 D 2 .   ? -18.933 12.075  1.898   1.00 42.59 ? 154 SO4 B O3  1 
HETATM 1308 O  O4  . SO4 D 2 .   ? -19.341 9.778   2.332   1.00 40.42 ? 154 SO4 B O4  1 
HETATM 1309 O  O   . HOH E 4 .   ? -15.494 3.648   2.664   1.00 17.49 ? 155 HOH B O   1 
HETATM 1310 O  O   . HOH E 4 .   ? -2.853  -5.875  9.067   1.00 23.94 ? 156 HOH B O   1 
HETATM 1311 O  O   . HOH E 4 .   ? 8.444   -2.557  -5.113  1.00 16.58 ? 157 HOH B O   1 
HETATM 1312 O  O   . HOH E 4 .   ? 3.546   1.483   -14.103 1.00 20.24 ? 158 HOH B O   1 
HETATM 1313 O  O   . HOH E 4 .   ? 12.853  -6.944  -1.327  1.00 19.21 ? 159 HOH B O   1 
HETATM 1314 O  O   . HOH E 4 .   ? 9.436   4.595   11.196  1.00 15.76 ? 160 HOH B O   1 
HETATM 1315 O  O   . HOH E 4 .   ? 15.388  -2.475  -7.935  1.00 19.33 ? 161 HOH B O   1 
HETATM 1316 O  O   . HOH E 4 .   ? 19.613  7.482   1.211   1.00 18.37 ? 162 HOH B O   1 
HETATM 1317 O  O   . HOH E 4 .   ? -3.016  -13.071 -14.495 1.00 24.21 ? 163 HOH B O   1 
HETATM 1318 O  O   . HOH E 4 .   ? -10.591 -14.240 -6.351  1.00 34.70 ? 164 HOH B O   1 
HETATM 1319 O  O   . HOH E 4 .   ? -18.474 -0.497  13.600  1.00 21.36 ? 165 HOH B O   1 
HETATM 1320 O  O   . HOH E 4 .   ? -3.045  7.442   -7.656  1.00 18.51 ? 166 HOH B O   1 
HETATM 1321 O  O   . HOH E 4 .   ? -21.380 1.112   7.368   1.00 24.63 ? 167 HOH B O   1 
HETATM 1322 O  O   . HOH E 4 .   ? -0.403  -14.639 -7.445  1.00 23.97 ? 168 HOH B O   1 
HETATM 1323 O  O   . HOH E 4 .   ? 2.642   4.976   -9.337  1.00 20.02 ? 169 HOH B O   1 
HETATM 1324 O  O   . HOH E 4 .   ? 1.483   -19.056 -4.364  1.00 20.45 ? 170 HOH B O   1 
HETATM 1325 O  O   . HOH E 4 .   ? 6.216   -6.480  3.138   1.00 25.76 ? 171 HOH B O   1 
HETATM 1326 O  O   . HOH E 4 .   ? -12.490 15.809  -1.843  1.00 32.60 ? 172 HOH B O   1 
HETATM 1327 O  O   . HOH E 4 .   ? 6.367   18.174  -1.871  1.00 26.03 ? 173 HOH B O   1 
HETATM 1328 O  O   . HOH E 4 .   ? 7.988   -6.879  5.779   1.00 20.16 ? 174 HOH B O   1 
HETATM 1329 O  O   . HOH E 4 .   ? -9.337  -17.060 -4.647  1.00 25.05 ? 175 HOH B O   1 
HETATM 1330 O  O   . HOH E 4 .   ? -6.940  13.650  4.802   1.00 26.40 ? 176 HOH B O   1 
HETATM 1331 O  O   . HOH E 4 .   ? 15.625  -0.236  -6.182  1.00 24.62 ? 177 HOH B O   1 
HETATM 1332 O  O   . HOH E 4 .   ? -1.401  15.661  4.629   1.00 32.88 ? 178 HOH B O   1 
HETATM 1333 O  O   . HOH E 4 .   ? -20.454 0.703   15.146  1.00 25.20 ? 179 HOH B O   1 
HETATM 1334 O  O   . HOH E 4 .   ? 8.107   -2.253  -7.963  1.00 18.06 ? 180 HOH B O   1 
HETATM 1335 O  O   . HOH E 4 .   ? -19.431 0.257   17.593  1.00 28.05 ? 181 HOH B O   1 
HETATM 1336 O  O   . HOH E 4 .   ? 11.122  2.281   -16.388 1.00 36.82 ? 182 HOH B O   1 
HETATM 1337 O  O   . HOH E 4 .   ? -5.370  8.100   -8.919  1.00 23.42 ? 183 HOH B O   1 
HETATM 1338 O  O   . HOH E 4 .   ? 4.933   14.651  -5.134  1.00 23.05 ? 184 HOH B O   1 
HETATM 1339 O  O   . HOH E 4 .   ? -2.176  -3.294  9.241   1.00 28.59 ? 185 HOH B O   1 
HETATM 1340 O  O   . HOH E 4 .   ? 14.106  4.038   -6.434  1.00 31.85 ? 186 HOH B O   1 
HETATM 1341 O  O   . HOH E 4 .   ? -7.776  7.118   -8.280  1.00 28.98 ? 187 HOH B O   1 
HETATM 1342 O  O   . HOH E 4 .   ? 13.028  14.186  10.159  1.00 28.86 ? 188 HOH B O   1 
HETATM 1343 O  O   . HOH E 4 .   ? -19.216 7.915   7.544   1.00 29.49 ? 189 HOH B O   1 
HETATM 1344 O  O   . HOH E 4 .   ? 14.592  -14.726 -12.761 1.00 34.99 ? 190 HOH B O   1 
HETATM 1345 O  O   . HOH E 4 .   ? 1.364   15.388  8.881   1.00 32.26 ? 191 HOH B O   1 
HETATM 1346 O  O   . HOH E 4 .   ? 0.008   9.684   13.521  1.00 27.72 ? 192 HOH B O   1 
HETATM 1347 O  O   . HOH E 4 .   ? 13.672  -6.904  -8.147  1.00 22.43 ? 193 HOH B O   1 
HETATM 1348 O  O   . HOH E 4 .   ? 2.776   -21.446 -3.415  1.00 26.68 ? 194 HOH B O   1 
HETATM 1349 O  O   . HOH E 4 .   ? -0.967  -18.760 -5.294  1.00 24.89 ? 195 HOH B O   1 
HETATM 1350 O  O   . HOH E 4 .   ? 11.907  -11.012 3.068   1.00 28.48 ? 196 HOH B O   1 
HETATM 1351 O  O   . HOH E 4 .   ? -8.030  16.330  15.755  1.00 25.11 ? 197 HOH B O   1 
HETATM 1352 O  O   . HOH E 4 .   ? -4.173  15.684  10.777  1.00 35.28 ? 198 HOH B O   1 
HETATM 1353 O  O   . HOH E 4 .   ? -5.826  -3.992  -14.679 1.00 33.20 ? 199 HOH B O   1 
HETATM 1354 O  O   . HOH E 4 .   ? 11.759  12.033  -4.357  1.00 29.44 ? 200 HOH B O   1 
HETATM 1355 O  O   . HOH E 4 .   ? -10.570 -12.281 7.109   1.00 37.92 ? 203 HOH B O   1 
HETATM 1356 O  O   . HOH E 4 .   ? -0.895  -11.940 -14.456 1.00 33.86 ? 204 HOH B O   1 
HETATM 1357 O  O   . HOH E 4 .   ? -4.219  15.036  5.927   1.00 31.66 ? 205 HOH B O   1 
HETATM 1358 O  O   . HOH E 4 .   ? -4.722  -12.603 -11.951 1.00 31.40 ? 206 HOH B O   1 
HETATM 1359 O  O   . HOH E 4 .   ? 9.261   10.989  -11.559 1.00 31.89 ? 207 HOH B O   1 
HETATM 1360 O  O   . HOH E 4 .   ? -10.782 -4.612  6.112   1.00 24.81 ? 208 HOH B O   1 
HETATM 1361 O  O   . HOH E 4 .   ? 13.265  -8.304  1.143   1.00 30.52 ? 209 HOH B O   1 
HETATM 1362 O  O   . HOH E 4 .   ? -4.559  15.248  15.431  1.00 34.47 ? 210 HOH B O   1 
HETATM 1363 O  O   . HOH E 4 .   ? -0.768  4.117   -11.630 1.00 32.36 ? 211 HOH B O   1 
HETATM 1364 O  O   . HOH E 4 .   ? 15.487  4.820   -3.619  1.00 26.33 ? 212 HOH B O   1 
HETATM 1365 O  O   . HOH E 4 .   ? 7.042   -16.678 -6.882  1.00 27.40 ? 213 HOH B O   1 
HETATM 1366 O  O   . HOH E 4 .   ? 11.087  2.565   10.840  1.00 22.83 ? 214 HOH B O   1 
HETATM 1367 O  O   . HOH E 4 .   ? 14.240  -4.581  -0.085  1.00 19.36 ? 215 HOH B O   1 
HETATM 1368 O  O   . HOH E 4 .   ? -23.443 -0.119  9.199   1.00 24.98 ? 216 HOH B O   1 
HETATM 1369 O  O   . HOH E 4 .   ? 14.054  12.547  -5.138  1.00 36.44 ? 217 HOH B O   1 
HETATM 1370 O  O   . HOH E 4 .   ? -2.189  16.532  9.283   1.00 32.71 ? 218 HOH B O   1 
# 
